data_2H41
# 
_entry.id   2H41 
# 
_audit_conform.dict_name       mmcif_pdbx.dic 
_audit_conform.dict_version    5.392 
_audit_conform.dict_location   http://mmcif.pdb.org/dictionaries/ascii/mmcif_pdbx.dic 
# 
loop_
_database_2.database_id 
_database_2.database_code 
_database_2.pdbx_database_accession 
_database_2.pdbx_DOI 
PDB   2H41         pdb_00002h41 10.2210/pdb2h41/pdb 
RCSB  RCSB037902   ?            ?                   
WWPDB D_1000037902 ?            ?                   
# 
loop_
_pdbx_audit_revision_history.ordinal 
_pdbx_audit_revision_history.data_content_type 
_pdbx_audit_revision_history.major_revision 
_pdbx_audit_revision_history.minor_revision 
_pdbx_audit_revision_history.revision_date 
1 'Structure model' 1 0 2007-04-10 
2 'Structure model' 1 1 2008-05-01 
3 'Structure model' 1 2 2011-07-13 
4 'Structure model' 1 3 2022-03-09 
5 'Structure model' 1 4 2024-05-29 
# 
_pdbx_audit_revision_details.ordinal             1 
_pdbx_audit_revision_details.revision_ordinal    1 
_pdbx_audit_revision_details.data_content_type   'Structure model' 
_pdbx_audit_revision_details.provider            repository 
_pdbx_audit_revision_details.type                'Initial release' 
_pdbx_audit_revision_details.description         ? 
_pdbx_audit_revision_details.details             ? 
# 
loop_
_pdbx_audit_revision_group.ordinal 
_pdbx_audit_revision_group.revision_ordinal 
_pdbx_audit_revision_group.data_content_type 
_pdbx_audit_revision_group.group 
1 2 'Structure model' 'Version format compliance' 
2 3 'Structure model' 'Version format compliance' 
3 4 'Structure model' 'Database references'       
4 4 'Structure model' 'Derived calculations'      
5 5 'Structure model' 'Data collection'           
# 
loop_
_pdbx_audit_revision_category.ordinal 
_pdbx_audit_revision_category.revision_ordinal 
_pdbx_audit_revision_category.data_content_type 
_pdbx_audit_revision_category.category 
1 4 'Structure model' database_2            
2 4 'Structure model' pdbx_struct_assembly  
3 4 'Structure model' pdbx_struct_oper_list 
4 4 'Structure model' struct_ref_seq_dif    
5 5 'Structure model' chem_comp_atom        
6 5 'Structure model' chem_comp_bond        
# 
loop_
_pdbx_audit_revision_item.ordinal 
_pdbx_audit_revision_item.revision_ordinal 
_pdbx_audit_revision_item.data_content_type 
_pdbx_audit_revision_item.item 
1 4 'Structure model' '_database_2.pdbx_DOI'                
2 4 'Structure model' '_database_2.pdbx_database_accession' 
3 4 'Structure model' '_struct_ref_seq_dif.details'         
# 
_pdbx_database_status.status_code                     REL 
_pdbx_database_status.entry_id                        2H41 
_pdbx_database_status.recvd_initial_deposition_date   2006-05-23 
_pdbx_database_status.deposit_site                    RCSB 
_pdbx_database_status.process_site                    PDBJ 
_pdbx_database_status.status_code_sf                  ? 
_pdbx_database_status.status_code_mr                  REL 
_pdbx_database_status.SG_entry                        ? 
_pdbx_database_status.status_code_cs                  ? 
_pdbx_database_status.methods_development_category    ? 
_pdbx_database_status.pdb_format_compatible           Y 
_pdbx_database_status.status_code_nmr_data            ? 
# 
loop_
_pdbx_database_related.db_name 
_pdbx_database_related.db_id 
_pdbx_database_related.details 
_pdbx_database_related.content_type 
BMRB 7127 '1H, 13C and 15N chemical shift assignments' unspecified 
PDB  2H45 '25 models for the same protein'             unspecified 
# 
loop_
_audit_author.name 
_audit_author.pdbx_ordinal 
'Vakonakis, I.'  1 
'Campbell, I.D.' 2 
# 
_citation.id                        primary 
_citation.title                     'Interdomain association in fibronectin: insight into cryptic sites and fibrillogenesis.' 
_citation.journal_abbrev            'Embo J.' 
_citation.journal_volume            26 
_citation.page_first                2575 
_citation.page_last                 2583 
_citation.year                      2007 
_citation.journal_id_ASTM           EMJODG 
_citation.country                   UK 
_citation.journal_id_ISSN           0261-4189 
_citation.journal_id_CSD            0897 
_citation.book_publisher            ? 
_citation.pdbx_database_id_PubMed   17464288 
_citation.pdbx_database_id_DOI      10.1038/sj.emboj.7601694 
# 
loop_
_citation_author.citation_id 
_citation_author.name 
_citation_author.ordinal 
_citation_author.identifier_ORCID 
primary 'Vakonakis, I.'  1 ? 
primary 'Staunton, D.'   2 ? 
primary 'Rooney, L.M.'   3 ? 
primary 'Campbell, I.D.' 4 ? 
# 
_entity.id                         1 
_entity.type                       polymer 
_entity.src_method                 man 
_entity.pdbx_description           Fibronectin 
_entity.formula_weight             10202.056 
_entity.pdbx_number_of_molecules   1 
_entity.pdbx_ec                    ? 
_entity.pdbx_mutation              ? 
_entity.pdbx_fragment              'Fibronectin type-III 2(2F3)' 
_entity.details                    ? 
# 
_entity_name_com.entity_id   1 
_entity_name_com.name        'FN, Cold-insoluble globulin, CIG' 
# 
_entity_poly.entity_id                      1 
_entity_poly.type                           'polypeptide(L)' 
_entity_poly.nstd_linkage                   no 
_entity_poly.nstd_monomer                   no 
_entity_poly.pdbx_seq_one_letter_code       
;GPLGSHLVATSESVTEITASSFVVSWVSASDTVSGFRVEYELSEEGDEPQYLDLPSTATSVNIPDLLPGRKYIVNVYQIS
EDGEQSLILSTSQTT
;
_entity_poly.pdbx_seq_one_letter_code_can   
;GPLGSHLVATSESVTEITASSFVVSWVSASDTVSGFRVEYELSEEGDEPQYLDLPSTATSVNIPDLLPGRKYIVNVYQIS
EDGEQSLILSTSQTT
;
_entity_poly.pdbx_strand_id                 A 
_entity_poly.pdbx_target_identifier         ? 
# 
loop_
_entity_poly_seq.entity_id 
_entity_poly_seq.num 
_entity_poly_seq.mon_id 
_entity_poly_seq.hetero 
1 1  GLY n 
1 2  PRO n 
1 3  LEU n 
1 4  GLY n 
1 5  SER n 
1 6  HIS n 
1 7  LEU n 
1 8  VAL n 
1 9  ALA n 
1 10 THR n 
1 11 SER n 
1 12 GLU n 
1 13 SER n 
1 14 VAL n 
1 15 THR n 
1 16 GLU n 
1 17 ILE n 
1 18 THR n 
1 19 ALA n 
1 20 SER n 
1 21 SER n 
1 22 PHE n 
1 23 VAL n 
1 24 VAL n 
1 25 SER n 
1 26 TRP n 
1 27 VAL n 
1 28 SER n 
1 29 ALA n 
1 30 SER n 
1 31 ASP n 
1 32 THR n 
1 33 VAL n 
1 34 SER n 
1 35 GLY n 
1 36 PHE n 
1 37 ARG n 
1 38 VAL n 
1 39 GLU n 
1 40 TYR n 
1 41 GLU n 
1 42 LEU n 
1 43 SER n 
1 44 GLU n 
1 45 GLU n 
1 46 GLY n 
1 47 ASP n 
1 48 GLU n 
1 49 PRO n 
1 50 GLN n 
1 51 TYR n 
1 52 LEU n 
1 53 ASP n 
1 54 LEU n 
1 55 PRO n 
1 56 SER n 
1 57 THR n 
1 58 ALA n 
1 59 THR n 
1 60 SER n 
1 61 VAL n 
1 62 ASN n 
1 63 ILE n 
1 64 PRO n 
1 65 ASP n 
1 66 LEU n 
1 67 LEU n 
1 68 PRO n 
1 69 GLY n 
1 70 ARG n 
1 71 LYS n 
1 72 TYR n 
1 73 ILE n 
1 74 VAL n 
1 75 ASN n 
1 76 VAL n 
1 77 TYR n 
1 78 GLN n 
1 79 ILE n 
1 80 SER n 
1 81 GLU n 
1 82 ASP n 
1 83 GLY n 
1 84 GLU n 
1 85 GLN n 
1 86 SER n 
1 87 LEU n 
1 88 ILE n 
1 89 LEU n 
1 90 SER n 
1 91 THR n 
1 92 SER n 
1 93 GLN n 
1 94 THR n 
1 95 THR n 
# 
_entity_src_gen.entity_id                          1 
_entity_src_gen.pdbx_src_id                        1 
_entity_src_gen.pdbx_alt_source_flag               sample 
_entity_src_gen.pdbx_seq_type                      ? 
_entity_src_gen.pdbx_beg_seq_num                   ? 
_entity_src_gen.pdbx_end_seq_num                   ? 
_entity_src_gen.gene_src_common_name               human 
_entity_src_gen.gene_src_genus                     Homo 
_entity_src_gen.pdbx_gene_src_gene                 FN1 
_entity_src_gen.gene_src_species                   ? 
_entity_src_gen.gene_src_strain                    ? 
_entity_src_gen.gene_src_tissue                    ? 
_entity_src_gen.gene_src_tissue_fraction           ? 
_entity_src_gen.gene_src_details                   ? 
_entity_src_gen.pdbx_gene_src_fragment             ? 
_entity_src_gen.pdbx_gene_src_scientific_name      'Homo sapiens' 
_entity_src_gen.pdbx_gene_src_ncbi_taxonomy_id     9606 
_entity_src_gen.pdbx_gene_src_variant              ? 
_entity_src_gen.pdbx_gene_src_cell_line            ? 
_entity_src_gen.pdbx_gene_src_atcc                 ? 
_entity_src_gen.pdbx_gene_src_organ                ? 
_entity_src_gen.pdbx_gene_src_organelle            ? 
_entity_src_gen.pdbx_gene_src_cell                 ? 
_entity_src_gen.pdbx_gene_src_cellular_location    ? 
_entity_src_gen.host_org_common_name               ? 
_entity_src_gen.pdbx_host_org_scientific_name      'Escherichia coli' 
_entity_src_gen.pdbx_host_org_ncbi_taxonomy_id     562 
_entity_src_gen.host_org_genus                     Escherichia 
_entity_src_gen.pdbx_host_org_gene                 ? 
_entity_src_gen.pdbx_host_org_organ                ? 
_entity_src_gen.host_org_species                   ? 
_entity_src_gen.pdbx_host_org_tissue               ? 
_entity_src_gen.pdbx_host_org_tissue_fraction      ? 
_entity_src_gen.pdbx_host_org_strain               'BL21(DE3)-RP' 
_entity_src_gen.pdbx_host_org_variant              ? 
_entity_src_gen.pdbx_host_org_cell_line            ? 
_entity_src_gen.pdbx_host_org_atcc                 ? 
_entity_src_gen.pdbx_host_org_culture_collection   ? 
_entity_src_gen.pdbx_host_org_cell                 ? 
_entity_src_gen.pdbx_host_org_organelle            ? 
_entity_src_gen.pdbx_host_org_cellular_location    ? 
_entity_src_gen.pdbx_host_org_vector_type          plasmid 
_entity_src_gen.pdbx_host_org_vector               ? 
_entity_src_gen.host_org_details                   ? 
_entity_src_gen.expression_system_id               ? 
_entity_src_gen.plasmid_name                       pGEX-6P-2 
_entity_src_gen.plasmid_details                    ? 
_entity_src_gen.pdbx_description                   ? 
# 
loop_
_chem_comp.id 
_chem_comp.type 
_chem_comp.mon_nstd_flag 
_chem_comp.name 
_chem_comp.pdbx_synonyms 
_chem_comp.formula 
_chem_comp.formula_weight 
ALA 'L-peptide linking' y ALANINE         ? 'C3 H7 N O2'     89.093  
ARG 'L-peptide linking' y ARGININE        ? 'C6 H15 N4 O2 1' 175.209 
ASN 'L-peptide linking' y ASPARAGINE      ? 'C4 H8 N2 O3'    132.118 
ASP 'L-peptide linking' y 'ASPARTIC ACID' ? 'C4 H7 N O4'     133.103 
GLN 'L-peptide linking' y GLUTAMINE       ? 'C5 H10 N2 O3'   146.144 
GLU 'L-peptide linking' y 'GLUTAMIC ACID' ? 'C5 H9 N O4'     147.129 
GLY 'peptide linking'   y GLYCINE         ? 'C2 H5 N O2'     75.067  
HIS 'L-peptide linking' y HISTIDINE       ? 'C6 H10 N3 O2 1' 156.162 
ILE 'L-peptide linking' y ISOLEUCINE      ? 'C6 H13 N O2'    131.173 
LEU 'L-peptide linking' y LEUCINE         ? 'C6 H13 N O2'    131.173 
LYS 'L-peptide linking' y LYSINE          ? 'C6 H15 N2 O2 1' 147.195 
PHE 'L-peptide linking' y PHENYLALANINE   ? 'C9 H11 N O2'    165.189 
PRO 'L-peptide linking' y PROLINE         ? 'C5 H9 N O2'     115.130 
SER 'L-peptide linking' y SERINE          ? 'C3 H7 N O3'     105.093 
THR 'L-peptide linking' y THREONINE       ? 'C4 H9 N O3'     119.119 
TRP 'L-peptide linking' y TRYPTOPHAN      ? 'C11 H12 N2 O2'  204.225 
TYR 'L-peptide linking' y TYROSINE        ? 'C9 H11 N O3'    181.189 
VAL 'L-peptide linking' y VALINE          ? 'C5 H11 N O2'    117.146 
# 
loop_
_pdbx_poly_seq_scheme.asym_id 
_pdbx_poly_seq_scheme.entity_id 
_pdbx_poly_seq_scheme.seq_id 
_pdbx_poly_seq_scheme.mon_id 
_pdbx_poly_seq_scheme.ndb_seq_num 
_pdbx_poly_seq_scheme.pdb_seq_num 
_pdbx_poly_seq_scheme.auth_seq_num 
_pdbx_poly_seq_scheme.pdb_mon_id 
_pdbx_poly_seq_scheme.auth_mon_id 
_pdbx_poly_seq_scheme.pdb_strand_id 
_pdbx_poly_seq_scheme.pdb_ins_code 
_pdbx_poly_seq_scheme.hetero 
A 1 1  GLY 1  1  1  GLY GLY A . n 
A 1 2  PRO 2  2  2  PRO PRO A . n 
A 1 3  LEU 3  3  3  LEU LEU A . n 
A 1 4  GLY 4  4  4  GLY GLY A . n 
A 1 5  SER 5  5  5  SER SER A . n 
A 1 6  HIS 6  6  6  HIS HIS A . n 
A 1 7  LEU 7  7  7  LEU LEU A . n 
A 1 8  VAL 8  8  8  VAL VAL A . n 
A 1 9  ALA 9  9  9  ALA ALA A . n 
A 1 10 THR 10 10 10 THR THR A . n 
A 1 11 SER 11 11 11 SER SER A . n 
A 1 12 GLU 12 12 12 GLU GLU A . n 
A 1 13 SER 13 13 13 SER SER A . n 
A 1 14 VAL 14 14 14 VAL VAL A . n 
A 1 15 THR 15 15 15 THR THR A . n 
A 1 16 GLU 16 16 16 GLU GLU A . n 
A 1 17 ILE 17 17 17 ILE ILE A . n 
A 1 18 THR 18 18 18 THR THR A . n 
A 1 19 ALA 19 19 19 ALA ALA A . n 
A 1 20 SER 20 20 20 SER SER A . n 
A 1 21 SER 21 21 21 SER SER A . n 
A 1 22 PHE 22 22 22 PHE PHE A . n 
A 1 23 VAL 23 23 23 VAL VAL A . n 
A 1 24 VAL 24 24 24 VAL VAL A . n 
A 1 25 SER 25 25 25 SER SER A . n 
A 1 26 TRP 26 26 26 TRP TRP A . n 
A 1 27 VAL 27 27 27 VAL VAL A . n 
A 1 28 SER 28 28 28 SER SER A . n 
A 1 29 ALA 29 29 29 ALA ALA A . n 
A 1 30 SER 30 30 30 SER SER A . n 
A 1 31 ASP 31 31 31 ASP ASP A . n 
A 1 32 THR 32 32 32 THR THR A . n 
A 1 33 VAL 33 33 33 VAL VAL A . n 
A 1 34 SER 34 34 34 SER SER A . n 
A 1 35 GLY 35 35 35 GLY GLY A . n 
A 1 36 PHE 36 36 36 PHE PHE A . n 
A 1 37 ARG 37 37 37 ARG ARG A . n 
A 1 38 VAL 38 38 38 VAL VAL A . n 
A 1 39 GLU 39 39 39 GLU GLU A . n 
A 1 40 TYR 40 40 40 TYR TYR A . n 
A 1 41 GLU 41 41 41 GLU GLU A . n 
A 1 42 LEU 42 42 42 LEU LEU A . n 
A 1 43 SER 43 43 43 SER SER A . n 
A 1 44 GLU 44 44 44 GLU GLU A . n 
A 1 45 GLU 45 45 45 GLU GLU A . n 
A 1 46 GLY 46 46 46 GLY GLY A . n 
A 1 47 ASP 47 47 47 ASP ASP A . n 
A 1 48 GLU 48 48 48 GLU GLU A . n 
A 1 49 PRO 49 49 49 PRO PRO A . n 
A 1 50 GLN 50 50 50 GLN GLN A . n 
A 1 51 TYR 51 51 51 TYR TYR A . n 
A 1 52 LEU 52 52 52 LEU LEU A . n 
A 1 53 ASP 53 53 53 ASP ASP A . n 
A 1 54 LEU 54 54 54 LEU LEU A . n 
A 1 55 PRO 55 55 55 PRO PRO A . n 
A 1 56 SER 56 56 56 SER SER A . n 
A 1 57 THR 57 57 57 THR THR A . n 
A 1 58 ALA 58 58 58 ALA ALA A . n 
A 1 59 THR 59 59 59 THR THR A . n 
A 1 60 SER 60 60 60 SER SER A . n 
A 1 61 VAL 61 61 61 VAL VAL A . n 
A 1 62 ASN 62 62 62 ASN ASN A . n 
A 1 63 ILE 63 63 63 ILE ILE A . n 
A 1 64 PRO 64 64 64 PRO PRO A . n 
A 1 65 ASP 65 65 65 ASP ASP A . n 
A 1 66 LEU 66 66 66 LEU LEU A . n 
A 1 67 LEU 67 67 67 LEU LEU A . n 
A 1 68 PRO 68 68 68 PRO PRO A . n 
A 1 69 GLY 69 69 69 GLY GLY A . n 
A 1 70 ARG 70 70 70 ARG ARG A . n 
A 1 71 LYS 71 71 71 LYS LYS A . n 
A 1 72 TYR 72 72 72 TYR TYR A . n 
A 1 73 ILE 73 73 73 ILE ILE A . n 
A 1 74 VAL 74 74 74 VAL VAL A . n 
A 1 75 ASN 75 75 75 ASN ASN A . n 
A 1 76 VAL 76 76 76 VAL VAL A . n 
A 1 77 TYR 77 77 77 TYR TYR A . n 
A 1 78 GLN 78 78 78 GLN GLN A . n 
A 1 79 ILE 79 79 79 ILE ILE A . n 
A 1 80 SER 80 80 80 SER SER A . n 
A 1 81 GLU 81 81 81 GLU GLU A . n 
A 1 82 ASP 82 82 82 ASP ASP A . n 
A 1 83 GLY 83 83 83 GLY GLY A . n 
A 1 84 GLU 84 84 84 GLU GLU A . n 
A 1 85 GLN 85 85 85 GLN GLN A . n 
A 1 86 SER 86 86 86 SER SER A . n 
A 1 87 LEU 87 87 87 LEU LEU A . n 
A 1 88 ILE 88 88 88 ILE ILE A . n 
A 1 89 LEU 89 89 89 LEU LEU A . n 
A 1 90 SER 90 90 90 SER SER A . n 
A 1 91 THR 91 91 91 THR THR A . n 
A 1 92 SER 92 92 92 SER SER A . n 
A 1 93 GLN 93 93 93 GLN GLN A . n 
A 1 94 THR 94 94 94 THR THR A . n 
A 1 95 THR 95 95 95 THR THR A . n 
# 
_exptl.entry_id          2H41 
_exptl.method            'SOLUTION NMR' 
_exptl.crystals_number   ? 
# 
_struct.entry_id                  2H41 
_struct.title                     
'Solution structure of the second type III domain of human Fibronectin: minimized average structure' 
_struct.pdbx_model_details        ? 
_struct.pdbx_CASP_flag            ? 
_struct.pdbx_model_type_details   'minimized average' 
# 
_struct_keywords.entry_id        2H41 
_struct_keywords.pdbx_keywords   'CELL ADHESION, STRUCTURAL PROTEIN' 
_struct_keywords.text            'beta sandwich, CELL ADHESION, STRUCTURAL PROTEIN' 
# 
_struct_asym.id                            A 
_struct_asym.pdbx_blank_PDB_chainid_flag   N 
_struct_asym.pdbx_modified                 N 
_struct_asym.entity_id                     1 
_struct_asym.details                       ? 
# 
_struct_ref.id                         1 
_struct_ref.db_name                    UNP 
_struct_ref.db_code                    FINC_HUMAN 
_struct_ref.pdbx_db_accession          P02751 
_struct_ref.entity_id                  1 
_struct_ref.pdbx_seq_one_letter_code   
;LVATSESVTEITASSFVVSWVSASDTVSGFRVEYELSEEGDEPQYLDLPSTATSVNIPDLLPGRKYIVNVYQISEDGEQS
LILSTSQTT
;
_struct_ref.pdbx_align_begin           721 
_struct_ref.pdbx_db_isoform            ? 
# 
_struct_ref_seq.align_id                      1 
_struct_ref_seq.ref_id                        1 
_struct_ref_seq.pdbx_PDB_id_code              2H41 
_struct_ref_seq.pdbx_strand_id                A 
_struct_ref_seq.seq_align_beg                 7 
_struct_ref_seq.pdbx_seq_align_beg_ins_code   ? 
_struct_ref_seq.seq_align_end                 95 
_struct_ref_seq.pdbx_seq_align_end_ins_code   ? 
_struct_ref_seq.pdbx_db_accession             P02751 
_struct_ref_seq.db_align_beg                  721 
_struct_ref_seq.pdbx_db_align_beg_ins_code    ? 
_struct_ref_seq.db_align_end                  809 
_struct_ref_seq.pdbx_db_align_end_ins_code    ? 
_struct_ref_seq.pdbx_auth_seq_align_beg       7 
_struct_ref_seq.pdbx_auth_seq_align_end       95 
# 
loop_
_struct_ref_seq_dif.align_id 
_struct_ref_seq_dif.pdbx_pdb_id_code 
_struct_ref_seq_dif.mon_id 
_struct_ref_seq_dif.pdbx_pdb_strand_id 
_struct_ref_seq_dif.seq_num 
_struct_ref_seq_dif.pdbx_pdb_ins_code 
_struct_ref_seq_dif.pdbx_seq_db_name 
_struct_ref_seq_dif.pdbx_seq_db_accession_code 
_struct_ref_seq_dif.db_mon_id 
_struct_ref_seq_dif.pdbx_seq_db_seq_num 
_struct_ref_seq_dif.details 
_struct_ref_seq_dif.pdbx_auth_seq_num 
_struct_ref_seq_dif.pdbx_ordinal 
1 2H41 GLY A 1 ? UNP P02751 ? ? 'cloning artifact' 1 1 
1 2H41 PRO A 2 ? UNP P02751 ? ? 'cloning artifact' 2 2 
1 2H41 LEU A 3 ? UNP P02751 ? ? 'cloning artifact' 3 3 
1 2H41 GLY A 4 ? UNP P02751 ? ? 'cloning artifact' 4 4 
1 2H41 SER A 5 ? UNP P02751 ? ? 'cloning artifact' 5 5 
1 2H41 HIS A 6 ? UNP P02751 ? ? 'cloning artifact' 6 6 
# 
_pdbx_struct_assembly.id                   1 
_pdbx_struct_assembly.details              author_defined_assembly 
_pdbx_struct_assembly.method_details       ? 
_pdbx_struct_assembly.oligomeric_details   monomeric 
_pdbx_struct_assembly.oligomeric_count     1 
# 
_pdbx_struct_assembly_gen.assembly_id       1 
_pdbx_struct_assembly_gen.oper_expression   1 
_pdbx_struct_assembly_gen.asym_id_list      A 
# 
_pdbx_struct_oper_list.id                   1 
_pdbx_struct_oper_list.type                 'identity operation' 
_pdbx_struct_oper_list.name                 1_555 
_pdbx_struct_oper_list.symmetry_operation   x,y,z 
_pdbx_struct_oper_list.matrix[1][1]         1.0000000000 
_pdbx_struct_oper_list.matrix[1][2]         0.0000000000 
_pdbx_struct_oper_list.matrix[1][3]         0.0000000000 
_pdbx_struct_oper_list.vector[1]            0.0000000000 
_pdbx_struct_oper_list.matrix[2][1]         0.0000000000 
_pdbx_struct_oper_list.matrix[2][2]         1.0000000000 
_pdbx_struct_oper_list.matrix[2][3]         0.0000000000 
_pdbx_struct_oper_list.vector[2]            0.0000000000 
_pdbx_struct_oper_list.matrix[3][1]         0.0000000000 
_pdbx_struct_oper_list.matrix[3][2]         0.0000000000 
_pdbx_struct_oper_list.matrix[3][3]         1.0000000000 
_pdbx_struct_oper_list.vector[3]            0.0000000000 
# 
_struct_biol.id        1 
_struct_biol.details   ? 
# 
loop_
_struct_conf.conf_type_id 
_struct_conf.id 
_struct_conf.pdbx_PDB_helix_id 
_struct_conf.beg_label_comp_id 
_struct_conf.beg_label_asym_id 
_struct_conf.beg_label_seq_id 
_struct_conf.pdbx_beg_PDB_ins_code 
_struct_conf.end_label_comp_id 
_struct_conf.end_label_asym_id 
_struct_conf.end_label_seq_id 
_struct_conf.pdbx_end_PDB_ins_code 
_struct_conf.beg_auth_comp_id 
_struct_conf.beg_auth_asym_id 
_struct_conf.beg_auth_seq_id 
_struct_conf.end_auth_comp_id 
_struct_conf.end_auth_asym_id 
_struct_conf.end_auth_seq_id 
_struct_conf.pdbx_PDB_helix_class 
_struct_conf.details 
_struct_conf.pdbx_PDB_helix_length 
HELX_P HELX_P1 1 PRO A 2  ? HIS A 6  ? PRO A 2  HIS A 6  5 ? 5 
HELX_P HELX_P2 2 ILE A 17 ? SER A 21 ? ILE A 17 SER A 21 5 ? 5 
# 
_struct_conf_type.id          HELX_P 
_struct_conf_type.criteria    ? 
_struct_conf_type.reference   ? 
# 
loop_
_struct_sheet.id 
_struct_sheet.type 
_struct_sheet.number_strands 
_struct_sheet.details 
A ? 2 ? 
B ? 4 ? 
# 
loop_
_struct_sheet_order.sheet_id 
_struct_sheet_order.range_id_1 
_struct_sheet_order.range_id_2 
_struct_sheet_order.offset 
_struct_sheet_order.sense 
A 1 2 ? anti-parallel 
B 1 2 ? anti-parallel 
B 2 3 ? anti-parallel 
B 3 4 ? anti-parallel 
# 
loop_
_struct_sheet_range.sheet_id 
_struct_sheet_range.id 
_struct_sheet_range.beg_label_comp_id 
_struct_sheet_range.beg_label_asym_id 
_struct_sheet_range.beg_label_seq_id 
_struct_sheet_range.pdbx_beg_PDB_ins_code 
_struct_sheet_range.end_label_comp_id 
_struct_sheet_range.end_label_asym_id 
_struct_sheet_range.end_label_seq_id 
_struct_sheet_range.pdbx_end_PDB_ins_code 
_struct_sheet_range.beg_auth_comp_id 
_struct_sheet_range.beg_auth_asym_id 
_struct_sheet_range.beg_auth_seq_id 
_struct_sheet_range.end_auth_comp_id 
_struct_sheet_range.end_auth_asym_id 
_struct_sheet_range.end_auth_seq_id 
A 1 PHE A 22 ? SER A 25 ? PHE A 22 SER A 25 
A 2 SER A 60 ? ILE A 63 ? SER A 60 ILE A 63 
B 1 GLN A 50 ? PRO A 55 ? GLN A 50 PRO A 55 
B 2 VAL A 33 ? LEU A 42 ? VAL A 33 LEU A 42 
B 3 LYS A 71 ? SER A 80 ? LYS A 71 SER A 80 
B 4 GLN A 85 ? THR A 94 ? GLN A 85 THR A 94 
# 
loop_
_pdbx_struct_sheet_hbond.sheet_id 
_pdbx_struct_sheet_hbond.range_id_1 
_pdbx_struct_sheet_hbond.range_id_2 
_pdbx_struct_sheet_hbond.range_1_label_atom_id 
_pdbx_struct_sheet_hbond.range_1_label_comp_id 
_pdbx_struct_sheet_hbond.range_1_label_asym_id 
_pdbx_struct_sheet_hbond.range_1_label_seq_id 
_pdbx_struct_sheet_hbond.range_1_PDB_ins_code 
_pdbx_struct_sheet_hbond.range_1_auth_atom_id 
_pdbx_struct_sheet_hbond.range_1_auth_comp_id 
_pdbx_struct_sheet_hbond.range_1_auth_asym_id 
_pdbx_struct_sheet_hbond.range_1_auth_seq_id 
_pdbx_struct_sheet_hbond.range_2_label_atom_id 
_pdbx_struct_sheet_hbond.range_2_label_comp_id 
_pdbx_struct_sheet_hbond.range_2_label_asym_id 
_pdbx_struct_sheet_hbond.range_2_label_seq_id 
_pdbx_struct_sheet_hbond.range_2_PDB_ins_code 
_pdbx_struct_sheet_hbond.range_2_auth_atom_id 
_pdbx_struct_sheet_hbond.range_2_auth_comp_id 
_pdbx_struct_sheet_hbond.range_2_auth_asym_id 
_pdbx_struct_sheet_hbond.range_2_auth_seq_id 
A 1 2 N PHE A 22 ? N PHE A 22 O ILE A 63 ? O ILE A 63 
B 1 2 O LEU A 54 ? O LEU A 54 N PHE A 36 ? N PHE A 36 
B 2 3 N SER A 34 ? N SER A 34 O ILE A 79 ? O ILE A 79 
B 3 4 N VAL A 76 ? N VAL A 76 O LEU A 89 ? O LEU A 89 
# 
loop_
_pdbx_validate_close_contact.id 
_pdbx_validate_close_contact.PDB_model_num 
_pdbx_validate_close_contact.auth_atom_id_1 
_pdbx_validate_close_contact.auth_asym_id_1 
_pdbx_validate_close_contact.auth_comp_id_1 
_pdbx_validate_close_contact.auth_seq_id_1 
_pdbx_validate_close_contact.PDB_ins_code_1 
_pdbx_validate_close_contact.label_alt_id_1 
_pdbx_validate_close_contact.auth_atom_id_2 
_pdbx_validate_close_contact.auth_asym_id_2 
_pdbx_validate_close_contact.auth_comp_id_2 
_pdbx_validate_close_contact.auth_seq_id_2 
_pdbx_validate_close_contact.PDB_ins_code_2 
_pdbx_validate_close_contact.label_alt_id_2 
_pdbx_validate_close_contact.dist 
1  1 HD12 A LEU 3  ? ? ND1  A HIS 6  ? ? 0.50 
2  1 CD1  A LEU 3  ? ? ND1  A HIS 6  ? ? 0.80 
3  1 O    A SER 28 ? ? H    A SER 30 ? ? 0.84 
4  1 HG   A SER 5  ? ? H    A LEU 7  ? ? 0.89 
5  1 OE1  A GLU 45 ? ? HH21 A ARG 70 ? ? 0.89 
6  1 CD1  A LEU 3  ? ? HD1  A HIS 6  ? ? 0.97 
7  1 C    A HIS 6  ? ? H    A VAL 8  ? ? 0.99 
8  1 O    A GLU 12 ? ? H    A VAL 14 ? ? 1.00 
9  1 O    A HIS 6  ? ? H    A VAL 8  ? ? 1.04 
10 1 HD13 A LEU 3  ? ? HD1  A HIS 6  ? ? 1.04 
11 1 HD12 A LEU 3  ? ? CG   A HIS 6  ? ? 1.05 
12 1 HD12 A LEU 3  ? ? HD1  A HIS 6  ? ? 1.08 
13 1 HG   A LEU 3  ? ? NE2  A HIS 6  ? ? 1.08 
14 1 CD   A GLU 45 ? ? HH21 A ARG 70 ? ? 1.09 
15 1 HG   A LEU 3  ? ? CE1  A HIS 6  ? ? 1.10 
16 1 O    A ALA 9  ? ? HG21 A THR 10 ? ? 1.14 
17 1 O    A PRO 2  ? ? H    A SER 5  ? ? 1.15 
18 1 OD1  A ASP 47 ? ? H    A GLU 48 ? ? 1.15 
19 1 C    A GLU 12 ? ? H    A VAL 14 ? ? 1.27 
20 1 O    A HIS 6  ? ? N    A VAL 8  ? ? 1.28 
21 1 O    A VAL 27 ? ? H    A ALA 29 ? ? 1.33 
22 1 O    A GLU 12 ? ? N    A VAL 14 ? ? 1.33 
23 1 H    A SER 34 ? ? O    A ILE 79 ? ? 1.35 
24 1 HD13 A LEU 3  ? ? ND1  A HIS 6  ? ? 1.37 
25 1 O    A THR 15 ? ? HG13 A ILE 17 ? ? 1.43 
26 1 O    A GLY 4  ? ? HB3  A SER 5  ? ? 1.44 
27 1 O    A LEU 7  ? ? H    A ALA 9  ? ? 1.46 
28 1 HG   A SER 80 ? ? OD1  A ASP 82 ? ? 1.46 
29 1 O    A PRO 2  ? ? H    A GLY 4  ? ? 1.49 
30 1 H    A PHE 36 ? ? O    A LEU 54 ? ? 1.53 
31 1 C    A PRO 2  ? ? HE2  A HIS 6  ? ? 1.53 
32 1 CG   A LEU 3  ? ? CE1  A HIS 6  ? ? 1.53 
33 1 HB2  A LEU 3  ? ? CD2  A HIS 6  ? ? 1.54 
34 1 O    A PHE 22 ? ? HD21 A ASN 62 ? ? 1.54 
35 1 C    A PRO 2  ? ? H    A GLY 4  ? ? 1.59 
36 1 CG2  A THR 10 ? ? H    A SER 11 ? ? 1.60 
37 1 O    A THR 15 ? ? H    A ILE 17 ? ? 1.60 
38 1 O    A PRO 2  ? ? N    A GLY 4  ? ? 1.60 
39 1 OD1  A ASP 47 ? ? OE1  A GLU 48 ? ? 1.61 
40 1 CD1  A LEU 3  ? ? CE1  A HIS 6  ? ? 1.63 
41 1 OD1  A ASP 47 ? ? CD   A GLU 48 ? ? 1.65 
42 1 O    A GLU 16 ? ? OG   A SER 21 ? ? 1.67 
43 1 O    A GLY 46 ? ? O    A ASP 47 ? ? 1.69 
44 1 O    A LEU 7  ? ? N    A ALA 9  ? ? 1.70 
45 1 O    A SER 28 ? ? N    A SER 30 ? ? 1.77 
46 1 O    A ALA 9  ? ? CG2  A THR 10 ? ? 1.79 
47 1 OG   A SER 80 ? ? OD1  A ASP 82 ? ? 1.80 
48 1 OE1  A GLU 45 ? ? NH2  A ARG 70 ? ? 1.82 
49 1 OE2  A GLU 45 ? ? NH2  A ARG 70 ? ? 1.83 
50 1 C    A HIS 6  ? ? N    A VAL 8  ? ? 1.84 
51 1 CG   A LEU 3  ? ? ND1  A HIS 6  ? ? 1.85 
52 1 CD1  A LEU 3  ? ? CG   A HIS 6  ? ? 1.86 
53 1 CG   A LEU 3  ? ? NE2  A HIS 6  ? ? 1.90 
54 1 CD   A GLU 45 ? ? NH2  A ARG 70 ? ? 1.92 
55 1 O    A THR 15 ? ? N    A ILE 17 ? ? 1.99 
56 1 O    A PRO 2  ? ? N    A SER 5  ? ? 2.03 
57 1 C    A GLU 12 ? ? N    A VAL 14 ? ? 2.06 
58 1 CB   A LEU 3  ? ? CD2  A HIS 6  ? ? 2.14 
59 1 O    A HIS 6  ? ? CA   A VAL 8  ? ? 2.15 
60 1 C    A PRO 2  ? ? N    A GLY 4  ? ? 2.19 
# 
loop_
_pdbx_validate_torsion.id 
_pdbx_validate_torsion.PDB_model_num 
_pdbx_validate_torsion.auth_comp_id 
_pdbx_validate_torsion.auth_asym_id 
_pdbx_validate_torsion.auth_seq_id 
_pdbx_validate_torsion.PDB_ins_code 
_pdbx_validate_torsion.label_alt_id 
_pdbx_validate_torsion.phi 
_pdbx_validate_torsion.psi 
1  1 LEU A 3  ? ? 21.40   19.17   
2  1 SER A 5  ? ? 116.28  -37.19  
3  1 HIS A 6  ? ? 56.86   15.67   
4  1 LEU A 7  ? ? 29.80   -3.21   
5  1 VAL A 8  ? ? 12.30   -49.29  
6  1 ALA A 9  ? ? -26.42  -80.38  
7  1 THR A 10 ? ? 102.52  -108.06 
8  1 SER A 11 ? ? -37.91  113.97  
9  1 GLU A 12 ? ? -9.35   72.96   
10 1 SER A 13 ? ? -18.93  -7.54   
11 1 THR A 15 ? ? -93.39  -76.62  
12 1 GLU A 16 ? ? -35.83  69.23   
13 1 ALA A 19 ? ? 54.11   16.81   
14 1 SER A 28 ? ? -57.88  58.24   
15 1 ALA A 29 ? ? -38.07  24.48   
16 1 SER A 30 ? ? 179.22  128.80  
17 1 GLU A 44 ? ? -109.87 -69.65  
18 1 ASP A 47 ? ? -27.99  -171.71 
# 
_pdbx_database_remark.id     650 
_pdbx_database_remark.text   
;HELIX (no helix)
DETERMINATION METHOD: AUTHOR DETERMINED
;
# 
_pdbx_nmr_ensemble.entry_id                                      2H41 
_pdbx_nmr_ensemble.conformers_calculated_total_number            ? 
_pdbx_nmr_ensemble.conformers_submitted_total_number             1 
_pdbx_nmr_ensemble.conformer_selection_criteria                  ? 
_pdbx_nmr_ensemble.average_constraints_per_residue               ? 
_pdbx_nmr_ensemble.average_constraint_violations_per_residue     ? 
_pdbx_nmr_ensemble.maximum_distance_constraint_violation         ? 
_pdbx_nmr_ensemble.average_distance_constraint_violation         ? 
_pdbx_nmr_ensemble.maximum_upper_distance_constraint_violation   ? 
_pdbx_nmr_ensemble.maximum_lower_distance_constraint_violation   ? 
_pdbx_nmr_ensemble.distance_constraint_violation_method          ? 
_pdbx_nmr_ensemble.maximum_torsion_angle_constraint_violation    ? 
_pdbx_nmr_ensemble.average_torsion_angle_constraint_violation    ? 
_pdbx_nmr_ensemble.torsion_angle_constraint_violation_method     ? 
# 
_pdbx_nmr_representative.entry_id             2H41 
_pdbx_nmr_representative.conformer_id         ? 
_pdbx_nmr_representative.selection_criteria   'minimized average structure' 
# 
loop_
_pdbx_nmr_sample_details.solution_id 
_pdbx_nmr_sample_details.contents 
_pdbx_nmr_sample_details.solvent_system 
1 '2.5mM 2F3 U-15N, 20mM NaPi pH 7.0, 20mM NaCl, 95% H2O, 5% D2O'                                          '95% H2O/5% D2O' 
2 '2mM 2F3 U-13C,15N, 20mM NaPi pH 7.0, 20mM NaCl, 95% H2O, 5% D2O'                                        '95% H2O/5% D2O' 
3 '2mM 2F3 U-13C,15N, 20mM NaPi pH 7.0, 20mM NaCl, 100% D2O'                                               '100% D2O'       
4 '1mM 2F3 U-15N, 20mM NaPi pH 7.0, 20mM NaCl, 4% Radially compressed polyacrylamide gel, 95% H2O, 5% D2O' '95% H2O/5% D2O' 
# 
_pdbx_nmr_exptl_sample_conditions.conditions_id       1 
_pdbx_nmr_exptl_sample_conditions.temperature         303 
_pdbx_nmr_exptl_sample_conditions.pressure            ambient 
_pdbx_nmr_exptl_sample_conditions.pH                  7.0 
_pdbx_nmr_exptl_sample_conditions.ionic_strength      '20mM NaCl, 20mM Na2HPO4' 
_pdbx_nmr_exptl_sample_conditions.pressure_units      . 
_pdbx_nmr_exptl_sample_conditions.temperature_units   K 
# 
loop_
_pdbx_nmr_exptl.experiment_id 
_pdbx_nmr_exptl.conditions_id 
_pdbx_nmr_exptl.type 
_pdbx_nmr_exptl.solution_id 
1 1 3D_15N-separated_NOESY        1 
2 1 HNHA                          1 
3 1 4D_13C-separated_NOESY        3 
4 1 HNHB                          1 
5 1 '15N IPAP-HSQC'               4 
6 1 'C-C long range couplings'    3 
7 1 'Methyl - carbonyl couplings' 3 
8 1 'Methyl - nitrogen couplings' 3 
9 1 HACAHB                        3 
# 
_pdbx_nmr_refine.entry_id           2H41 
_pdbx_nmr_refine.method             'Simulated annealing in cartesian space' 
_pdbx_nmr_refine.details            'Structure based on 2827 restraints' 
_pdbx_nmr_refine.software_ordinal   1 
# 
loop_
_pdbx_nmr_software.classification 
_pdbx_nmr_software.name 
_pdbx_nmr_software.version 
_pdbx_nmr_software.authors 
_pdbx_nmr_software.ordinal 
collection           Omega     'Beta 6.0.3b2'           GE/Bruker                                              1 
processing           NMRPipe   '2.3 Rev 2005.319.11.22' 'Frank Delaglio, NIH/NIDDK/LCP'                        2 
'data analysis'      PIPP      4.3.7                    'Dan Garrett, NIH/NIDDK/LCP'                           3 
'structure solution' XPLOR-NIH 2.12                     'Schwieters, Kuszewski, Tjandra, Clore, NIH/NIDDK/LCP' 4 
refinement           XPLOR-NIH 2.12                     'Schwieters, Kuszewski, Tjandra, Clore, NIH/NIDDK/LCP' 5 
# 
loop_
_chem_comp_atom.comp_id 
_chem_comp_atom.atom_id 
_chem_comp_atom.type_symbol 
_chem_comp_atom.pdbx_aromatic_flag 
_chem_comp_atom.pdbx_stereo_config 
_chem_comp_atom.pdbx_ordinal 
ALA N    N N N 1   
ALA CA   C N S 2   
ALA C    C N N 3   
ALA O    O N N 4   
ALA CB   C N N 5   
ALA OXT  O N N 6   
ALA H    H N N 7   
ALA H2   H N N 8   
ALA HA   H N N 9   
ALA HB1  H N N 10  
ALA HB2  H N N 11  
ALA HB3  H N N 12  
ALA HXT  H N N 13  
ARG N    N N N 14  
ARG CA   C N S 15  
ARG C    C N N 16  
ARG O    O N N 17  
ARG CB   C N N 18  
ARG CG   C N N 19  
ARG CD   C N N 20  
ARG NE   N N N 21  
ARG CZ   C N N 22  
ARG NH1  N N N 23  
ARG NH2  N N N 24  
ARG OXT  O N N 25  
ARG H    H N N 26  
ARG H2   H N N 27  
ARG HA   H N N 28  
ARG HB2  H N N 29  
ARG HB3  H N N 30  
ARG HG2  H N N 31  
ARG HG3  H N N 32  
ARG HD2  H N N 33  
ARG HD3  H N N 34  
ARG HE   H N N 35  
ARG HH11 H N N 36  
ARG HH12 H N N 37  
ARG HH21 H N N 38  
ARG HH22 H N N 39  
ARG HXT  H N N 40  
ASN N    N N N 41  
ASN CA   C N S 42  
ASN C    C N N 43  
ASN O    O N N 44  
ASN CB   C N N 45  
ASN CG   C N N 46  
ASN OD1  O N N 47  
ASN ND2  N N N 48  
ASN OXT  O N N 49  
ASN H    H N N 50  
ASN H2   H N N 51  
ASN HA   H N N 52  
ASN HB2  H N N 53  
ASN HB3  H N N 54  
ASN HD21 H N N 55  
ASN HD22 H N N 56  
ASN HXT  H N N 57  
ASP N    N N N 58  
ASP CA   C N S 59  
ASP C    C N N 60  
ASP O    O N N 61  
ASP CB   C N N 62  
ASP CG   C N N 63  
ASP OD1  O N N 64  
ASP OD2  O N N 65  
ASP OXT  O N N 66  
ASP H    H N N 67  
ASP H2   H N N 68  
ASP HA   H N N 69  
ASP HB2  H N N 70  
ASP HB3  H N N 71  
ASP HD2  H N N 72  
ASP HXT  H N N 73  
GLN N    N N N 74  
GLN CA   C N S 75  
GLN C    C N N 76  
GLN O    O N N 77  
GLN CB   C N N 78  
GLN CG   C N N 79  
GLN CD   C N N 80  
GLN OE1  O N N 81  
GLN NE2  N N N 82  
GLN OXT  O N N 83  
GLN H    H N N 84  
GLN H2   H N N 85  
GLN HA   H N N 86  
GLN HB2  H N N 87  
GLN HB3  H N N 88  
GLN HG2  H N N 89  
GLN HG3  H N N 90  
GLN HE21 H N N 91  
GLN HE22 H N N 92  
GLN HXT  H N N 93  
GLU N    N N N 94  
GLU CA   C N S 95  
GLU C    C N N 96  
GLU O    O N N 97  
GLU CB   C N N 98  
GLU CG   C N N 99  
GLU CD   C N N 100 
GLU OE1  O N N 101 
GLU OE2  O N N 102 
GLU OXT  O N N 103 
GLU H    H N N 104 
GLU H2   H N N 105 
GLU HA   H N N 106 
GLU HB2  H N N 107 
GLU HB3  H N N 108 
GLU HG2  H N N 109 
GLU HG3  H N N 110 
GLU HE2  H N N 111 
GLU HXT  H N N 112 
GLY N    N N N 113 
GLY CA   C N N 114 
GLY C    C N N 115 
GLY O    O N N 116 
GLY OXT  O N N 117 
GLY H    H N N 118 
GLY H2   H N N 119 
GLY HA2  H N N 120 
GLY HA3  H N N 121 
GLY HXT  H N N 122 
HIS N    N N N 123 
HIS CA   C N S 124 
HIS C    C N N 125 
HIS O    O N N 126 
HIS CB   C N N 127 
HIS CG   C Y N 128 
HIS ND1  N Y N 129 
HIS CD2  C Y N 130 
HIS CE1  C Y N 131 
HIS NE2  N Y N 132 
HIS OXT  O N N 133 
HIS H    H N N 134 
HIS H2   H N N 135 
HIS HA   H N N 136 
HIS HB2  H N N 137 
HIS HB3  H N N 138 
HIS HD1  H N N 139 
HIS HD2  H N N 140 
HIS HE1  H N N 141 
HIS HE2  H N N 142 
HIS HXT  H N N 143 
ILE N    N N N 144 
ILE CA   C N S 145 
ILE C    C N N 146 
ILE O    O N N 147 
ILE CB   C N S 148 
ILE CG1  C N N 149 
ILE CG2  C N N 150 
ILE CD1  C N N 151 
ILE OXT  O N N 152 
ILE H    H N N 153 
ILE H2   H N N 154 
ILE HA   H N N 155 
ILE HB   H N N 156 
ILE HG12 H N N 157 
ILE HG13 H N N 158 
ILE HG21 H N N 159 
ILE HG22 H N N 160 
ILE HG23 H N N 161 
ILE HD11 H N N 162 
ILE HD12 H N N 163 
ILE HD13 H N N 164 
ILE HXT  H N N 165 
LEU N    N N N 166 
LEU CA   C N S 167 
LEU C    C N N 168 
LEU O    O N N 169 
LEU CB   C N N 170 
LEU CG   C N N 171 
LEU CD1  C N N 172 
LEU CD2  C N N 173 
LEU OXT  O N N 174 
LEU H    H N N 175 
LEU H2   H N N 176 
LEU HA   H N N 177 
LEU HB2  H N N 178 
LEU HB3  H N N 179 
LEU HG   H N N 180 
LEU HD11 H N N 181 
LEU HD12 H N N 182 
LEU HD13 H N N 183 
LEU HD21 H N N 184 
LEU HD22 H N N 185 
LEU HD23 H N N 186 
LEU HXT  H N N 187 
LYS N    N N N 188 
LYS CA   C N S 189 
LYS C    C N N 190 
LYS O    O N N 191 
LYS CB   C N N 192 
LYS CG   C N N 193 
LYS CD   C N N 194 
LYS CE   C N N 195 
LYS NZ   N N N 196 
LYS OXT  O N N 197 
LYS H    H N N 198 
LYS H2   H N N 199 
LYS HA   H N N 200 
LYS HB2  H N N 201 
LYS HB3  H N N 202 
LYS HG2  H N N 203 
LYS HG3  H N N 204 
LYS HD2  H N N 205 
LYS HD3  H N N 206 
LYS HE2  H N N 207 
LYS HE3  H N N 208 
LYS HZ1  H N N 209 
LYS HZ2  H N N 210 
LYS HZ3  H N N 211 
LYS HXT  H N N 212 
PHE N    N N N 213 
PHE CA   C N S 214 
PHE C    C N N 215 
PHE O    O N N 216 
PHE CB   C N N 217 
PHE CG   C Y N 218 
PHE CD1  C Y N 219 
PHE CD2  C Y N 220 
PHE CE1  C Y N 221 
PHE CE2  C Y N 222 
PHE CZ   C Y N 223 
PHE OXT  O N N 224 
PHE H    H N N 225 
PHE H2   H N N 226 
PHE HA   H N N 227 
PHE HB2  H N N 228 
PHE HB3  H N N 229 
PHE HD1  H N N 230 
PHE HD2  H N N 231 
PHE HE1  H N N 232 
PHE HE2  H N N 233 
PHE HZ   H N N 234 
PHE HXT  H N N 235 
PRO N    N N N 236 
PRO CA   C N S 237 
PRO C    C N N 238 
PRO O    O N N 239 
PRO CB   C N N 240 
PRO CG   C N N 241 
PRO CD   C N N 242 
PRO OXT  O N N 243 
PRO H    H N N 244 
PRO HA   H N N 245 
PRO HB2  H N N 246 
PRO HB3  H N N 247 
PRO HG2  H N N 248 
PRO HG3  H N N 249 
PRO HD2  H N N 250 
PRO HD3  H N N 251 
PRO HXT  H N N 252 
SER N    N N N 253 
SER CA   C N S 254 
SER C    C N N 255 
SER O    O N N 256 
SER CB   C N N 257 
SER OG   O N N 258 
SER OXT  O N N 259 
SER H    H N N 260 
SER H2   H N N 261 
SER HA   H N N 262 
SER HB2  H N N 263 
SER HB3  H N N 264 
SER HG   H N N 265 
SER HXT  H N N 266 
THR N    N N N 267 
THR CA   C N S 268 
THR C    C N N 269 
THR O    O N N 270 
THR CB   C N R 271 
THR OG1  O N N 272 
THR CG2  C N N 273 
THR OXT  O N N 274 
THR H    H N N 275 
THR H2   H N N 276 
THR HA   H N N 277 
THR HB   H N N 278 
THR HG1  H N N 279 
THR HG21 H N N 280 
THR HG22 H N N 281 
THR HG23 H N N 282 
THR HXT  H N N 283 
TRP N    N N N 284 
TRP CA   C N S 285 
TRP C    C N N 286 
TRP O    O N N 287 
TRP CB   C N N 288 
TRP CG   C Y N 289 
TRP CD1  C Y N 290 
TRP CD2  C Y N 291 
TRP NE1  N Y N 292 
TRP CE2  C Y N 293 
TRP CE3  C Y N 294 
TRP CZ2  C Y N 295 
TRP CZ3  C Y N 296 
TRP CH2  C Y N 297 
TRP OXT  O N N 298 
TRP H    H N N 299 
TRP H2   H N N 300 
TRP HA   H N N 301 
TRP HB2  H N N 302 
TRP HB3  H N N 303 
TRP HD1  H N N 304 
TRP HE1  H N N 305 
TRP HE3  H N N 306 
TRP HZ2  H N N 307 
TRP HZ3  H N N 308 
TRP HH2  H N N 309 
TRP HXT  H N N 310 
TYR N    N N N 311 
TYR CA   C N S 312 
TYR C    C N N 313 
TYR O    O N N 314 
TYR CB   C N N 315 
TYR CG   C Y N 316 
TYR CD1  C Y N 317 
TYR CD2  C Y N 318 
TYR CE1  C Y N 319 
TYR CE2  C Y N 320 
TYR CZ   C Y N 321 
TYR OH   O N N 322 
TYR OXT  O N N 323 
TYR H    H N N 324 
TYR H2   H N N 325 
TYR HA   H N N 326 
TYR HB2  H N N 327 
TYR HB3  H N N 328 
TYR HD1  H N N 329 
TYR HD2  H N N 330 
TYR HE1  H N N 331 
TYR HE2  H N N 332 
TYR HH   H N N 333 
TYR HXT  H N N 334 
VAL N    N N N 335 
VAL CA   C N S 336 
VAL C    C N N 337 
VAL O    O N N 338 
VAL CB   C N N 339 
VAL CG1  C N N 340 
VAL CG2  C N N 341 
VAL OXT  O N N 342 
VAL H    H N N 343 
VAL H2   H N N 344 
VAL HA   H N N 345 
VAL HB   H N N 346 
VAL HG11 H N N 347 
VAL HG12 H N N 348 
VAL HG13 H N N 349 
VAL HG21 H N N 350 
VAL HG22 H N N 351 
VAL HG23 H N N 352 
VAL HXT  H N N 353 
# 
loop_
_chem_comp_bond.comp_id 
_chem_comp_bond.atom_id_1 
_chem_comp_bond.atom_id_2 
_chem_comp_bond.value_order 
_chem_comp_bond.pdbx_aromatic_flag 
_chem_comp_bond.pdbx_stereo_config 
_chem_comp_bond.pdbx_ordinal 
ALA N   CA   sing N N 1   
ALA N   H    sing N N 2   
ALA N   H2   sing N N 3   
ALA CA  C    sing N N 4   
ALA CA  CB   sing N N 5   
ALA CA  HA   sing N N 6   
ALA C   O    doub N N 7   
ALA C   OXT  sing N N 8   
ALA CB  HB1  sing N N 9   
ALA CB  HB2  sing N N 10  
ALA CB  HB3  sing N N 11  
ALA OXT HXT  sing N N 12  
ARG N   CA   sing N N 13  
ARG N   H    sing N N 14  
ARG N   H2   sing N N 15  
ARG CA  C    sing N N 16  
ARG CA  CB   sing N N 17  
ARG CA  HA   sing N N 18  
ARG C   O    doub N N 19  
ARG C   OXT  sing N N 20  
ARG CB  CG   sing N N 21  
ARG CB  HB2  sing N N 22  
ARG CB  HB3  sing N N 23  
ARG CG  CD   sing N N 24  
ARG CG  HG2  sing N N 25  
ARG CG  HG3  sing N N 26  
ARG CD  NE   sing N N 27  
ARG CD  HD2  sing N N 28  
ARG CD  HD3  sing N N 29  
ARG NE  CZ   sing N N 30  
ARG NE  HE   sing N N 31  
ARG CZ  NH1  sing N N 32  
ARG CZ  NH2  doub N N 33  
ARG NH1 HH11 sing N N 34  
ARG NH1 HH12 sing N N 35  
ARG NH2 HH21 sing N N 36  
ARG NH2 HH22 sing N N 37  
ARG OXT HXT  sing N N 38  
ASN N   CA   sing N N 39  
ASN N   H    sing N N 40  
ASN N   H2   sing N N 41  
ASN CA  C    sing N N 42  
ASN CA  CB   sing N N 43  
ASN CA  HA   sing N N 44  
ASN C   O    doub N N 45  
ASN C   OXT  sing N N 46  
ASN CB  CG   sing N N 47  
ASN CB  HB2  sing N N 48  
ASN CB  HB3  sing N N 49  
ASN CG  OD1  doub N N 50  
ASN CG  ND2  sing N N 51  
ASN ND2 HD21 sing N N 52  
ASN ND2 HD22 sing N N 53  
ASN OXT HXT  sing N N 54  
ASP N   CA   sing N N 55  
ASP N   H    sing N N 56  
ASP N   H2   sing N N 57  
ASP CA  C    sing N N 58  
ASP CA  CB   sing N N 59  
ASP CA  HA   sing N N 60  
ASP C   O    doub N N 61  
ASP C   OXT  sing N N 62  
ASP CB  CG   sing N N 63  
ASP CB  HB2  sing N N 64  
ASP CB  HB3  sing N N 65  
ASP CG  OD1  doub N N 66  
ASP CG  OD2  sing N N 67  
ASP OD2 HD2  sing N N 68  
ASP OXT HXT  sing N N 69  
GLN N   CA   sing N N 70  
GLN N   H    sing N N 71  
GLN N   H2   sing N N 72  
GLN CA  C    sing N N 73  
GLN CA  CB   sing N N 74  
GLN CA  HA   sing N N 75  
GLN C   O    doub N N 76  
GLN C   OXT  sing N N 77  
GLN CB  CG   sing N N 78  
GLN CB  HB2  sing N N 79  
GLN CB  HB3  sing N N 80  
GLN CG  CD   sing N N 81  
GLN CG  HG2  sing N N 82  
GLN CG  HG3  sing N N 83  
GLN CD  OE1  doub N N 84  
GLN CD  NE2  sing N N 85  
GLN NE2 HE21 sing N N 86  
GLN NE2 HE22 sing N N 87  
GLN OXT HXT  sing N N 88  
GLU N   CA   sing N N 89  
GLU N   H    sing N N 90  
GLU N   H2   sing N N 91  
GLU CA  C    sing N N 92  
GLU CA  CB   sing N N 93  
GLU CA  HA   sing N N 94  
GLU C   O    doub N N 95  
GLU C   OXT  sing N N 96  
GLU CB  CG   sing N N 97  
GLU CB  HB2  sing N N 98  
GLU CB  HB3  sing N N 99  
GLU CG  CD   sing N N 100 
GLU CG  HG2  sing N N 101 
GLU CG  HG3  sing N N 102 
GLU CD  OE1  doub N N 103 
GLU CD  OE2  sing N N 104 
GLU OE2 HE2  sing N N 105 
GLU OXT HXT  sing N N 106 
GLY N   CA   sing N N 107 
GLY N   H    sing N N 108 
GLY N   H2   sing N N 109 
GLY CA  C    sing N N 110 
GLY CA  HA2  sing N N 111 
GLY CA  HA3  sing N N 112 
GLY C   O    doub N N 113 
GLY C   OXT  sing N N 114 
GLY OXT HXT  sing N N 115 
HIS N   CA   sing N N 116 
HIS N   H    sing N N 117 
HIS N   H2   sing N N 118 
HIS CA  C    sing N N 119 
HIS CA  CB   sing N N 120 
HIS CA  HA   sing N N 121 
HIS C   O    doub N N 122 
HIS C   OXT  sing N N 123 
HIS CB  CG   sing N N 124 
HIS CB  HB2  sing N N 125 
HIS CB  HB3  sing N N 126 
HIS CG  ND1  sing Y N 127 
HIS CG  CD2  doub Y N 128 
HIS ND1 CE1  doub Y N 129 
HIS ND1 HD1  sing N N 130 
HIS CD2 NE2  sing Y N 131 
HIS CD2 HD2  sing N N 132 
HIS CE1 NE2  sing Y N 133 
HIS CE1 HE1  sing N N 134 
HIS NE2 HE2  sing N N 135 
HIS OXT HXT  sing N N 136 
ILE N   CA   sing N N 137 
ILE N   H    sing N N 138 
ILE N   H2   sing N N 139 
ILE CA  C    sing N N 140 
ILE CA  CB   sing N N 141 
ILE CA  HA   sing N N 142 
ILE C   O    doub N N 143 
ILE C   OXT  sing N N 144 
ILE CB  CG1  sing N N 145 
ILE CB  CG2  sing N N 146 
ILE CB  HB   sing N N 147 
ILE CG1 CD1  sing N N 148 
ILE CG1 HG12 sing N N 149 
ILE CG1 HG13 sing N N 150 
ILE CG2 HG21 sing N N 151 
ILE CG2 HG22 sing N N 152 
ILE CG2 HG23 sing N N 153 
ILE CD1 HD11 sing N N 154 
ILE CD1 HD12 sing N N 155 
ILE CD1 HD13 sing N N 156 
ILE OXT HXT  sing N N 157 
LEU N   CA   sing N N 158 
LEU N   H    sing N N 159 
LEU N   H2   sing N N 160 
LEU CA  C    sing N N 161 
LEU CA  CB   sing N N 162 
LEU CA  HA   sing N N 163 
LEU C   O    doub N N 164 
LEU C   OXT  sing N N 165 
LEU CB  CG   sing N N 166 
LEU CB  HB2  sing N N 167 
LEU CB  HB3  sing N N 168 
LEU CG  CD1  sing N N 169 
LEU CG  CD2  sing N N 170 
LEU CG  HG   sing N N 171 
LEU CD1 HD11 sing N N 172 
LEU CD1 HD12 sing N N 173 
LEU CD1 HD13 sing N N 174 
LEU CD2 HD21 sing N N 175 
LEU CD2 HD22 sing N N 176 
LEU CD2 HD23 sing N N 177 
LEU OXT HXT  sing N N 178 
LYS N   CA   sing N N 179 
LYS N   H    sing N N 180 
LYS N   H2   sing N N 181 
LYS CA  C    sing N N 182 
LYS CA  CB   sing N N 183 
LYS CA  HA   sing N N 184 
LYS C   O    doub N N 185 
LYS C   OXT  sing N N 186 
LYS CB  CG   sing N N 187 
LYS CB  HB2  sing N N 188 
LYS CB  HB3  sing N N 189 
LYS CG  CD   sing N N 190 
LYS CG  HG2  sing N N 191 
LYS CG  HG3  sing N N 192 
LYS CD  CE   sing N N 193 
LYS CD  HD2  sing N N 194 
LYS CD  HD3  sing N N 195 
LYS CE  NZ   sing N N 196 
LYS CE  HE2  sing N N 197 
LYS CE  HE3  sing N N 198 
LYS NZ  HZ1  sing N N 199 
LYS NZ  HZ2  sing N N 200 
LYS NZ  HZ3  sing N N 201 
LYS OXT HXT  sing N N 202 
PHE N   CA   sing N N 203 
PHE N   H    sing N N 204 
PHE N   H2   sing N N 205 
PHE CA  C    sing N N 206 
PHE CA  CB   sing N N 207 
PHE CA  HA   sing N N 208 
PHE C   O    doub N N 209 
PHE C   OXT  sing N N 210 
PHE CB  CG   sing N N 211 
PHE CB  HB2  sing N N 212 
PHE CB  HB3  sing N N 213 
PHE CG  CD1  doub Y N 214 
PHE CG  CD2  sing Y N 215 
PHE CD1 CE1  sing Y N 216 
PHE CD1 HD1  sing N N 217 
PHE CD2 CE2  doub Y N 218 
PHE CD2 HD2  sing N N 219 
PHE CE1 CZ   doub Y N 220 
PHE CE1 HE1  sing N N 221 
PHE CE2 CZ   sing Y N 222 
PHE CE2 HE2  sing N N 223 
PHE CZ  HZ   sing N N 224 
PHE OXT HXT  sing N N 225 
PRO N   CA   sing N N 226 
PRO N   CD   sing N N 227 
PRO N   H    sing N N 228 
PRO CA  C    sing N N 229 
PRO CA  CB   sing N N 230 
PRO CA  HA   sing N N 231 
PRO C   O    doub N N 232 
PRO C   OXT  sing N N 233 
PRO CB  CG   sing N N 234 
PRO CB  HB2  sing N N 235 
PRO CB  HB3  sing N N 236 
PRO CG  CD   sing N N 237 
PRO CG  HG2  sing N N 238 
PRO CG  HG3  sing N N 239 
PRO CD  HD2  sing N N 240 
PRO CD  HD3  sing N N 241 
PRO OXT HXT  sing N N 242 
SER N   CA   sing N N 243 
SER N   H    sing N N 244 
SER N   H2   sing N N 245 
SER CA  C    sing N N 246 
SER CA  CB   sing N N 247 
SER CA  HA   sing N N 248 
SER C   O    doub N N 249 
SER C   OXT  sing N N 250 
SER CB  OG   sing N N 251 
SER CB  HB2  sing N N 252 
SER CB  HB3  sing N N 253 
SER OG  HG   sing N N 254 
SER OXT HXT  sing N N 255 
THR N   CA   sing N N 256 
THR N   H    sing N N 257 
THR N   H2   sing N N 258 
THR CA  C    sing N N 259 
THR CA  CB   sing N N 260 
THR CA  HA   sing N N 261 
THR C   O    doub N N 262 
THR C   OXT  sing N N 263 
THR CB  OG1  sing N N 264 
THR CB  CG2  sing N N 265 
THR CB  HB   sing N N 266 
THR OG1 HG1  sing N N 267 
THR CG2 HG21 sing N N 268 
THR CG2 HG22 sing N N 269 
THR CG2 HG23 sing N N 270 
THR OXT HXT  sing N N 271 
TRP N   CA   sing N N 272 
TRP N   H    sing N N 273 
TRP N   H2   sing N N 274 
TRP CA  C    sing N N 275 
TRP CA  CB   sing N N 276 
TRP CA  HA   sing N N 277 
TRP C   O    doub N N 278 
TRP C   OXT  sing N N 279 
TRP CB  CG   sing N N 280 
TRP CB  HB2  sing N N 281 
TRP CB  HB3  sing N N 282 
TRP CG  CD1  doub Y N 283 
TRP CG  CD2  sing Y N 284 
TRP CD1 NE1  sing Y N 285 
TRP CD1 HD1  sing N N 286 
TRP CD2 CE2  doub Y N 287 
TRP CD2 CE3  sing Y N 288 
TRP NE1 CE2  sing Y N 289 
TRP NE1 HE1  sing N N 290 
TRP CE2 CZ2  sing Y N 291 
TRP CE3 CZ3  doub Y N 292 
TRP CE3 HE3  sing N N 293 
TRP CZ2 CH2  doub Y N 294 
TRP CZ2 HZ2  sing N N 295 
TRP CZ3 CH2  sing Y N 296 
TRP CZ3 HZ3  sing N N 297 
TRP CH2 HH2  sing N N 298 
TRP OXT HXT  sing N N 299 
TYR N   CA   sing N N 300 
TYR N   H    sing N N 301 
TYR N   H2   sing N N 302 
TYR CA  C    sing N N 303 
TYR CA  CB   sing N N 304 
TYR CA  HA   sing N N 305 
TYR C   O    doub N N 306 
TYR C   OXT  sing N N 307 
TYR CB  CG   sing N N 308 
TYR CB  HB2  sing N N 309 
TYR CB  HB3  sing N N 310 
TYR CG  CD1  doub Y N 311 
TYR CG  CD2  sing Y N 312 
TYR CD1 CE1  sing Y N 313 
TYR CD1 HD1  sing N N 314 
TYR CD2 CE2  doub Y N 315 
TYR CD2 HD2  sing N N 316 
TYR CE1 CZ   doub Y N 317 
TYR CE1 HE1  sing N N 318 
TYR CE2 CZ   sing Y N 319 
TYR CE2 HE2  sing N N 320 
TYR CZ  OH   sing N N 321 
TYR OH  HH   sing N N 322 
TYR OXT HXT  sing N N 323 
VAL N   CA   sing N N 324 
VAL N   H    sing N N 325 
VAL N   H2   sing N N 326 
VAL CA  C    sing N N 327 
VAL CA  CB   sing N N 328 
VAL CA  HA   sing N N 329 
VAL C   O    doub N N 330 
VAL C   OXT  sing N N 331 
VAL CB  CG1  sing N N 332 
VAL CB  CG2  sing N N 333 
VAL CB  HB   sing N N 334 
VAL CG1 HG11 sing N N 335 
VAL CG1 HG12 sing N N 336 
VAL CG1 HG13 sing N N 337 
VAL CG2 HG21 sing N N 338 
VAL CG2 HG22 sing N N 339 
VAL CG2 HG23 sing N N 340 
VAL OXT HXT  sing N N 341 
# 
loop_
_pdbx_nmr_spectrometer.spectrometer_id 
_pdbx_nmr_spectrometer.model 
_pdbx_nmr_spectrometer.manufacturer 
_pdbx_nmr_spectrometer.field_strength 
_pdbx_nmr_spectrometer.type 
1 'Home built' Home-built 500 ? 
2 'Home built' Home-built 600 ? 
# 
_atom_sites.entry_id                    2H41 
_atom_sites.fract_transf_matrix[1][1]   1.000000 
_atom_sites.fract_transf_matrix[1][2]   0.000000 
_atom_sites.fract_transf_matrix[1][3]   0.000000 
_atom_sites.fract_transf_matrix[2][1]   0.000000 
_atom_sites.fract_transf_matrix[2][2]   1.000000 
_atom_sites.fract_transf_matrix[2][3]   0.000000 
_atom_sites.fract_transf_matrix[3][1]   0.000000 
_atom_sites.fract_transf_matrix[3][2]   0.000000 
_atom_sites.fract_transf_matrix[3][3]   1.000000 
_atom_sites.fract_transf_vector[1]      0.00000 
_atom_sites.fract_transf_vector[2]      0.00000 
_atom_sites.fract_transf_vector[3]      0.00000 
# 
loop_
_atom_type.symbol 
C 
H 
N 
O 
# 
loop_
_atom_site.group_PDB 
_atom_site.id 
_atom_site.type_symbol 
_atom_site.label_atom_id 
_atom_site.label_alt_id 
_atom_site.label_comp_id 
_atom_site.label_asym_id 
_atom_site.label_entity_id 
_atom_site.label_seq_id 
_atom_site.pdbx_PDB_ins_code 
_atom_site.Cartn_x 
_atom_site.Cartn_y 
_atom_site.Cartn_z 
_atom_site.occupancy 
_atom_site.B_iso_or_equiv 
_atom_site.pdbx_formal_charge 
_atom_site.auth_seq_id 
_atom_site.auth_comp_id 
_atom_site.auth_asym_id 
_atom_site.auth_atom_id 
_atom_site.pdbx_PDB_model_num 
ATOM 1    N N    . GLY A 1 1  ? -19.820 -1.044  -22.353 1.00 13.08 ? 1  GLY A N    1 
ATOM 2    C CA   . GLY A 1 1  ? -19.624 0.410   -22.132 1.00 12.75 ? 1  GLY A CA   1 
ATOM 3    C C    . GLY A 1 1  ? -18.903 0.594   -20.814 1.00 12.33 ? 1  GLY A C    1 
ATOM 4    O O    . GLY A 1 1  ? -18.390 -0.371  -20.244 1.00 12.13 ? 1  GLY A O    1 
ATOM 5    H H1   . GLY A 1 1  ? -20.832 -1.273  -22.290 1.00 13.34 ? 1  GLY A H1   1 
ATOM 6    H H2   . GLY A 1 1  ? -19.296 -1.572  -21.626 1.00 13.25 ? 1  GLY A H2   1 
ATOM 7    H H3   . GLY A 1 1  ? -19.463 -1.304  -23.294 1.00 13.06 ? 1  GLY A H3   1 
ATOM 8    H HA2  . GLY A 1 1  ? -19.025 0.818   -22.934 1.00 13.17 ? 1  GLY A HA2  1 
ATOM 9    H HA3  . GLY A 1 1  ? -20.581 0.913   -22.096 1.00 12.57 ? 1  GLY A HA3  1 
ATOM 10   N N    . PRO A 1 2  ? -18.844 1.791   -20.314 1.00 12.37 ? 2  PRO A N    1 
ATOM 11   C CA   . PRO A 1 2  ? -18.146 2.064   -19.032 1.00 12.20 ? 2  PRO A CA   1 
ATOM 12   C C    . PRO A 1 2  ? -18.959 1.593   -17.834 1.00 11.55 ? 2  PRO A C    1 
ATOM 13   O O    . PRO A 1 2  ? -18.745 2.066   -16.722 1.00 11.34 ? 2  PRO A O    1 
ATOM 14   C CB   . PRO A 1 2  ? -18.010 3.591   -19.019 1.00 12.55 ? 2  PRO A CB   1 
ATOM 15   C CG   . PRO A 1 2  ? -19.176 4.073   -19.814 1.00 12.94 ? 2  PRO A CG   1 
ATOM 16   C CD   . PRO A 1 2  ? -19.430 3.013   -20.892 1.00 12.81 ? 2  PRO A CD   1 
ATOM 17   H HA   . PRO A 1 2  ? -17.170 1.606   -19.030 1.00 12.52 ? 2  PRO A HA   1 
ATOM 18   H HB2  . PRO A 1 2  ? -18.060 3.961   -18.005 1.00 12.31 ? 2  PRO A HB2  1 
ATOM 19   H HB3  . PRO A 1 2  ? -17.088 3.898   -19.490 1.00 12.96 ? 2  PRO A HB3  1 
ATOM 20   H HG2  . PRO A 1 2  ? -20.044 4.170   -19.173 1.00 12.85 ? 2  PRO A HG2  1 
ATOM 21   H HG3  . PRO A 1 2  ? -18.948 5.016   -20.276 1.00 13.57 ? 2  PRO A HG3  1 
ATOM 22   H HD2  . PRO A 1 2  ? -20.495 2.893   -21.054 1.00 12.60 ? 2  PRO A HD2  1 
ATOM 23   H HD3  . PRO A 1 2  ? -18.928 3.272   -21.808 1.00 13.39 ? 2  PRO A HD3  1 
ATOM 24   N N    . LEU A 1 3  ? -19.908 0.684   -18.049 1.00 11.46 ? 3  LEU A N    1 
ATOM 25   C CA   . LEU A 1 3  ? -20.713 0.247   -16.930 1.00 11.08 ? 3  LEU A CA   1 
ATOM 26   C C    . LEU A 1 3  ? -20.625 1.326   -15.863 1.00 10.36 ? 3  LEU A C    1 
ATOM 27   O O    . LEU A 1 3  ? -20.881 1.086   -14.689 1.00 10.26 ? 3  LEU A O    1 
ATOM 28   C CB   . LEU A 1 3  ? -20.200 -1.092  -16.373 1.00 11.67 ? 3  LEU A CB   1 
ATOM 29   C CG   . LEU A 1 3  ? -19.252 -1.745  -17.380 1.00 11.95 ? 3  LEU A CG   1 
ATOM 30   C CD1  . LEU A 1 3  ? -18.449 -2.863  -16.692 1.00 12.31 ? 3  LEU A CD1  1 
ATOM 31   C CD2  . LEU A 1 3  ? -20.064 -2.337  -18.530 1.00 12.38 ? 3  LEU A CD2  1 
ATOM 32   H H    . LEU A 1 3  ? -20.076 0.337   -18.955 1.00 11.79 ? 3  LEU A H    1 
ATOM 33   H HA   . LEU A 1 3  ? -21.738 0.136   -17.247 1.00 11.11 ? 3  LEU A HA   1 
ATOM 34   H HB2  . LEU A 1 3  ? -19.676 -0.920  -15.438 1.00 11.84 ? 3  LEU A HB2  1 
ATOM 35   H HB3  . LEU A 1 3  ? -21.036 -1.752  -16.199 1.00 11.92 ? 3  LEU A HB3  1 
ATOM 36   H HG   . LEU A 1 3  ? -18.569 -1.000  -17.768 1.00 11.83 ? 3  LEU A HG   1 
ATOM 37   H HD11 . LEU A 1 3  ? -19.126 -3.601  -16.292 1.00 12.44 ? 3  LEU A HD11 1 
ATOM 38   H HD12 . LEU A 1 3  ? -17.856 -2.446  -15.888 1.00 12.31 ? 3  LEU A HD12 1 
ATOM 39   H HD13 . LEU A 1 3  ? -17.789 -3.332  -17.411 1.00 12.62 ? 3  LEU A HD13 1 
ATOM 40   H HD21 . LEU A 1 3  ? -19.782 -3.370  -18.673 1.00 12.79 ? 3  LEU A HD21 1 
ATOM 41   H HD22 . LEU A 1 3  ? -19.864 -1.781  -19.433 1.00 12.40 ? 3  LEU A HD22 1 
ATOM 42   H HD23 . LEU A 1 3  ? -21.114 -2.280  -18.296 1.00 12.45 ? 3  LEU A HD23 1 
ATOM 43   N N    . GLY A 1 4  ? -20.220 2.524   -16.305 1.00 10.08 ? 4  GLY A N    1 
ATOM 44   C CA   . GLY A 1 4  ? -20.056 3.656   -15.401 1.00 9.61  ? 4  GLY A CA   1 
ATOM 45   C C    . GLY A 1 4  ? -18.921 3.358   -14.433 1.00 9.05  ? 4  GLY A C    1 
ATOM 46   O O    . GLY A 1 4  ? -18.806 3.968   -13.371 1.00 9.01  ? 4  GLY A O    1 
ATOM 47   H H    . GLY A 1 4  ? -20.008 2.640   -17.263 1.00 10.34 ? 4  GLY A H    1 
ATOM 48   H HA2  . GLY A 1 4  ? -19.821 4.544   -15.972 1.00 9.82  ? 4  GLY A HA2  1 
ATOM 49   H HA3  . GLY A 1 4  ? -20.970 3.812   -14.853 1.00 9.69  ? 4  GLY A HA3  1 
ATOM 50   N N    . SER A 1 5  ? -18.097 2.387   -14.829 1.00 8.86  ? 5  SER A N    1 
ATOM 51   C CA   . SER A 1 5  ? -16.963 1.937   -14.031 1.00 8.58  ? 5  SER A CA   1 
ATOM 52   C C    . SER A 1 5  ? -17.167 0.483   -13.624 1.00 8.46  ? 5  SER A C    1 
ATOM 53   O O    . SER A 1 5  ? -16.215 -0.307  -13.549 1.00 8.53  ? 5  SER A O    1 
ATOM 54   C CB   . SER A 1 5  ? -16.811 2.785   -12.764 1.00 9.01  ? 5  SER A CB   1 
ATOM 55   O OG   . SER A 1 5  ? -16.792 1.928   -11.631 1.00 9.17  ? 5  SER A OG   1 
ATOM 56   H H    . SER A 1 5  ? -18.271 1.946   -15.686 1.00 9.09  ? 5  SER A H    1 
ATOM 57   H HA   . SER A 1 5  ? -16.060 2.018   -14.620 1.00 8.44  ? 5  SER A HA   1 
ATOM 58   H HB2  . SER A 1 5  ? -15.889 3.342   -12.801 1.00 9.20  ? 5  SER A HB2  1 
ATOM 59   H HB3  . SER A 1 5  ? -17.644 3.469   -12.689 1.00 9.27  ? 5  SER A HB3  1 
ATOM 60   H HG   . SER A 1 5  ? -17.286 1.133   -11.855 1.00 9.38  ? 5  SER A HG   1 
ATOM 61   N N    . HIS A 1 6  ? -18.422 0.149   -13.332 1.00 8.54  ? 6  HIS A N    1 
ATOM 62   C CA   . HIS A 1 6  ? -18.767 -1.192  -12.892 1.00 8.71  ? 6  HIS A CA   1 
ATOM 63   C C    . HIS A 1 6  ? -17.952 -1.514  -11.666 1.00 8.31  ? 6  HIS A C    1 
ATOM 64   O O    . HIS A 1 6  ? -17.807 -2.683  -11.309 1.00 8.13  ? 6  HIS A O    1 
ATOM 65   C CB   . HIS A 1 6  ? -18.440 -2.258  -13.952 1.00 9.30  ? 6  HIS A CB   1 
ATOM 66   C CG   . HIS A 1 6  ? -18.207 -1.645  -15.300 1.00 9.70  ? 6  HIS A CG   1 
ATOM 67   N ND1  . HIS A 1 6  ? -17.847 -2.425  -16.385 1.00 9.98  ? 6  HIS A ND1  1 
ATOM 68   C CD2  . HIS A 1 6  ? -18.286 -0.358  -15.773 1.00 10.08 ? 6  HIS A CD2  1 
ATOM 69   C CE1  . HIS A 1 6  ? -17.724 -1.619  -17.449 1.00 10.50 ? 6  HIS A CE1  1 
ATOM 70   N NE2  . HIS A 1 6  ? -17.983 -0.346  -17.136 1.00 10.56 ? 6  HIS A NE2  1 
ATOM 71   H H    . HIS A 1 6  ? -19.121 0.825   -13.392 1.00 8.67  ? 6  HIS A H    1 
ATOM 72   H HA   . HIS A 1 6  ? -19.817 -1.236  -12.651 1.00 8.96  ? 6  HIS A HA   1 
ATOM 73   H HB2  . HIS A 1 6  ? -17.544 -2.788  -13.658 1.00 9.48  ? 6  HIS A HB2  1 
ATOM 74   H HB3  . HIS A 1 6  ? -19.253 -2.962  -14.017 1.00 9.49  ? 6  HIS A HB3  1 
ATOM 75   H HD1  . HIS A 1 6  ? -17.699 -3.394  -16.373 1.00 9.96  ? 6  HIS A HD1  1 
ATOM 76   H HD2  . HIS A 1 6  ? -18.529 0.511   -15.177 1.00 10.16 ? 6  HIS A HD2  1 
ATOM 77   H HE1  . HIS A 1 6  ? -17.465 -1.960  -18.438 1.00 10.95 ? 6  HIS A HE1  1 
ATOM 78   H HE2  . HIS A 1 6  ? -17.965 0.430   -17.734 1.00 10.97 ? 6  HIS A HE2  1 
ATOM 79   N N    . LEU A 1 7  ? -17.356 -0.500  -11.029 1.00 8.43  ? 7  LEU A N    1 
ATOM 80   C CA   . LEU A 1 7  ? -16.522 -0.832  -9.910  1.00 8.31  ? 7  LEU A CA   1 
ATOM 81   C C    . LEU A 1 7  ? -16.011 -2.204  -10.269 1.00 7.83  ? 7  LEU A C    1 
ATOM 82   O O    . LEU A 1 7  ? -15.201 -2.817  -9.578  1.00 8.19  ? 7  LEU A O    1 
ATOM 83   C CB   . LEU A 1 7  ? -17.325 -0.863  -8.610  1.00 8.89  ? 7  LEU A CB   1 
ATOM 84   C CG   . LEU A 1 7  ? -18.521 0.098   -8.713  1.00 9.56  ? 7  LEU A CG   1 
ATOM 85   C CD1  . LEU A 1 7  ? -18.154 1.314   -9.586  1.00 10.19 ? 7  LEU A CD1  1 
ATOM 86   C CD2  . LEU A 1 7  ? -19.720 -0.644  -9.324  1.00 9.99  ? 7  LEU A CD2  1 
ATOM 87   H H    . LEU A 1 7  ? -17.441 0.425   -11.344 1.00 8.78  ? 7  LEU A H    1 
ATOM 88   H HA   . LEU A 1 7  ? -15.699 -0.137  -9.834  1.00 8.41  ? 7  LEU A HA   1 
ATOM 89   H HB2  . LEU A 1 7  ? -17.680 -1.871  -8.435  1.00 9.03  ? 7  LEU A HB2  1 
ATOM 90   H HB3  . LEU A 1 7  ? -16.691 -0.562  -7.795  1.00 8.96  ? 7  LEU A HB3  1 
ATOM 91   H HG   . LEU A 1 7  ? -18.782 0.442   -7.721  1.00 9.54  ? 7  LEU A HG   1 
ATOM 92   H HD11 . LEU A 1 7  ? -17.870 0.985   -10.576 1.00 10.39 ? 7  LEU A HD11 1 
ATOM 93   H HD12 . LEU A 1 7  ? -17.330 1.843   -9.133  1.00 10.52 ? 7  LEU A HD12 1 
ATOM 94   H HD13 . LEU A 1 7  ? -19.005 1.977   -9.653  1.00 10.33 ? 7  LEU A HD13 1 
ATOM 95   H HD21 . LEU A 1 7  ? -19.962 -0.216  -10.285 1.00 10.25 ? 7  LEU A HD21 1 
ATOM 96   H HD22 . LEU A 1 7  ? -20.568 -0.553  -8.664  1.00 10.20 ? 7  LEU A HD22 1 
ATOM 97   H HD23 . LEU A 1 7  ? -19.474 -1.691  -9.447  1.00 10.07 ? 7  LEU A HD23 1 
ATOM 98   N N    . VAL A 1 8  ? -16.535 -2.658  -11.414 1.00 7.26  ? 8  VAL A N    1 
ATOM 99   C CA   . VAL A 1 8  ? -16.192 -3.946  -11.970 1.00 7.02  ? 8  VAL A CA   1 
ATOM 100  C C    . VAL A 1 8  ? -15.442 -4.751  -10.933 1.00 6.67  ? 8  VAL A C    1 
ATOM 101  O O    . VAL A 1 8  ? -15.789 -5.894  -10.642 1.00 6.74  ? 8  VAL A O    1 
ATOM 102  C CB   . VAL A 1 8  ? -15.360 -3.755  -13.248 1.00 6.96  ? 8  VAL A CB   1 
ATOM 103  C CG1  . VAL A 1 8  ? -13.886 -3.519  -12.896 1.00 7.11  ? 8  VAL A CG1  1 
ATOM 104  C CG2  . VAL A 1 8  ? -15.482 -5.006  -14.118 1.00 7.28  ? 8  VAL A CG2  1 
ATOM 105  H H    . VAL A 1 8  ? -17.180 -2.092  -11.893 1.00 7.21  ? 8  VAL A H    1 
ATOM 106  H HA   . VAL A 1 8  ? -17.102 -4.467  -12.224 1.00 7.48  ? 8  VAL A HA   1 
ATOM 107  H HB   . VAL A 1 8  ? -15.735 -2.901  -13.798 1.00 7.00  ? 8  VAL A HB   1 
ATOM 108  H HG11 . VAL A 1 8  ? -13.265 -4.158  -13.505 1.00 7.36  ? 8  VAL A HG11 1 
ATOM 109  H HG12 . VAL A 1 8  ? -13.724 -3.746  -11.854 1.00 7.27  ? 8  VAL A HG12 1 
ATOM 110  H HG13 . VAL A 1 8  ? -13.629 -2.485  -13.085 1.00 7.13  ? 8  VAL A HG13 1 
ATOM 111  H HG21 . VAL A 1 8  ? -14.587 -5.126  -14.711 1.00 7.48  ? 8  VAL A HG21 1 
ATOM 112  H HG22 . VAL A 1 8  ? -16.337 -4.906  -14.772 1.00 7.48  ? 8  VAL A HG22 1 
ATOM 113  H HG23 . VAL A 1 8  ? -15.611 -5.868  -13.486 1.00 7.43  ? 8  VAL A HG23 1 
ATOM 114  N N    . ALA A 1 9  ? -14.441 -4.134  -10.340 1.00 6.61  ? 9  ALA A N    1 
ATOM 115  C CA   . ALA A 1 9  ? -13.698 -4.802  -9.307  1.00 6.58  ? 9  ALA A CA   1 
ATOM 116  C C    . ALA A 1 9  ? -14.597 -5.843  -8.649  1.00 5.92  ? 9  ALA A C    1 
ATOM 117  O O    . ALA A 1 9  ? -14.540 -7.026  -8.976  1.00 5.97  ? 9  ALA A O    1 
ATOM 118  C CB   . ALA A 1 9  ? -13.246 -3.768  -8.284  1.00 7.30  ? 9  ALA A CB   1 
ATOM 119  H H    . ALA A 1 9  ? -14.222 -3.210  -10.582 1.00 6.81  ? 9  ALA A H    1 
ATOM 120  H HA   . ALA A 1 9  ? -12.836 -5.287  -9.736  1.00 6.86  ? 9  ALA A HA   1 
ATOM 121  H HB1  . ALA A 1 9  ? -13.220 -2.795  -8.755  1.00 7.63  ? 9  ALA A HB1  1 
ATOM 122  H HB2  . ALA A 1 9  ? -12.264 -4.020  -7.924  1.00 7.69  ? 9  ALA A HB2  1 
ATOM 123  H HB3  . ALA A 1 9  ? -13.943 -3.750  -7.461  1.00 7.37  ? 9  ALA A HB3  1 
ATOM 124  N N    . THR A 1 10 ? -15.451 -5.384  -7.740  1.00 5.67  ? 10 THR A N    1 
ATOM 125  C CA   . THR A 1 10 ? -16.377 -6.284  -7.061  1.00 5.37  ? 10 THR A CA   1 
ATOM 126  C C    . THR A 1 10 ? -15.905 -6.606  -5.656  1.00 4.73  ? 10 THR A C    1 
ATOM 127  O O    . THR A 1 10 ? -15.955 -5.780  -4.747  1.00 4.92  ? 10 THR A O    1 
ATOM 128  C CB   . THR A 1 10 ? -16.478 -7.603  -7.824  1.00 5.84  ? 10 THR A CB   1 
ATOM 129  O OG1  . THR A 1 10 ? -17.427 -8.436  -7.168  1.00 6.44  ? 10 THR A OG1  1 
ATOM 130  C CG2  . THR A 1 10 ? -15.093 -8.287  -7.826  1.00 6.05  ? 10 THR A CG2  1 
ATOM 131  H H    . THR A 1 10 ? -15.469 -4.424  -7.535  1.00 5.95  ? 10 THR A H    1 
ATOM 132  H HA   . THR A 1 10 ? -17.350 -5.828  -7.017  1.00 5.66  ? 10 THR A HA   1 
ATOM 133  H HB   . THR A 1 10 ? -16.794 -7.419  -8.842  1.00 6.01  ? 10 THR A HB   1 
ATOM 134  H HG1  . THR A 1 10 ? -18.160 -8.588  -7.772  1.00 6.46  ? 10 THR A HG1  1 
ATOM 135  H HG21 . THR A 1 10 ? -14.615 -8.148  -8.786  1.00 6.25  ? 10 THR A HG21 1 
ATOM 136  H HG22 . THR A 1 10 ? -15.206 -9.346  -7.638  1.00 6.26  ? 10 THR A HG22 1 
ATOM 137  H HG23 . THR A 1 10 ? -14.475 -7.849  -7.055  1.00 6.19  ? 10 THR A HG23 1 
ATOM 138  N N    . SER A 1 11 ? -15.455 -7.841  -5.506  1.00 4.37  ? 11 SER A N    1 
ATOM 139  C CA   . SER A 1 11 ? -14.970 -8.341  -4.235  1.00 4.09  ? 11 SER A CA   1 
ATOM 140  C C    . SER A 1 11 ? -14.191 -7.282  -3.467  1.00 3.53  ? 11 SER A C    1 
ATOM 141  O O    . SER A 1 11 ? -13.107 -6.866  -3.878  1.00 3.85  ? 11 SER A O    1 
ATOM 142  C CB   . SER A 1 11 ? -14.074 -9.541  -4.501  1.00 4.24  ? 11 SER A CB   1 
ATOM 143  O OG   . SER A 1 11 ? -12.738 -9.204  -4.170  1.00 4.42  ? 11 SER A OG   1 
ATOM 144  H H    . SER A 1 11 ? -15.455 -8.443  -6.281  1.00 4.59  ? 11 SER A H    1 
ATOM 145  H HA   . SER A 1 11 ? -15.809 -8.661  -3.639  1.00 4.54  ? 11 SER A HA   1 
ATOM 146  H HB2  . SER A 1 11 ? -14.394 -10.375 -3.900  1.00 4.40  ? 11 SER A HB2  1 
ATOM 147  H HB3  . SER A 1 11 ? -14.142 -9.806  -5.548  1.00 4.57  ? 11 SER A HB3  1 
ATOM 148  H HG   . SER A 1 11 ? -12.192 -9.370  -4.943  1.00 4.55  ? 11 SER A HG   1 
ATOM 149  N N    . GLU A 1 12 ? -14.748 -6.871  -2.334  1.00 3.02  ? 12 GLU A N    1 
ATOM 150  C CA   . GLU A 1 12 ? -14.102 -5.881  -1.487  1.00 2.55  ? 12 GLU A CA   1 
ATOM 151  C C    . GLU A 1 12 ? -12.680 -5.606  -1.962  1.00 2.40  ? 12 GLU A C    1 
ATOM 152  O O    . GLU A 1 12 ? -11.722 -6.025  -1.313  1.00 2.76  ? 12 GLU A O    1 
ATOM 153  C CB   . GLU A 1 12 ? -14.041 -6.407  -0.048  1.00 2.47  ? 12 GLU A CB   1 
ATOM 154  C CG   . GLU A 1 12 ? -15.396 -6.992  0.352   1.00 2.66  ? 12 GLU A CG   1 
ATOM 155  C CD   . GLU A 1 12 ? -15.472 -7.120  1.869   1.00 2.66  ? 12 GLU A CD   1 
ATOM 156  O OE1  . GLU A 1 12 ? -14.857 -8.032  2.399   1.00 2.95  ? 12 GLU A OE1  1 
ATOM 157  O OE2  . GLU A 1 12 ? -16.138 -6.303  2.480   1.00 3.05  ? 12 GLU A OE2  1 
ATOM 158  H H    . GLU A 1 12 ? -15.602 -7.253  -2.053  1.00 3.21  ? 12 GLU A H    1 
ATOM 159  H HA   . GLU A 1 12 ? -14.670 -4.964  -1.503  1.00 2.67  ? 12 GLU A HA   1 
ATOM 160  H HB2  . GLU A 1 12 ? -13.287 -7.180  0.016   1.00 2.64  ? 12 GLU A HB2  1 
ATOM 161  H HB3  . GLU A 1 12 ? -13.785 -5.602  0.622   1.00 2.64  ? 12 GLU A HB3  1 
ATOM 162  H HG2  . GLU A 1 12 ? -16.186 -6.343  0.004   1.00 3.11  ? 12 GLU A HG2  1 
ATOM 163  H HG3  . GLU A 1 12 ? -15.514 -7.970  -0.093  1.00 3.06  ? 12 GLU A HG3  1 
ATOM 164  N N    . SER A 1 13 ? -12.523 -4.901  -3.080  1.00 2.47  ? 13 SER A N    1 
ATOM 165  C CA   . SER A 1 13 ? -11.176 -4.615  -3.545  1.00 2.60  ? 13 SER A CA   1 
ATOM 166  C C    . SER A 1 13 ? -10.238 -4.809  -2.363  1.00 2.30  ? 13 SER A C    1 
ATOM 167  O O    . SER A 1 13 ? -9.014  -4.774  -2.493  1.00 2.57  ? 13 SER A O    1 
ATOM 168  C CB   . SER A 1 13 ? -11.079 -3.181  -4.059  1.00 3.07  ? 13 SER A CB   1 
ATOM 169  O OG   . SER A 1 13 ? -11.183 -2.283  -2.961  1.00 3.43  ? 13 SER A OG   1 
ATOM 170  H H    . SER A 1 13 ? -13.304 -4.573  -3.577  1.00 2.80  ? 13 SER A H    1 
ATOM 171  H HA   . SER A 1 13 ? -10.912 -5.304  -4.336  1.00 2.87  ? 13 SER A HA   1 
ATOM 172  H HB2  . SER A 1 13 ? -10.131 -3.034  -4.548  1.00 3.33  ? 13 SER A HB2  1 
ATOM 173  H HB3  . SER A 1 13 ? -11.879 -2.998  -4.765  1.00 3.46  ? 13 SER A HB3  1 
ATOM 174  H HG   . SER A 1 13 ? -11.592 -1.477  -3.278  1.00 3.64  ? 13 SER A HG   1 
ATOM 175  N N    . VAL A 1 14 ? -10.860 -5.021  -1.208  1.00 1.96  ? 14 VAL A N    1 
ATOM 176  C CA   . VAL A 1 14 ? -10.147 -5.237  0.041   1.00 1.89  ? 14 VAL A CA   1 
ATOM 177  C C    . VAL A 1 14 ? -10.470 -6.627  0.580   1.00 1.59  ? 14 VAL A C    1 
ATOM 178  O O    . VAL A 1 14 ? -11.496 -6.824  1.231   1.00 1.74  ? 14 VAL A O    1 
ATOM 179  C CB   . VAL A 1 14 ? -10.581 -4.183  1.064   1.00 2.21  ? 14 VAL A CB   1 
ATOM 180  C CG1  . VAL A 1 14 ? -9.357  -3.653  1.810   1.00 2.24  ? 14 VAL A CG1  1 
ATOM 181  C CG2  . VAL A 1 14 ? -11.279 -3.028  0.340   1.00 2.88  ? 14 VAL A CG2  1 
ATOM 182  H H    . VAL A 1 14 ? -11.840 -5.037  -1.198  1.00 1.96  ? 14 VAL A H    1 
ATOM 183  H HA   . VAL A 1 14 ? -9.084  -5.154  -0.129  1.00 2.10  ? 14 VAL A HA   1 
ATOM 184  H HB   . VAL A 1 14 ? -11.266 -4.630  1.771   1.00 2.65  ? 14 VAL A HB   1 
ATOM 185  H HG11 . VAL A 1 14 ? -9.095  -2.678  1.427   1.00 2.53  ? 14 VAL A HG11 1 
ATOM 186  H HG12 . VAL A 1 14 ? -8.530  -4.331  1.670   1.00 2.65  ? 14 VAL A HG12 1 
ATOM 187  H HG13 . VAL A 1 14 ? -9.585  -3.576  2.863   1.00 2.47  ? 14 VAL A HG13 1 
ATOM 188  H HG21 . VAL A 1 14 ? -10.958 -2.089  0.764   1.00 3.19  ? 14 VAL A HG21 1 
ATOM 189  H HG22 . VAL A 1 14 ? -12.349 -3.127  0.453   1.00 3.20  ? 14 VAL A HG22 1 
ATOM 190  H HG23 . VAL A 1 14 ? -11.025 -3.055  -0.710  1.00 3.39  ? 14 VAL A HG23 1 
ATOM 191  N N    . THR A 1 15 ? -9.602  -7.592  0.302   1.00 1.74  ? 15 THR A N    1 
ATOM 192  C CA   . THR A 1 15 ? -9.831  -8.954  0.767   1.00 1.61  ? 15 THR A CA   1 
ATOM 193  C C    . THR A 1 15 ? -9.139  -9.192  2.101   1.00 1.65  ? 15 THR A C    1 
ATOM 194  O O    . THR A 1 15 ? -9.782  -9.213  3.150   1.00 2.09  ? 15 THR A O    1 
ATOM 195  C CB   . THR A 1 15 ? -9.309  -9.957  -0.264  1.00 1.67  ? 15 THR A CB   1 
ATOM 196  O OG1  . THR A 1 15 ? -10.260 -10.091 -1.311  1.00 2.00  ? 15 THR A OG1  1 
ATOM 197  C CG2  . THR A 1 15 ? -9.093  -11.312 0.412   1.00 1.72  ? 15 THR A CG2  1 
ATOM 198  H H    . THR A 1 15 ? -8.802  -7.387  -0.226  1.00 2.23  ? 15 THR A H    1 
ATOM 199  H HA   . THR A 1 15 ? -10.892 -9.106  0.891   1.00 1.71  ? 15 THR A HA   1 
ATOM 200  H HB   . THR A 1 15 ? -8.373  -9.605  -0.669  1.00 1.80  ? 15 THR A HB   1 
ATOM 201  H HG1  . THR A 1 15 ? -9.816  -10.481 -2.068  1.00 2.17  ? 15 THR A HG1  1 
ATOM 202  H HG21 . THR A 1 15 ? -10.049 -11.766 0.622   1.00 2.07  ? 15 THR A HG21 1 
ATOM 203  H HG22 . THR A 1 15 ? -8.552  -11.170 1.336   1.00 2.10  ? 15 THR A HG22 1 
ATOM 204  H HG23 . THR A 1 15 ? -8.524  -11.955 -0.243  1.00 1.89  ? 15 THR A HG23 1 
ATOM 205  N N    . GLU A 1 16 ? -7.826  -9.375  2.051   1.00 1.63  ? 16 GLU A N    1 
ATOM 206  C CA   . GLU A 1 16 ? -7.053  -9.615  3.262   1.00 1.86  ? 16 GLU A CA   1 
ATOM 207  C C    . GLU A 1 16 ? -7.618  -8.812  4.427   1.00 1.56  ? 16 GLU A C    1 
ATOM 208  O O    . GLU A 1 16 ? -6.985  -7.871  4.908   1.00 2.07  ? 16 GLU A O    1 
ATOM 209  C CB   . GLU A 1 16 ? -5.590  -9.230  3.037   1.00 2.51  ? 16 GLU A CB   1 
ATOM 210  C CG   . GLU A 1 16 ? -5.022  -10.036 1.868   1.00 3.51  ? 16 GLU A CG   1 
ATOM 211  C CD   . GLU A 1 16 ? -5.594  -11.448 1.881   1.00 4.10  ? 16 GLU A CD   1 
ATOM 212  O OE1  . GLU A 1 16 ? -6.712  -11.617 1.426   1.00 4.53  ? 16 GLU A OE1  1 
ATOM 213  O OE2  . GLU A 1 16 ? -4.905  -12.341 2.346   1.00 4.48  ? 16 GLU A OE2  1 
ATOM 214  H H    . GLU A 1 16 ? -7.368  -9.351  1.185   1.00 1.76  ? 16 GLU A H    1 
ATOM 215  H HA   . GLU A 1 16 ? -7.103  -10.667 3.505   1.00 1.98  ? 16 GLU A HA   1 
ATOM 216  H HB2  . GLU A 1 16 ? -5.524  -8.175  2.813   1.00 2.16  ? 16 GLU A HB2  1 
ATOM 217  H HB3  . GLU A 1 16 ? -5.020  -9.444  3.929   1.00 2.92  ? 16 GLU A HB3  1 
ATOM 218  H HG2  . GLU A 1 16 ? -5.282  -9.551  0.940   1.00 3.79  ? 16 GLU A HG2  1 
ATOM 219  H HG3  . GLU A 1 16 ? -3.946  -10.085 1.958   1.00 3.88  ? 16 GLU A HG3  1 
ATOM 220  N N    . ILE A 1 17 ? -8.807  -9.191  4.885   1.00 1.04  ? 17 ILE A N    1 
ATOM 221  C CA   . ILE A 1 17 ? -9.431  -8.491  6.001   1.00 0.74  ? 17 ILE A CA   1 
ATOM 222  C C    . ILE A 1 17 ? -8.937  -9.072  7.318   1.00 0.65  ? 17 ILE A C    1 
ATOM 223  O O    . ILE A 1 17 ? -8.967  -8.406  8.352   1.00 0.99  ? 17 ILE A O    1 
ATOM 224  C CB   . ILE A 1 17 ? -10.955 -8.635  5.941   1.00 0.75  ? 17 ILE A CB   1 
ATOM 225  C CG1  . ILE A 1 17 ? -11.469 -8.190  4.570   1.00 1.12  ? 17 ILE A CG1  1 
ATOM 226  C CG2  . ILE A 1 17 ? -11.592 -7.768  7.030   1.00 0.78  ? 17 ILE A CG2  1 
ATOM 227  C CD1  . ILE A 1 17 ? -12.978 -8.430  4.497   1.00 1.44  ? 17 ILE A CD1  1 
ATOM 228  H H    . ILE A 1 17 ? -9.268  -9.950  4.470   1.00 1.24  ? 17 ILE A H    1 
ATOM 229  H HA   . ILE A 1 17 ? -9.170  -7.442  5.951   1.00 0.77  ? 17 ILE A HA   1 
ATOM 230  H HB   . ILE A 1 17 ? -11.222 -9.668  6.108   1.00 0.82  ? 17 ILE A HB   1 
ATOM 231  H HG12 . ILE A 1 17 ? -11.262 -7.138  4.431   1.00 1.29  ? 17 ILE A HG12 1 
ATOM 232  H HG13 . ILE A 1 17 ? -10.977 -8.760  3.798   1.00 1.25  ? 17 ILE A HG13 1 
ATOM 233  H HG21 . ILE A 1 17 ? -12.338 -7.125  6.587   1.00 1.38  ? 17 ILE A HG21 1 
ATOM 234  H HG22 . ILE A 1 17 ? -10.830 -7.164  7.501   1.00 1.31  ? 17 ILE A HG22 1 
ATOM 235  H HG23 . ILE A 1 17 ? -12.058 -8.403  7.768   1.00 1.24  ? 17 ILE A HG23 1 
ATOM 236  H HD11 . ILE A 1 17 ? -13.193 -9.450  4.777   1.00 1.66  ? 17 ILE A HD11 1 
ATOM 237  H HD12 . ILE A 1 17 ? -13.322 -8.253  3.489   1.00 2.01  ? 17 ILE A HD12 1 
ATOM 238  H HD13 . ILE A 1 17 ? -13.483 -7.757  5.174   1.00 1.83  ? 17 ILE A HD13 1 
ATOM 239  N N    . THR A 1 18 ? -8.473  -10.316 7.270   1.00 0.74  ? 18 THR A N    1 
ATOM 240  C CA   . THR A 1 18 ? -7.966  -10.973 8.465   1.00 0.78  ? 18 THR A CA   1 
ATOM 241  C C    . THR A 1 18 ? -7.044  -10.022 9.218   1.00 0.75  ? 18 THR A C    1 
ATOM 242  O O    . THR A 1 18 ? -6.239  -9.316  8.609   1.00 1.30  ? 18 THR A O    1 
ATOM 243  C CB   . THR A 1 18 ? -7.200  -12.241 8.080   1.00 1.07  ? 18 THR A CB   1 
ATOM 244  O OG1  . THR A 1 18 ? -6.202  -11.916 7.124   1.00 1.78  ? 18 THR A OG1  1 
ATOM 245  C CG2  . THR A 1 18 ? -8.167  -13.263 7.478   1.00 1.67  ? 18 THR A CG2  1 
ATOM 246  H H    . THR A 1 18 ? -8.468  -10.798 6.415   1.00 1.07  ? 18 THR A H    1 
ATOM 247  H HA   . THR A 1 18 ? -8.795  -11.240 9.102   1.00 0.78  ? 18 THR A HA   1 
ATOM 248  H HB   . THR A 1 18 ? -6.736  -12.664 8.956   1.00 1.47  ? 18 THR A HB   1 
ATOM 249  H HG1  . THR A 1 18 ? -5.824  -12.737 6.800   1.00 2.01  ? 18 THR A HG1  1 
ATOM 250  H HG21 . THR A 1 18 ? -9.075  -12.765 7.173   1.00 2.22  ? 18 THR A HG21 1 
ATOM 251  H HG22 . THR A 1 18 ? -8.398  -14.017 8.215   1.00 2.14  ? 18 THR A HG22 1 
ATOM 252  H HG23 . THR A 1 18 ? -7.706  -13.730 6.620   1.00 2.12  ? 18 THR A HG23 1 
ATOM 253  N N    . ALA A 1 19 ? -7.170  -9.991  10.538  1.00 0.59  ? 19 ALA A N    1 
ATOM 254  C CA   . ALA A 1 19 ? -6.341  -9.098  11.336  1.00 0.51  ? 19 ALA A CA   1 
ATOM 255  C C    . ALA A 1 19 ? -6.484  -7.673  10.816  1.00 0.37  ? 19 ALA A C    1 
ATOM 256  O O    . ALA A 1 19 ? -5.663  -6.806  11.109  1.00 0.41  ? 19 ALA A O    1 
ATOM 257  C CB   . ALA A 1 19 ? -4.875  -9.530  11.252  1.00 0.64  ? 19 ALA A CB   1 
ATOM 258  H H    . ALA A 1 19 ? -7.832  -10.562 10.978  1.00 0.97  ? 19 ALA A H    1 
ATOM 259  H HA   . ALA A 1 19 ? -6.663  -9.136  12.365  1.00 0.55  ? 19 ALA A HA   1 
ATOM 260  H HB1  . ALA A 1 19 ? -4.390  -9.001  10.445  1.00 1.21  ? 19 ALA A HB1  1 
ATOM 261  H HB2  . ALA A 1 19 ? -4.823  -10.592 11.068  1.00 1.14  ? 19 ALA A HB2  1 
ATOM 262  H HB3  . ALA A 1 19 ? -4.379  -9.301  12.183  1.00 1.29  ? 19 ALA A HB3  1 
ATOM 263  N N    . SER A 1 20 ? -7.534  -7.443  10.030  1.00 0.33  ? 20 SER A N    1 
ATOM 264  C CA   . SER A 1 20 ? -7.778  -6.124  9.459   1.00 0.34  ? 20 SER A CA   1 
ATOM 265  C C    . SER A 1 20 ? -6.696  -5.790  8.439   1.00 0.35  ? 20 SER A C    1 
ATOM 266  O O    . SER A 1 20 ? -6.369  -4.623  8.221   1.00 0.61  ? 20 SER A O    1 
ATOM 267  C CB   . SER A 1 20 ? -7.790  -5.064  10.560  1.00 0.43  ? 20 SER A CB   1 
ATOM 268  O OG   . SER A 1 20 ? -6.989  -5.507  11.646  1.00 0.66  ? 20 SER A OG   1 
ATOM 269  H H    . SER A 1 20 ? -8.153  -8.177  9.825   1.00 0.38  ? 20 SER A H    1 
ATOM 270  H HA   . SER A 1 20 ? -8.738  -6.126  8.965   1.00 0.42  ? 20 SER A HA   1 
ATOM 271  H HB2  . SER A 1 20 ? -7.389  -4.141  10.178  1.00 0.63  ? 20 SER A HB2  1 
ATOM 272  H HB3  . SER A 1 20 ? -8.808  -4.904  10.891  1.00 0.50  ? 20 SER A HB3  1 
ATOM 273  H HG   . SER A 1 20 ? -6.412  -4.784  11.902  1.00 1.25  ? 20 SER A HG   1 
ATOM 274  N N    . SER A 1 21 ? -6.142  -6.828  7.825   1.00 0.33  ? 21 SER A N    1 
ATOM 275  C CA   . SER A 1 21 ? -5.088  -6.650  6.835   1.00 0.33  ? 21 SER A CA   1 
ATOM 276  C C    . SER A 1 21 ? -5.526  -5.685  5.740   1.00 0.36  ? 21 SER A C    1 
ATOM 277  O O    . SER A 1 21 ? -6.705  -5.344  5.628   1.00 0.69  ? 21 SER A O    1 
ATOM 278  C CB   . SER A 1 21 ? -4.728  -8.002  6.216   1.00 0.36  ? 21 SER A CB   1 
ATOM 279  O OG   . SER A 1 21 ? -5.327  -8.107  4.931   1.00 0.55  ? 21 SER A OG   1 
ATOM 280  H H    . SER A 1 21 ? -6.442  -7.734  8.048   1.00 0.51  ? 21 SER A H    1 
ATOM 281  H HA   . SER A 1 21 ? -4.213  -6.249  7.323   1.00 0.33  ? 21 SER A HA   1 
ATOM 282  H HB2  . SER A 1 21 ? -3.657  -8.081  6.116   1.00 0.43  ? 21 SER A HB2  1 
ATOM 283  H HB3  . SER A 1 21 ? -5.086  -8.795  6.859   1.00 0.41  ? 21 SER A HB3  1 
ATOM 284  H HG   . SER A 1 21 ? -5.043  -7.356  4.408   1.00 1.16  ? 21 SER A HG   1 
ATOM 285  N N    . PHE A 1 22 ? -4.565  -5.253  4.933   1.00 0.23  ? 22 PHE A N    1 
ATOM 286  C CA   . PHE A 1 22 ? -4.841  -4.325  3.843   1.00 0.27  ? 22 PHE A CA   1 
ATOM 287  C C    . PHE A 1 22 ? -4.164  -4.799  2.565   1.00 0.23  ? 22 PHE A C    1 
ATOM 288  O O    . PHE A 1 22 ? -3.060  -5.334  2.601   1.00 0.23  ? 22 PHE A O    1 
ATOM 289  C CB   . PHE A 1 22 ? -4.259  -2.942  4.156   1.00 0.35  ? 22 PHE A CB   1 
ATOM 290  C CG   . PHE A 1 22 ? -5.137  -2.152  5.096   1.00 0.30  ? 22 PHE A CG   1 
ATOM 291  C CD1  . PHE A 1 22 ? -6.429  -2.583  5.419   1.00 0.52  ? 22 PHE A CD1  1 
ATOM 292  C CD2  . PHE A 1 22 ? -4.639  -0.964  5.639   1.00 0.31  ? 22 PHE A CD2  1 
ATOM 293  C CE1  . PHE A 1 22 ? -7.219  -1.821  6.290   1.00 0.45  ? 22 PHE A CE1  1 
ATOM 294  C CE2  . PHE A 1 22 ? -5.425  -0.205  6.509   1.00 0.37  ? 22 PHE A CE2  1 
ATOM 295  C CZ   . PHE A 1 22 ? -6.715  -0.632  6.835   1.00 0.26  ? 22 PHE A CZ   1 
ATOM 296  H H    . PHE A 1 22 ? -3.646  -5.563  5.078   1.00 0.42  ? 22 PHE A H    1 
ATOM 297  H HA   . PHE A 1 22 ? -5.907  -4.248  3.691   1.00 0.32  ? 22 PHE A HA   1 
ATOM 298  H HB2  . PHE A 1 22 ? -3.286  -3.063  4.607   1.00 0.41  ? 22 PHE A HB2  1 
ATOM 299  H HB3  . PHE A 1 22 ? -4.150  -2.393  3.231   1.00 0.45  ? 22 PHE A HB3  1 
ATOM 300  H HD1  . PHE A 1 22 ? -6.817  -3.499  5.001   1.00 0.78  ? 22 PHE A HD1  1 
ATOM 301  H HD2  . PHE A 1 22 ? -3.641  -0.634  5.386   1.00 0.48  ? 22 PHE A HD2  1 
ATOM 302  H HE1  . PHE A 1 22 ? -8.216  -2.149  6.542   1.00 0.65  ? 22 PHE A HE1  1 
ATOM 303  H HE2  . PHE A 1 22 ? -5.036  0.711   6.930   1.00 0.61  ? 22 PHE A HE2  1 
ATOM 304  H HZ   . PHE A 1 22 ? -7.320  -0.042  7.504   1.00 0.29  ? 22 PHE A HZ   1 
ATOM 305  N N    . VAL A 1 23 ? -4.802  -4.562  1.433   1.00 0.28  ? 23 VAL A N    1 
ATOM 306  C CA   . VAL A 1 23 ? -4.205  -4.936  0.161   1.00 0.26  ? 23 VAL A CA   1 
ATOM 307  C C    . VAL A 1 23 ? -4.129  -3.708  -0.732  1.00 0.26  ? 23 VAL A C    1 
ATOM 308  O O    . VAL A 1 23 ? -5.130  -3.285  -1.311  1.00 0.32  ? 23 VAL A O    1 
ATOM 309  C CB   . VAL A 1 23 ? -5.015  -6.035  -0.522  1.00 0.31  ? 23 VAL A CB   1 
ATOM 310  C CG1  . VAL A 1 23 ? -4.554  -6.169  -1.972  1.00 0.32  ? 23 VAL A CG1  1 
ATOM 311  C CG2  . VAL A 1 23 ? -4.780  -7.361  0.204   1.00 0.32  ? 23 VAL A CG2  1 
ATOM 312  H H    . VAL A 1 23 ? -5.669  -4.105  1.452   1.00 0.35  ? 23 VAL A H    1 
ATOM 313  H HA   . VAL A 1 23 ? -3.203  -5.299  0.340   1.00 0.22  ? 23 VAL A HA   1 
ATOM 314  H HB   . VAL A 1 23 ? -6.066  -5.785  -0.494  1.00 0.36  ? 23 VAL A HB   1 
ATOM 315  H HG11 . VAL A 1 23 ? -4.800  -7.153  -2.338  1.00 1.06  ? 23 VAL A HG11 1 
ATOM 316  H HG12 . VAL A 1 23 ? -3.484  -6.023  -2.019  1.00 0.95  ? 23 VAL A HG12 1 
ATOM 317  H HG13 . VAL A 1 23 ? -5.047  -5.424  -2.577  1.00 1.00  ? 23 VAL A HG13 1 
ATOM 318  H HG21 . VAL A 1 23 ? -4.673  -7.179  1.263   1.00 0.90  ? 23 VAL A HG21 1 
ATOM 319  H HG22 . VAL A 1 23 ? -3.877  -7.821  -0.175  1.00 1.08  ? 23 VAL A HG22 1 
ATOM 320  H HG23 . VAL A 1 23 ? -5.618  -8.019  0.034   1.00 1.06  ? 23 VAL A HG23 1 
ATOM 321  N N    . VAL A 1 24 ? -2.939  -3.127  -0.823  1.00 0.21  ? 24 VAL A N    1 
ATOM 322  C CA   . VAL A 1 24 ? -2.750  -1.930  -1.630  1.00 0.22  ? 24 VAL A CA   1 
ATOM 323  C C    . VAL A 1 24 ? -1.859  -2.214  -2.833  1.00 0.18  ? 24 VAL A C    1 
ATOM 324  O O    . VAL A 1 24 ? -0.864  -2.929  -2.728  1.00 0.17  ? 24 VAL A O    1 
ATOM 325  C CB   . VAL A 1 24 ? -2.121  -0.828  -0.776  1.00 0.24  ? 24 VAL A CB   1 
ATOM 326  C CG1  . VAL A 1 24 ? -1.780  0.375   -1.660  1.00 0.28  ? 24 VAL A CG1  1 
ATOM 327  C CG2  . VAL A 1 24 ? -3.109  -0.397  0.312   1.00 0.29  ? 24 VAL A CG2  1 
ATOM 328  H H    . VAL A 1 24 ? -2.179  -3.496  -0.327  1.00 0.19  ? 24 VAL A H    1 
ATOM 329  H HA   . VAL A 1 24 ? -3.712  -1.588  -1.981  1.00 0.25  ? 24 VAL A HA   1 
ATOM 330  H HB   . VAL A 1 24 ? -1.218  -1.202  -0.315  1.00 0.24  ? 24 VAL A HB   1 
ATOM 331  H HG11 . VAL A 1 24 ? -2.125  0.191   -2.667  1.00 1.01  ? 24 VAL A HG11 1 
ATOM 332  H HG12 . VAL A 1 24 ? -0.710  0.524   -1.668  1.00 1.00  ? 24 VAL A HG12 1 
ATOM 333  H HG13 . VAL A 1 24 ? -2.263  1.258   -1.269  1.00 1.10  ? 24 VAL A HG13 1 
ATOM 334  H HG21 . VAL A 1 24 ? -3.075  0.675   0.427   1.00 1.06  ? 24 VAL A HG21 1 
ATOM 335  H HG22 . VAL A 1 24 ? -2.842  -0.867  1.248   1.00 1.00  ? 24 VAL A HG22 1 
ATOM 336  H HG23 . VAL A 1 24 ? -4.107  -0.698  0.032   1.00 1.00  ? 24 VAL A HG23 1 
ATOM 337  N N    . SER A 1 25 ? -2.226  -1.636  -3.970  1.00 0.19  ? 25 SER A N    1 
ATOM 338  C CA   . SER A 1 25 ? -1.462  -1.816  -5.195  1.00 0.17  ? 25 SER A CA   1 
ATOM 339  C C    . SER A 1 25 ? -1.150  -0.459  -5.812  1.00 0.17  ? 25 SER A C    1 
ATOM 340  O O    . SER A 1 25 ? -1.891  0.506   -5.614  1.00 0.19  ? 25 SER A O    1 
ATOM 341  C CB   . SER A 1 25 ? -2.255  -2.666  -6.190  1.00 0.20  ? 25 SER A CB   1 
ATOM 342  O OG   . SER A 1 25 ? -3.350  -1.909  -6.692  1.00 0.25  ? 25 SER A OG   1 
ATOM 343  H H    . SER A 1 25 ? -3.028  -1.071  -3.982  1.00 0.22  ? 25 SER A H    1 
ATOM 344  H HA   . SER A 1 25 ? -0.536  -2.319  -4.963  1.00 0.16  ? 25 SER A HA   1 
ATOM 345  H HB2  . SER A 1 25 ? -1.618  -2.951  -7.009  1.00 0.21  ? 25 SER A HB2  1 
ATOM 346  H HB3  . SER A 1 25 ? -2.618  -3.556  -5.691  1.00 0.22  ? 25 SER A HB3  1 
ATOM 347  H HG   . SER A 1 25 ? -3.924  -1.690  -5.954  1.00 0.87  ? 25 SER A HG   1 
ATOM 348  N N    . TRP A 1 26 ? -0.053  -0.380  -6.554  1.00 0.17  ? 26 TRP A N    1 
ATOM 349  C CA   . TRP A 1 26 ? 0.333   0.876   -7.184  1.00 0.20  ? 26 TRP A CA   1 
ATOM 350  C C    . TRP A 1 26 ? 0.976   0.622   -8.542  1.00 0.21  ? 26 TRP A C    1 
ATOM 351  O O    . TRP A 1 26 ? 0.868   -0.472  -9.097  1.00 0.27  ? 26 TRP A O    1 
ATOM 352  C CB   . TRP A 1 26 ? 1.315   1.619   -6.280  1.00 0.22  ? 26 TRP A CB   1 
ATOM 353  C CG   . TRP A 1 26 ? 2.434   0.698   -5.910  1.00 0.20  ? 26 TRP A CG   1 
ATOM 354  C CD1  . TRP A 1 26 ? 3.560   0.515   -6.637  1.00 0.22  ? 26 TRP A CD1  1 
ATOM 355  C CD2  . TRP A 1 26 ? 2.553   -0.172  -4.746  1.00 0.21  ? 26 TRP A CD2  1 
ATOM 356  N NE1  . TRP A 1 26 ? 4.363   -0.410  -5.993  1.00 0.21  ? 26 TRP A NE1  1 
ATOM 357  C CE2  . TRP A 1 26 ? 3.786   -0.862  -4.822  1.00 0.21  ? 26 TRP A CE2  1 
ATOM 358  C CE3  . TRP A 1 26 ? 1.719   -0.424  -3.641  1.00 0.26  ? 26 TRP A CE3  1 
ATOM 359  C CZ2  . TRP A 1 26 ? 4.177   -1.772  -3.839  1.00 0.25  ? 26 TRP A CZ2  1 
ATOM 360  C CZ3  . TRP A 1 26 ? 2.110   -1.340  -2.649  1.00 0.31  ? 26 TRP A CZ3  1 
ATOM 361  C CH2  . TRP A 1 26 ? 3.337   -2.012  -2.749  1.00 0.31  ? 26 TRP A CH2  1 
ATOM 362  H H    . TRP A 1 26 ? 0.507   -1.176  -6.682  1.00 0.16  ? 26 TRP A H    1 
ATOM 363  H HA   . TRP A 1 26 ? -0.548  1.486   -7.319  1.00 0.22  ? 26 TRP A HA   1 
ATOM 364  H HB2  . TRP A 1 26 ? 1.711   2.477   -6.804  1.00 0.24  ? 26 TRP A HB2  1 
ATOM 365  H HB3  . TRP A 1 26 ? 0.807   1.947   -5.385  1.00 0.23  ? 26 TRP A HB3  1 
ATOM 366  H HD1  . TRP A 1 26 ? 3.793   1.010   -7.567  1.00 0.26  ? 26 TRP A HD1  1 
ATOM 367  H HE1  . TRP A 1 26 ? 5.237   -0.719  -6.313  1.00 0.23  ? 26 TRP A HE1  1 
ATOM 368  H HE3  . TRP A 1 26 ? 0.773   0.087   -3.556  1.00 0.27  ? 26 TRP A HE3  1 
ATOM 369  H HZ2  . TRP A 1 26 ? 5.124   -2.287  -3.919  1.00 0.27  ? 26 TRP A HZ2  1 
ATOM 370  H HZ3  . TRP A 1 26 ? 1.462   -1.526  -1.806  1.00 0.37  ? 26 TRP A HZ3  1 
ATOM 371  H HH2  . TRP A 1 26 ? 3.632   -2.713  -1.983  1.00 0.36  ? 26 TRP A HH2  1 
ATOM 372  N N    . VAL A 1 27 ? 1.645   1.641   -9.076  1.00 0.22  ? 27 VAL A N    1 
ATOM 373  C CA   . VAL A 1 27 ? 2.299   1.518   -10.374 1.00 0.26  ? 27 VAL A CA   1 
ATOM 374  C C    . VAL A 1 27 ? 3.783   1.855   -10.267 1.00 0.30  ? 27 VAL A C    1 
ATOM 375  O O    . VAL A 1 27 ? 4.154   2.915   -9.763  1.00 0.43  ? 27 VAL A O    1 
ATOM 376  C CB   . VAL A 1 27 ? 1.635   2.460   -11.379 1.00 0.39  ? 27 VAL A CB   1 
ATOM 377  C CG1  . VAL A 1 27 ? 2.222   2.221   -12.771 1.00 0.49  ? 27 VAL A CG1  1 
ATOM 378  C CG2  . VAL A 1 27 ? 0.128   2.190   -11.409 1.00 0.42  ? 27 VAL A CG2  1 
ATOM 379  H H    . VAL A 1 27 ? 1.693   2.493   -8.595  1.00 0.24  ? 27 VAL A H    1 
ATOM 380  H HA   . VAL A 1 27 ? 2.193   0.503   -10.726 1.00 0.24  ? 27 VAL A HA   1 
ATOM 381  H HB   . VAL A 1 27 ? 1.813   3.485   -11.085 1.00 0.44  ? 27 VAL A HB   1 
ATOM 382  H HG11 . VAL A 1 27 ? 2.514   1.185   -12.866 1.00 1.09  ? 27 VAL A HG11 1 
ATOM 383  H HG12 . VAL A 1 27 ? 3.087   2.852   -12.910 1.00 1.14  ? 27 VAL A HG12 1 
ATOM 384  H HG13 . VAL A 1 27 ? 1.481   2.456   -13.520 1.00 1.13  ? 27 VAL A HG13 1 
ATOM 385  H HG21 . VAL A 1 27 ? -0.066  1.285   -11.964 1.00 1.05  ? 27 VAL A HG21 1 
ATOM 386  H HG22 . VAL A 1 27 ? -0.377  3.019   -11.884 1.00 1.09  ? 27 VAL A HG22 1 
ATOM 387  H HG23 . VAL A 1 27 ? -0.238  2.078   -10.398 1.00 1.12  ? 27 VAL A HG23 1 
ATOM 388  N N    . SER A 1 28 ? 4.627   0.947   -10.746 1.00 0.26  ? 28 SER A N    1 
ATOM 389  C CA   . SER A 1 28 ? 6.069   1.165   -10.702 1.00 0.35  ? 28 SER A CA   1 
ATOM 390  C C    . SER A 1 28 ? 6.433   2.448   -11.440 1.00 0.51  ? 28 SER A C    1 
ATOM 391  O O    . SER A 1 28 ? 7.211   2.431   -12.394 1.00 1.53  ? 28 SER A O    1 
ATOM 392  C CB   . SER A 1 28 ? 6.796   -0.014  -11.344 1.00 0.34  ? 28 SER A CB   1 
ATOM 393  O OG   . SER A 1 28 ? 6.101   -0.414  -12.517 1.00 1.37  ? 28 SER A OG   1 
ATOM 394  H H    . SER A 1 28 ? 4.274   0.121   -11.137 1.00 0.22  ? 28 SER A H    1 
ATOM 395  H HA   . SER A 1 28 ? 6.380   1.249   -9.671  1.00 0.40  ? 28 SER A HA   1 
ATOM 396  H HB2  . SER A 1 28 ? 7.798   0.280   -11.606 1.00 0.95  ? 28 SER A HB2  1 
ATOM 397  H HB3  . SER A 1 28 ? 6.839   -0.835  -10.640 1.00 0.96  ? 28 SER A HB3  1 
ATOM 398  H HG   . SER A 1 28 ? 5.652   0.357   -12.872 1.00 1.91  ? 28 SER A HG   1 
ATOM 399  N N    . ALA A 1 29 ? 5.860   3.556   -10.992 1.00 0.76  ? 29 ALA A N    1 
ATOM 400  C CA   . ALA A 1 29 ? 6.116   4.852   -11.611 1.00 0.72  ? 29 ALA A CA   1 
ATOM 401  C C    . ALA A 1 29 ? 7.576   4.990   -12.037 1.00 0.71  ? 29 ALA A C    1 
ATOM 402  O O    . ALA A 1 29 ? 8.090   6.103   -12.153 1.00 0.97  ? 29 ALA A O    1 
ATOM 403  C CB   . ALA A 1 29 ? 5.772   5.967   -10.625 1.00 0.75  ? 29 ALA A CB   1 
ATOM 404  H H    . ALA A 1 29 ? 5.246   3.502   -10.231 1.00 1.56  ? 29 ALA A H    1 
ATOM 405  H HA   . ALA A 1 29 ? 5.486   4.956   -12.482 1.00 0.76  ? 29 ALA A HA   1 
ATOM 406  H HB1  . ALA A 1 29 ? 6.629   6.171   -10.001 1.00 1.34  ? 29 ALA A HB1  1 
ATOM 407  H HB2  . ALA A 1 29 ? 4.943   5.657   -10.008 1.00 1.35  ? 29 ALA A HB2  1 
ATOM 408  H HB3  . ALA A 1 29 ? 5.503   6.860   -11.169 1.00 1.10  ? 29 ALA A HB3  1 
ATOM 409  N N    . SER A 1 30 ? 8.241   3.865   -12.271 1.00 0.63  ? 30 SER A N    1 
ATOM 410  C CA   . SER A 1 30 ? 9.640   3.900   -12.686 1.00 0.63  ? 30 SER A CA   1 
ATOM 411  C C    . SER A 1 30 ? 10.187  2.489   -12.874 1.00 0.67  ? 30 SER A C    1 
ATOM 412  O O    . SER A 1 30 ? 10.066  1.641   -11.991 1.00 1.56  ? 30 SER A O    1 
ATOM 413  C CB   . SER A 1 30 ? 10.475  4.636   -11.638 1.00 0.67  ? 30 SER A CB   1 
ATOM 414  O OG   . SER A 1 30 ? 10.631  5.993   -12.032 1.00 0.98  ? 30 SER A OG   1 
ATOM 415  H H    . SER A 1 30 ? 7.787   3.003   -12.166 1.00 0.75  ? 30 SER A H    1 
ATOM 416  H HA   . SER A 1 30 ? 9.713   4.431   -13.622 1.00 0.80  ? 30 SER A HA   1 
ATOM 417  H HB2  . SER A 1 30 ? 9.976   4.599   -10.684 1.00 0.69  ? 30 SER A HB2  1 
ATOM 418  H HB3  . SER A 1 30 ? 11.444  4.162   -11.554 1.00 0.83  ? 30 SER A HB3  1 
ATOM 419  H HG   . SER A 1 30 ? 10.690  6.529   -11.238 1.00 1.40  ? 30 SER A HG   1 
ATOM 420  N N    . ASP A 1 31 ? 10.796  2.251   -14.031 1.00 0.60  ? 31 ASP A N    1 
ATOM 421  C CA   . ASP A 1 31 ? 11.367  0.944   -14.328 1.00 0.51  ? 31 ASP A CA   1 
ATOM 422  C C    . ASP A 1 31 ? 12.790  0.852   -13.789 1.00 0.47  ? 31 ASP A C    1 
ATOM 423  O O    . ASP A 1 31 ? 13.392  -0.221  -13.776 1.00 0.59  ? 31 ASP A O    1 
ATOM 424  C CB   . ASP A 1 31 ? 11.378  0.707   -15.839 1.00 0.68  ? 31 ASP A CB   1 
ATOM 425  C CG   . ASP A 1 31 ? 10.004  0.242   -16.307 1.00 1.13  ? 31 ASP A CG   1 
ATOM 426  O OD1  . ASP A 1 31 ? 9.299   -0.352  -15.509 1.00 1.76  ? 31 ASP A OD1  1 
ATOM 427  O OD2  . ASP A 1 31 ? 9.679   0.486   -17.456 1.00 1.88  ? 31 ASP A OD2  1 
ATOM 428  H H    . ASP A 1 31 ? 10.866  2.969   -14.696 1.00 1.30  ? 31 ASP A H    1 
ATOM 429  H HA   . ASP A 1 31 ? 10.763  0.181   -13.859 1.00 0.48  ? 31 ASP A HA   1 
ATOM 430  H HB2  . ASP A 1 31 ? 11.635  1.628   -16.343 1.00 1.11  ? 31 ASP A HB2  1 
ATOM 431  H HB3  . ASP A 1 31 ? 12.111  -0.048  -16.079 1.00 1.19  ? 31 ASP A HB3  1 
ATOM 432  N N    . THR A 1 32 ? 13.321  1.986   -13.345 1.00 0.41  ? 32 THR A N    1 
ATOM 433  C CA   . THR A 1 32 ? 14.671  2.026   -12.806 1.00 0.48  ? 32 THR A CA   1 
ATOM 434  C C    . THR A 1 32 ? 14.656  1.699   -11.318 1.00 0.39  ? 32 THR A C    1 
ATOM 435  O O    . THR A 1 32 ? 15.698  1.677   -10.664 1.00 0.49  ? 32 THR A O    1 
ATOM 436  C CB   . THR A 1 32 ? 15.267  3.416   -13.019 1.00 0.58  ? 32 THR A CB   1 
ATOM 437  O OG1  . THR A 1 32 ? 14.358  4.397   -12.538 1.00 1.04  ? 32 THR A OG1  1 
ATOM 438  C CG2  . THR A 1 32 ? 15.524  3.641   -14.511 1.00 1.02  ? 32 THR A CG2  1 
ATOM 439  H H    . THR A 1 32 ? 12.796  2.812   -13.379 1.00 0.41  ? 32 THR A H    1 
ATOM 440  H HA   . THR A 1 32 ? 15.280  1.300   -13.322 1.00 0.57  ? 32 THR A HA   1 
ATOM 441  H HB   . THR A 1 32 ? 16.195  3.492   -12.483 1.00 0.79  ? 32 THR A HB   1 
ATOM 442  H HG1  . THR A 1 32 ? 13.693  3.950   -12.008 1.00 1.50  ? 32 THR A HG1  1 
ATOM 443  H HG21 . THR A 1 32 ? 16.004  4.598   -14.654 1.00 1.54  ? 32 THR A HG21 1 
ATOM 444  H HG22 . THR A 1 32 ? 14.585  3.626   -15.044 1.00 1.63  ? 32 THR A HG22 1 
ATOM 445  H HG23 . THR A 1 32 ? 16.164  2.857   -14.887 1.00 1.50  ? 32 THR A HG23 1 
ATOM 446  N N    . VAL A 1 33 ? 13.463  1.440   -10.791 1.00 0.24  ? 33 VAL A N    1 
ATOM 447  C CA   . VAL A 1 33 ? 13.316  1.107   -9.384  1.00 0.17  ? 33 VAL A CA   1 
ATOM 448  C C    . VAL A 1 33 ? 14.006  -0.221  -9.085  1.00 0.16  ? 33 VAL A C    1 
ATOM 449  O O    . VAL A 1 33 ? 13.898  -1.175  -9.855  1.00 0.18  ? 33 VAL A O    1 
ATOM 450  C CB   . VAL A 1 33 ? 11.829  1.019   -9.036  1.00 0.17  ? 33 VAL A CB   1 
ATOM 451  C CG1  . VAL A 1 33 ? 11.116  0.139   -10.063 1.00 0.23  ? 33 VAL A CG1  1 
ATOM 452  C CG2  . VAL A 1 33 ? 11.657  0.414   -7.642  1.00 0.19  ? 33 VAL A CG2  1 
ATOM 453  H H    . VAL A 1 33 ? 12.668  1.470   -11.363 1.00 0.23  ? 33 VAL A H    1 
ATOM 454  H HA   . VAL A 1 33 ? 13.771  1.884   -8.788  1.00 0.17  ? 33 VAL A HA   1 
ATOM 455  H HB   . VAL A 1 33 ? 11.397  2.010   -9.054  1.00 0.20  ? 33 VAL A HB   1 
ATOM 456  H HG11 . VAL A 1 33 ? 10.841  0.737   -10.919 1.00 1.00  ? 33 VAL A HG11 1 
ATOM 457  H HG12 . VAL A 1 33 ? 10.226  -0.284  -9.619  1.00 0.99  ? 33 VAL A HG12 1 
ATOM 458  H HG13 . VAL A 1 33 ? 11.776  -0.656  -10.376 1.00 1.11  ? 33 VAL A HG13 1 
ATOM 459  H HG21 . VAL A 1 33 ? 10.771  0.823   -7.180  1.00 0.97  ? 33 VAL A HG21 1 
ATOM 460  H HG22 . VAL A 1 33 ? 12.519  0.654   -7.040  1.00 1.05  ? 33 VAL A HG22 1 
ATOM 461  H HG23 . VAL A 1 33 ? 11.558  -0.657  -7.725  1.00 1.01  ? 33 VAL A HG23 1 
ATOM 462  N N    . SER A 1 34 ? 14.721  -0.274  -7.967  1.00 0.14  ? 34 SER A N    1 
ATOM 463  C CA   . SER A 1 34 ? 15.431  -1.492  -7.585  1.00 0.15  ? 34 SER A CA   1 
ATOM 464  C C    . SER A 1 34 ? 14.591  -2.300  -6.609  1.00 0.13  ? 34 SER A C    1 
ATOM 465  O O    . SER A 1 34 ? 14.845  -3.481  -6.374  1.00 0.15  ? 34 SER A O    1 
ATOM 466  C CB   . SER A 1 34 ? 16.768  -1.133  -6.934  1.00 0.17  ? 34 SER A CB   1 
ATOM 467  O OG   . SER A 1 34 ? 17.606  -0.503  -7.894  1.00 0.29  ? 34 SER A OG   1 
ATOM 468  H H    . SER A 1 34 ? 14.779  0.521   -7.395  1.00 0.13  ? 34 SER A H    1 
ATOM 469  H HA   . SER A 1 34 ? 15.618  -2.085  -8.469  1.00 0.17  ? 34 SER A HA   1 
ATOM 470  H HB2  . SER A 1 34 ? 16.599  -0.455  -6.113  1.00 0.21  ? 34 SER A HB2  1 
ATOM 471  H HB3  . SER A 1 34 ? 17.240  -2.033  -6.563  1.00 0.24  ? 34 SER A HB3  1 
ATOM 472  H HG   . SER A 1 34 ? 17.437  -0.910  -8.748  1.00 1.01  ? 34 SER A HG   1 
ATOM 473  N N    . GLY A 1 35 ? 13.584  -1.647  -6.052  1.00 0.12  ? 35 GLY A N    1 
ATOM 474  C CA   . GLY A 1 35 ? 12.688  -2.288  -5.105  1.00 0.13  ? 35 GLY A CA   1 
ATOM 475  C C    . GLY A 1 35 ? 11.656  -1.285  -4.611  1.00 0.11  ? 35 GLY A C    1 
ATOM 476  O O    . GLY A 1 35 ? 11.715  -0.105  -4.951  1.00 0.11  ? 35 GLY A O    1 
ATOM 477  H H    . GLY A 1 35 ? 13.437  -0.709  -6.289  1.00 0.11  ? 35 GLY A H    1 
ATOM 478  H HA2  . GLY A 1 35 ? 12.180  -3.109  -5.591  1.00 0.14  ? 35 GLY A HA2  1 
ATOM 479  H HA3  . GLY A 1 35 ? 13.255  -2.653  -4.263  1.00 0.14  ? 35 GLY A HA3  1 
ATOM 480  N N    . PHE A 1 36 ? 10.715  -1.754  -3.808  1.00 0.11  ? 36 PHE A N    1 
ATOM 481  C CA   . PHE A 1 36 ? 9.685   -0.874  -3.278  1.00 0.11  ? 36 PHE A CA   1 
ATOM 482  C C    . PHE A 1 36 ? 9.674   -0.921  -1.759  1.00 0.11  ? 36 PHE A C    1 
ATOM 483  O O    . PHE A 1 36 ? 10.037  -1.927  -1.158  1.00 0.12  ? 36 PHE A O    1 
ATOM 484  C CB   . PHE A 1 36 ? 8.314   -1.292  -3.811  1.00 0.12  ? 36 PHE A CB   1 
ATOM 485  C CG   . PHE A 1 36 ? 8.209   -0.917  -5.268  1.00 0.11  ? 36 PHE A CG   1 
ATOM 486  C CD1  . PHE A 1 36 ? 7.819   0.377   -5.633  1.00 0.13  ? 36 PHE A CD1  1 
ATOM 487  C CD2  . PHE A 1 36 ? 8.501   -1.863  -6.255  1.00 0.14  ? 36 PHE A CD2  1 
ATOM 488  C CE1  . PHE A 1 36 ? 7.722   0.725   -6.985  1.00 0.16  ? 36 PHE A CE1  1 
ATOM 489  C CE2  . PHE A 1 36 ? 8.406   -1.517  -7.607  1.00 0.17  ? 36 PHE A CE2  1 
ATOM 490  C CZ   . PHE A 1 36 ? 8.015   -0.223  -7.973  1.00 0.17  ? 36 PHE A CZ   1 
ATOM 491  H H    . PHE A 1 36 ? 10.716  -2.704  -3.568  1.00 0.13  ? 36 PHE A H    1 
ATOM 492  H HA   . PHE A 1 36 ? 9.889   0.137   -3.597  1.00 0.10  ? 36 PHE A HA   1 
ATOM 493  H HB2  . PHE A 1 36 ? 8.195   -2.360  -3.702  1.00 0.13  ? 36 PHE A HB2  1 
ATOM 494  H HB3  . PHE A 1 36 ? 7.541   -0.784  -3.253  1.00 0.12  ? 36 PHE A HB3  1 
ATOM 495  H HD1  . PHE A 1 36 ? 7.592   1.108   -4.870  1.00 0.15  ? 36 PHE A HD1  1 
ATOM 496  H HD2  . PHE A 1 36 ? 8.802   -2.862  -5.973  1.00 0.17  ? 36 PHE A HD2  1 
ATOM 497  H HE1  . PHE A 1 36 ? 7.423   1.722   -7.267  1.00 0.19  ? 36 PHE A HE1  1 
ATOM 498  H HE2  . PHE A 1 36 ? 8.634   -2.251  -8.366  1.00 0.21  ? 36 PHE A HE2  1 
ATOM 499  H HZ   . PHE A 1 36 ? 7.941   0.046   -9.018  1.00 0.20  ? 36 PHE A HZ   1 
ATOM 500  N N    . ARG A 1 37 ? 9.256   0.173   -1.144  1.00 0.11  ? 37 ARG A N    1 
ATOM 501  C CA   . ARG A 1 37 ? 9.200   0.236   0.306   1.00 0.13  ? 37 ARG A CA   1 
ATOM 502  C C    . ARG A 1 37 ? 7.858   0.794   0.750   1.00 0.13  ? 37 ARG A C    1 
ATOM 503  O O    . ARG A 1 37 ? 7.483   1.908   0.384   1.00 0.15  ? 37 ARG A O    1 
ATOM 504  C CB   . ARG A 1 37 ? 10.329  1.114   0.846   1.00 0.14  ? 37 ARG A CB   1 
ATOM 505  C CG   . ARG A 1 37 ? 10.460  0.893   2.355   1.00 0.21  ? 37 ARG A CG   1 
ATOM 506  C CD   . ARG A 1 37 ? 11.616  1.731   2.897   1.00 0.23  ? 37 ARG A CD   1 
ATOM 507  N NE   . ARG A 1 37 ? 11.172  3.095   3.151   1.00 0.62  ? 37 ARG A NE   1 
ATOM 508  C CZ   . ARG A 1 37 ? 11.726  3.828   4.109   1.00 0.81  ? 37 ARG A CZ   1 
ATOM 509  N NH1  . ARG A 1 37 ? 12.680  3.327   4.843   1.00 0.83  ? 37 ARG A NH1  1 
ATOM 510  N NH2  . ARG A 1 37 ? 11.313  5.047   4.318   1.00 1.29  ? 37 ARG A NH2  1 
ATOM 511  H H    . ARG A 1 37 ? 8.982   0.950   -1.676  1.00 0.11  ? 37 ARG A H    1 
ATOM 512  H HA   . ARG A 1 37 ? 9.313   -0.761  0.705   1.00 0.13  ? 37 ARG A HA   1 
ATOM 513  H HB2  . ARG A 1 37 ? 11.258  0.846   0.361   1.00 0.16  ? 37 ARG A HB2  1 
ATOM 514  H HB3  . ARG A 1 37 ? 10.106  2.152   0.654   1.00 0.16  ? 37 ARG A HB3  1 
ATOM 515  H HG2  . ARG A 1 37 ? 9.542   1.188   2.842   1.00 0.28  ? 37 ARG A HG2  1 
ATOM 516  H HG3  . ARG A 1 37 ? 10.653  -0.150  2.551   1.00 0.28  ? 37 ARG A HG3  1 
ATOM 517  H HD2  . ARG A 1 37 ? 11.973  1.297   3.818   1.00 0.52  ? 37 ARG A HD2  1 
ATOM 518  H HD3  . ARG A 1 37 ? 12.419  1.743   2.173   1.00 0.50  ? 37 ARG A HD3  1 
ATOM 519  H HE   . ARG A 1 37 ? 10.453  3.476   2.606   1.00 0.95  ? 37 ARG A HE   1 
ATOM 520  H HH11 . ARG A 1 37 ? 12.995  2.392   4.684   1.00 0.92  ? 37 ARG A HH11 1 
ATOM 521  H HH12 . ARG A 1 37 ? 13.097  3.879   5.565   1.00 1.00  ? 37 ARG A HH12 1 
ATOM 522  H HH21 . ARG A 1 37 ? 10.580  5.429   3.756   1.00 1.54  ? 37 ARG A HH21 1 
ATOM 523  H HH22 . ARG A 1 37 ? 11.730  5.598   5.039   1.00 1.49  ? 37 ARG A HH22 1 
ATOM 524  N N    . VAL A 1 38 ? 7.139   0.007   1.535   1.00 0.14  ? 38 VAL A N    1 
ATOM 525  C CA   . VAL A 1 38 ? 5.834   0.427   2.020   1.00 0.16  ? 38 VAL A CA   1 
ATOM 526  C C    . VAL A 1 38 ? 5.910   0.822   3.489   1.00 0.17  ? 38 VAL A C    1 
ATOM 527  O O    . VAL A 1 38 ? 6.540   0.140   4.295   1.00 0.17  ? 38 VAL A O    1 
ATOM 528  C CB   . VAL A 1 38 ? 4.818   -0.701  1.840   1.00 0.19  ? 38 VAL A CB   1 
ATOM 529  C CG1  . VAL A 1 38 ? 3.435   -0.216  2.276   1.00 0.25  ? 38 VAL A CG1  1 
ATOM 530  C CG2  . VAL A 1 38 ? 4.770   -1.109  0.366   1.00 0.25  ? 38 VAL A CG2  1 
ATOM 531  H H    . VAL A 1 38 ? 7.496   -0.872  1.790   1.00 0.15  ? 38 VAL A H    1 
ATOM 532  H HA   . VAL A 1 38 ? 5.508   1.282   1.448   1.00 0.18  ? 38 VAL A HA   1 
ATOM 533  H HB   . VAL A 1 38 ? 5.110   -1.550  2.442   1.00 0.24  ? 38 VAL A HB   1 
ATOM 534  H HG11 . VAL A 1 38 ? 3.004   0.392   1.493   1.00 1.04  ? 38 VAL A HG11 1 
ATOM 535  H HG12 . VAL A 1 38 ? 3.527   0.371   3.177   1.00 1.08  ? 38 VAL A HG12 1 
ATOM 536  H HG13 . VAL A 1 38 ? 2.797   -1.066  2.464   1.00 0.99  ? 38 VAL A HG13 1 
ATOM 537  H HG21 . VAL A 1 38 ? 5.484   -1.899  0.187   1.00 1.02  ? 38 VAL A HG21 1 
ATOM 538  H HG22 . VAL A 1 38 ? 5.015   -0.257  -0.251  1.00 1.08  ? 38 VAL A HG22 1 
ATOM 539  H HG23 . VAL A 1 38 ? 3.778   -1.456  0.120   1.00 1.05  ? 38 VAL A HG23 1 
ATOM 540  N N    . GLU A 1 39 ? 5.260   1.926   3.826   1.00 0.20  ? 39 GLU A N    1 
ATOM 541  C CA   . GLU A 1 39 ? 5.258   2.406   5.200   1.00 0.22  ? 39 GLU A CA   1 
ATOM 542  C C    . GLU A 1 39 ? 3.834   2.683   5.656   1.00 0.24  ? 39 GLU A C    1 
ATOM 543  O O    . GLU A 1 39 ? 3.071   3.364   4.971   1.00 0.28  ? 39 GLU A O    1 
ATOM 544  C CB   . GLU A 1 39 ? 6.090   3.685   5.307   1.00 0.26  ? 39 GLU A CB   1 
ATOM 545  C CG   . GLU A 1 39 ? 6.260   4.061   6.780   1.00 0.29  ? 39 GLU A CG   1 
ATOM 546  C CD   . GLU A 1 39 ? 6.650   5.530   6.902   1.00 0.53  ? 39 GLU A CD   1 
ATOM 547  O OE1  . GLU A 1 39 ? 6.945   6.132   5.884   1.00 1.32  ? 39 GLU A OE1  1 
ATOM 548  O OE2  . GLU A 1 39 ? 6.647   6.033   8.014   1.00 1.24  ? 39 GLU A OE2  1 
ATOM 549  H H    . GLU A 1 39 ? 4.778   2.428   3.136   1.00 0.22  ? 39 GLU A H    1 
ATOM 550  H HA   . GLU A 1 39 ? 5.692   1.652   5.837   1.00 0.21  ? 39 GLU A HA   1 
ATOM 551  H HB2  . GLU A 1 39 ? 7.061   3.522   4.862   1.00 0.27  ? 39 GLU A HB2  1 
ATOM 552  H HB3  . GLU A 1 39 ? 5.587   4.487   4.788   1.00 0.28  ? 39 GLU A HB3  1 
ATOM 553  H HG2  . GLU A 1 39 ? 5.331   3.892   7.303   1.00 0.51  ? 39 GLU A HG2  1 
ATOM 554  H HG3  . GLU A 1 39 ? 7.034   3.450   7.219   1.00 0.56  ? 39 GLU A HG3  1 
ATOM 555  N N    . TYR A 1 40 ? 3.479   2.144   6.815   1.00 0.23  ? 40 TYR A N    1 
ATOM 556  C CA   . TYR A 1 40 ? 2.141   2.334   7.352   1.00 0.25  ? 40 TYR A CA   1 
ATOM 557  C C    . TYR A 1 40 ? 2.195   2.588   8.853   1.00 0.23  ? 40 TYR A C    1 
ATOM 558  O O    . TYR A 1 40 ? 2.909   1.905   9.586   1.00 0.26  ? 40 TYR A O    1 
ATOM 559  C CB   . TYR A 1 40 ? 1.284   1.098   7.071   1.00 0.27  ? 40 TYR A CB   1 
ATOM 560  C CG   . TYR A 1 40 ? 1.950   -0.125  7.655   1.00 0.27  ? 40 TYR A CG   1 
ATOM 561  C CD1  . TYR A 1 40 ? 2.975   -0.767  6.948   1.00 0.33  ? 40 TYR A CD1  1 
ATOM 562  C CD2  . TYR A 1 40 ? 1.545   -0.616  8.901   1.00 0.36  ? 40 TYR A CD2  1 
ATOM 563  C CE1  . TYR A 1 40 ? 3.593   -1.901  7.488   1.00 0.40  ? 40 TYR A CE1  1 
ATOM 564  C CE2  . TYR A 1 40 ? 2.163   -1.751  9.441   1.00 0.45  ? 40 TYR A CE2  1 
ATOM 565  C CZ   . TYR A 1 40 ? 3.187   -2.393  8.734   1.00 0.45  ? 40 TYR A CZ   1 
ATOM 566  O OH   . TYR A 1 40 ? 3.796   -3.511  9.267   1.00 0.57  ? 40 TYR A OH   1 
ATOM 567  H H    . TYR A 1 40 ? 4.127   1.605   7.315   1.00 0.22  ? 40 TYR A H    1 
ATOM 568  H HA   . TYR A 1 40 ? 1.687   3.187   6.870   1.00 0.29  ? 40 TYR A HA   1 
ATOM 569  H HB2  . TYR A 1 40 ? 0.310   1.226   7.521   1.00 0.32  ? 40 TYR A HB2  1 
ATOM 570  H HB3  . TYR A 1 40 ? 1.174   0.971   6.004   1.00 0.34  ? 40 TYR A HB3  1 
ATOM 571  H HD1  . TYR A 1 40 ? 3.288   -0.388  5.986   1.00 0.39  ? 40 TYR A HD1  1 
ATOM 572  H HD2  . TYR A 1 40 ? 0.755   -0.121  9.446   1.00 0.43  ? 40 TYR A HD2  1 
ATOM 573  H HE1  . TYR A 1 40 ? 4.383   -2.398  6.943   1.00 0.49  ? 40 TYR A HE1  1 
ATOM 574  H HE2  . TYR A 1 40 ? 1.850   -2.130  10.403  1.00 0.57  ? 40 TYR A HE2  1 
ATOM 575  H HH   . TYR A 1 40 ? 3.145   -4.215  9.307   1.00 1.05  ? 40 TYR A HH   1 
ATOM 576  N N    . GLU A 1 41 ? 1.430   3.575   9.299   1.00 0.21  ? 41 GLU A N    1 
ATOM 577  C CA   . GLU A 1 41 ? 1.384   3.921   10.712  1.00 0.21  ? 41 GLU A CA   1 
ATOM 578  C C    . GLU A 1 41 ? -0.022  4.374   11.085  1.00 0.19  ? 41 GLU A C    1 
ATOM 579  O O    . GLU A 1 41 ? -0.818  4.728   10.215  1.00 0.19  ? 41 GLU A O    1 
ATOM 580  C CB   . GLU A 1 41 ? 2.384   5.039   11.013  1.00 0.25  ? 41 GLU A CB   1 
ATOM 581  C CG   . GLU A 1 41 ? 1.874   6.353   10.422  1.00 0.30  ? 41 GLU A CG   1 
ATOM 582  C CD   . GLU A 1 41 ? 2.928   7.442   10.587  1.00 0.41  ? 41 GLU A CD   1 
ATOM 583  O OE1  . GLU A 1 41 ? 4.102   7.114   10.541  1.00 1.16  ? 41 GLU A OE1  1 
ATOM 584  O OE2  . GLU A 1 41 ? 2.547   8.589   10.757  1.00 1.16  ? 41 GLU A OE2  1 
ATOM 585  H H    . GLU A 1 41 ? 0.880   4.081   8.664   1.00 0.21  ? 41 GLU A H    1 
ATOM 586  H HA   . GLU A 1 41 ? 1.645   3.052   11.296  1.00 0.22  ? 41 GLU A HA   1 
ATOM 587  H HB2  . GLU A 1 41 ? 2.496   5.143   12.082  1.00 0.30  ? 41 GLU A HB2  1 
ATOM 588  H HB3  . GLU A 1 41 ? 3.340   4.795   10.572  1.00 0.26  ? 41 GLU A HB3  1 
ATOM 589  H HG2  . GLU A 1 41 ? 1.660   6.216   9.372   1.00 0.31  ? 41 GLU A HG2  1 
ATOM 590  H HG3  . GLU A 1 41 ? 0.971   6.650   10.934  1.00 0.33  ? 41 GLU A HG3  1 
ATOM 591  N N    . LEU A 1 42 ? -0.329  4.357   12.375  1.00 0.20  ? 42 LEU A N    1 
ATOM 592  C CA   . LEU A 1 42 ? -1.651  4.764   12.832  1.00 0.21  ? 42 LEU A CA   1 
ATOM 593  C C    . LEU A 1 42 ? -1.834  6.270   12.684  1.00 0.23  ? 42 LEU A C    1 
ATOM 594  O O    . LEU A 1 42 ? -1.038  7.059   13.195  1.00 0.28  ? 42 LEU A O    1 
ATOM 595  C CB   . LEU A 1 42 ? -1.847  4.360   14.291  1.00 0.25  ? 42 LEU A CB   1 
ATOM 596  C CG   . LEU A 1 42 ? -1.979  2.840   14.375  1.00 0.25  ? 42 LEU A CG   1 
ATOM 597  C CD1  . LEU A 1 42 ? -1.980  2.409   15.840  1.00 0.38  ? 42 LEU A CD1  1 
ATOM 598  C CD2  . LEU A 1 42 ? -3.291  2.406   13.717  1.00 0.31  ? 42 LEU A CD2  1 
ATOM 599  H H    . LEU A 1 42 ? 0.340   4.063   13.028  1.00 0.22  ? 42 LEU A H    1 
ATOM 600  H HA   . LEU A 1 42 ? -2.395  4.263   12.231  1.00 0.18  ? 42 LEU A HA   1 
ATOM 601  H HB2  . LEU A 1 42 ? -0.996  4.684   14.873  1.00 0.34  ? 42 LEU A HB2  1 
ATOM 602  H HB3  . LEU A 1 42 ? -2.746  4.822   14.677  1.00 0.26  ? 42 LEU A HB3  1 
ATOM 603  H HG   . LEU A 1 42 ? -1.147  2.378   13.864  1.00 0.33  ? 42 LEU A HG   1 
ATOM 604  H HD11 . LEU A 1 42 ? -2.849  2.816   16.333  1.00 1.23  ? 42 LEU A HD11 1 
ATOM 605  H HD12 . LEU A 1 42 ? -1.086  2.777   16.322  1.00 0.97  ? 42 LEU A HD12 1 
ATOM 606  H HD13 . LEU A 1 42 ? -2.003  1.332   15.896  1.00 0.99  ? 42 LEU A HD13 1 
ATOM 607  H HD21 . LEU A 1 42 ? -3.083  1.989   12.742  1.00 1.05  ? 42 LEU A HD21 1 
ATOM 608  H HD22 . LEU A 1 42 ? -3.941  3.261   13.612  1.00 1.06  ? 42 LEU A HD22 1 
ATOM 609  H HD23 . LEU A 1 42 ? -3.772  1.660   14.332  1.00 1.08  ? 42 LEU A HD23 1 
ATOM 610  N N    . SER A 1 43 ? -2.888  6.656   11.976  1.00 0.23  ? 43 SER A N    1 
ATOM 611  C CA   . SER A 1 43 ? -3.178  8.067   11.752  1.00 0.28  ? 43 SER A CA   1 
ATOM 612  C C    . SER A 1 43 ? -3.672  8.730   13.034  1.00 0.33  ? 43 SER A C    1 
ATOM 613  O O    . SER A 1 43 ? -3.850  9.947   13.083  1.00 0.41  ? 43 SER A O    1 
ATOM 614  C CB   . SER A 1 43 ? -4.249  8.204   10.671  1.00 0.26  ? 43 SER A CB   1 
ATOM 615  O OG   . SER A 1 43 ? -5.529  7.982   11.249  1.00 0.24  ? 43 SER A OG   1 
ATOM 616  H H    . SER A 1 43 ? -3.482  5.977   11.591  1.00 0.23  ? 43 SER A H    1 
ATOM 617  H HA   . SER A 1 43 ? -2.280  8.565   11.420  1.00 0.33  ? 43 SER A HA   1 
ATOM 618  H HB2  . SER A 1 43 ? -4.215  9.194   10.248  1.00 0.31  ? 43 SER A HB2  1 
ATOM 619  H HB3  . SER A 1 43 ? -4.066  7.475   9.892   1.00 0.25  ? 43 SER A HB3  1 
ATOM 620  H HG   . SER A 1 43 ? -5.446  8.080   12.200  1.00 0.86  ? 43 SER A HG   1 
ATOM 621  N N    . GLU A 1 44 ? -3.908  7.923   14.062  1.00 0.35  ? 44 GLU A N    1 
ATOM 622  C CA   . GLU A 1 44 ? -4.398  8.449   15.332  1.00 0.41  ? 44 GLU A CA   1 
ATOM 623  C C    . GLU A 1 44 ? -3.330  8.369   16.417  1.00 0.42  ? 44 GLU A C    1 
ATOM 624  O O    . GLU A 1 44 ? -2.811  9.389   16.869  1.00 0.50  ? 44 GLU A O    1 
ATOM 625  C CB   . GLU A 1 44 ? -5.628  7.657   15.777  1.00 0.45  ? 44 GLU A CB   1 
ATOM 626  C CG   . GLU A 1 44 ? -6.717  7.762   14.707  1.00 0.50  ? 44 GLU A CG   1 
ATOM 627  C CD   . GLU A 1 44 ? -7.758  6.666   14.915  1.00 0.88  ? 44 GLU A CD   1 
ATOM 628  O OE1  . GLU A 1 44 ? -7.492  5.762   15.688  1.00 1.66  ? 44 GLU A OE1  1 
ATOM 629  O OE2  . GLU A 1 44 ? -8.807  6.749   14.298  1.00 1.46  ? 44 GLU A OE2  1 
ATOM 630  H H    . GLU A 1 44 ? -3.759  6.960   13.964  1.00 0.38  ? 44 GLU A H    1 
ATOM 631  H HA   . GLU A 1 44 ? -4.682  9.481   15.196  1.00 0.45  ? 44 GLU A HA   1 
ATOM 632  H HB2  . GLU A 1 44 ? -5.356  6.620   15.917  1.00 0.44  ? 44 GLU A HB2  1 
ATOM 633  H HB3  . GLU A 1 44 ? -5.999  8.060   16.706  1.00 0.48  ? 44 GLU A HB3  1 
ATOM 634  H HG2  . GLU A 1 44 ? -7.195  8.727   14.775  1.00 0.82  ? 44 GLU A HG2  1 
ATOM 635  H HG3  . GLU A 1 44 ? -6.272  7.649   13.730  1.00 0.83  ? 44 GLU A HG3  1 
ATOM 636  N N    . GLU A 1 45 ? -3.021  7.150   16.843  1.00 0.41  ? 45 GLU A N    1 
ATOM 637  C CA   . GLU A 1 45 ? -2.032  6.939   17.891  1.00 0.44  ? 45 GLU A CA   1 
ATOM 638  C C    . GLU A 1 45 ? -0.663  7.472   17.480  1.00 0.50  ? 45 GLU A C    1 
ATOM 639  O O    . GLU A 1 45 ? 0.088   7.982   18.311  1.00 1.46  ? 45 GLU A O    1 
ATOM 640  C CB   . GLU A 1 45 ? -1.932  5.449   18.197  1.00 0.45  ? 45 GLU A CB   1 
ATOM 641  C CG   . GLU A 1 45 ? -3.308  4.924   18.604  1.00 0.56  ? 45 GLU A CG   1 
ATOM 642  C CD   . GLU A 1 45 ? -3.241  3.423   18.849  1.00 0.92  ? 45 GLU A CD   1 
ATOM 643  O OE1  . GLU A 1 45 ? -2.782  2.719   17.966  1.00 1.66  ? 45 GLU A OE1  1 
ATOM 644  O OE2  . GLU A 1 45 ? -3.648  2.997   19.918  1.00 1.47  ? 45 GLU A OE2  1 
ATOM 645  H H    . GLU A 1 45 ? -3.477  6.374   16.456  1.00 0.43  ? 45 GLU A H    1 
ATOM 646  H HA   . GLU A 1 45 ? -2.352  7.454   18.781  1.00 0.53  ? 45 GLU A HA   1 
ATOM 647  H HB2  . GLU A 1 45 ? -1.588  4.921   17.318  1.00 0.45  ? 45 GLU A HB2  1 
ATOM 648  H HB3  . GLU A 1 45 ? -1.236  5.292   19.004  1.00 0.48  ? 45 GLU A HB3  1 
ATOM 649  H HG2  . GLU A 1 45 ? -3.628  5.422   19.508  1.00 0.75  ? 45 GLU A HG2  1 
ATOM 650  H HG3  . GLU A 1 45 ? -4.017  5.126   17.813  1.00 0.83  ? 45 GLU A HG3  1 
ATOM 651  N N    . GLY A 1 46 ? -0.342  7.349   16.199  1.00 0.84  ? 46 GLY A N    1 
ATOM 652  C CA   . GLY A 1 46 ? 0.943   7.821   15.701  1.00 0.84  ? 46 GLY A CA   1 
ATOM 653  C C    . GLY A 1 46 ? 2.050   6.822   16.024  1.00 0.77  ? 46 GLY A C    1 
ATOM 654  O O    . GLY A 1 46 ? 3.230   7.094   15.804  1.00 1.17  ? 46 GLY A O    1 
ATOM 655  H H    . GLY A 1 46 ? -0.977  6.933   15.579  1.00 1.62  ? 46 GLY A H    1 
ATOM 656  H HA2  . GLY A 1 46 ? 0.884   7.954   14.629  1.00 0.83  ? 46 GLY A HA2  1 
ATOM 657  H HA3  . GLY A 1 46 ? 1.179   8.767   16.164  1.00 0.97  ? 46 GLY A HA3  1 
ATOM 658  N N    . ASP A 1 47 ? 1.659   5.664   16.544  1.00 0.54  ? 47 ASP A N    1 
ATOM 659  C CA   . ASP A 1 47 ? 2.625   4.629   16.891  1.00 0.56  ? 47 ASP A CA   1 
ATOM 660  C C    . ASP A 1 47 ? 3.860   4.739   16.004  1.00 0.57  ? 47 ASP A C    1 
ATOM 661  O O    . ASP A 1 47 ? 4.004   5.696   15.243  1.00 0.76  ? 47 ASP A O    1 
ATOM 662  C CB   . ASP A 1 47 ? 1.992   3.247   16.717  1.00 0.53  ? 47 ASP A CB   1 
ATOM 663  C CG   . ASP A 1 47 ? 3.027   2.160   16.987  1.00 1.14  ? 47 ASP A CG   1 
ATOM 664  O OD1  . ASP A 1 47 ? 4.043   2.473   17.584  1.00 1.86  ? 47 ASP A OD1  1 
ATOM 665  O OD2  . ASP A 1 47 ? 2.788   1.033   16.589  1.00 1.75  ? 47 ASP A OD2  1 
ATOM 666  H H    . ASP A 1 47 ? 0.704   5.501   16.695  1.00 0.69  ? 47 ASP A H    1 
ATOM 667  H HA   . ASP A 1 47 ? 2.920   4.752   17.923  1.00 0.76  ? 47 ASP A HA   1 
ATOM 668  H HB2  . ASP A 1 47 ? 1.171   3.139   17.407  1.00 1.02  ? 47 ASP A HB2  1 
ATOM 669  H HB3  . ASP A 1 47 ? 1.627   3.148   15.706  1.00 0.98  ? 47 ASP A HB3  1 
ATOM 670  N N    . GLU A 1 48 ? 4.745   3.753   16.099  1.00 0.64  ? 48 GLU A N    1 
ATOM 671  C CA   . GLU A 1 48 ? 5.955   3.757   15.291  1.00 0.63  ? 48 GLU A CA   1 
ATOM 672  C C    . GLU A 1 48 ? 5.658   3.216   13.900  1.00 0.49  ? 48 GLU A C    1 
ATOM 673  O O    . GLU A 1 48 ? 4.912   2.251   13.742  1.00 0.46  ? 48 GLU A O    1 
ATOM 674  C CB   . GLU A 1 48 ? 7.032   2.907   15.954  1.00 0.75  ? 48 GLU A CB   1 
ATOM 675  C CG   . GLU A 1 48 ? 6.389   1.659   16.546  1.00 0.76  ? 48 GLU A CG   1 
ATOM 676  C CD   . GLU A 1 48 ? 5.610   2.019   17.805  1.00 1.27  ? 48 GLU A CD   1 
ATOM 677  O OE1  . GLU A 1 48 ? 5.410   3.200   18.037  1.00 1.98  ? 48 GLU A OE1  1 
ATOM 678  O OE2  . GLU A 1 48 ? 5.223   1.109   18.517  1.00 1.87  ? 48 GLU A OE2  1 
ATOM 679  H H    . GLU A 1 48 ? 4.581   3.011   16.716  1.00 0.82  ? 48 GLU A H    1 
ATOM 680  H HA   . GLU A 1 48 ? 6.314   4.765   15.206  1.00 0.67  ? 48 GLU A HA   1 
ATOM 681  H HB2  . GLU A 1 48 ? 7.767   2.621   15.216  1.00 0.78  ? 48 GLU A HB2  1 
ATOM 682  H HB3  . GLU A 1 48 ? 7.510   3.475   16.737  1.00 0.81  ? 48 GLU A HB3  1 
ATOM 683  H HG2  . GLU A 1 48 ? 5.716   1.233   15.819  1.00 0.99  ? 48 GLU A HG2  1 
ATOM 684  H HG3  . GLU A 1 48 ? 7.155   0.942   16.791  1.00 1.22  ? 48 GLU A HG3  1 
ATOM 685  N N    . PRO A 1 49 ? 6.222   3.828   12.901  1.00 0.45  ? 49 PRO A N    1 
ATOM 686  C CA   . PRO A 1 49 ? 6.016   3.417   11.484  1.00 0.35  ? 49 PRO A CA   1 
ATOM 687  C C    . PRO A 1 49 ? 6.701   2.095   11.160  1.00 0.32  ? 49 PRO A C    1 
ATOM 688  O O    . PRO A 1 49 ? 7.774   1.794   11.679  1.00 0.38  ? 49 PRO A O    1 
ATOM 689  C CB   . PRO A 1 49 ? 6.638   4.562   10.681  1.00 0.42  ? 49 PRO A CB   1 
ATOM 690  C CG   . PRO A 1 49 ? 7.645   5.183   11.592  1.00 0.53  ? 49 PRO A CG   1 
ATOM 691  C CD   . PRO A 1 49 ? 7.124   4.983   13.015  1.00 0.55  ? 49 PRO A CD   1 
ATOM 692  H HA   . PRO A 1 49 ? 4.961   3.356   11.264  1.00 0.32  ? 49 PRO A HA   1 
ATOM 693  H HB2  . PRO A 1 49 ? 7.121   4.174   9.793   1.00 0.42  ? 49 PRO A HB2  1 
ATOM 694  H HB3  . PRO A 1 49 ? 5.885   5.285   10.414  1.00 0.42  ? 49 PRO A HB3  1 
ATOM 695  H HG2  . PRO A 1 49 ? 8.603   4.697   11.471  1.00 0.56  ? 49 PRO A HG2  1 
ATOM 696  H HG3  . PRO A 1 49 ? 7.733   6.237   11.383  1.00 0.60  ? 49 PRO A HG3  1 
ATOM 697  H HD2  . PRO A 1 49 ? 7.941   4.764   13.692  1.00 0.62  ? 49 PRO A HD2  1 
ATOM 698  H HD3  . PRO A 1 49 ? 6.578   5.851   13.346  1.00 0.60  ? 49 PRO A HD3  1 
ATOM 699  N N    . GLN A 1 50 ? 6.077   1.318   10.284  1.00 0.25  ? 50 GLN A N    1 
ATOM 700  C CA   . GLN A 1 50 ? 6.636   0.039   9.879   1.00 0.25  ? 50 GLN A CA   1 
ATOM 701  C C    . GLN A 1 50 ? 6.969   0.085   8.395   1.00 0.22  ? 50 GLN A C    1 
ATOM 702  O O    . GLN A 1 50 ? 6.276   0.743   7.619   1.00 0.23  ? 50 GLN A O    1 
ATOM 703  C CB   . GLN A 1 50 ? 5.637   -1.086  10.155  1.00 0.27  ? 50 GLN A CB   1 
ATOM 704  C CG   . GLN A 1 50 ? 5.326   -1.134  11.654  1.00 0.32  ? 50 GLN A CG   1 
ATOM 705  C CD   . GLN A 1 50 ? 3.846   -1.432  11.870  1.00 0.63  ? 50 GLN A CD   1 
ATOM 706  O OE1  . GLN A 1 50 ? 3.409   -2.570  11.699  1.00 1.14  ? 50 GLN A OE1  1 
ATOM 707  N NE2  . GLN A 1 50 ? 3.043   -0.471  12.239  1.00 0.69  ? 50 GLN A NE2  1 
ATOM 708  H H    . GLN A 1 50 ? 5.229   1.617   9.895   1.00 0.24  ? 50 GLN A H    1 
ATOM 709  H HA   . GLN A 1 50 ? 7.541   -0.146  10.440  1.00 0.28  ? 50 GLN A HA   1 
ATOM 710  H HB2  . GLN A 1 50 ? 4.727   -0.903  9.603   1.00 0.28  ? 50 GLN A HB2  1 
ATOM 711  H HB3  . GLN A 1 50 ? 6.063   -2.030  9.849   1.00 0.31  ? 50 GLN A HB3  1 
ATOM 712  H HG2  . GLN A 1 50 ? 5.919   -1.906  12.119  1.00 0.46  ? 50 GLN A HG2  1 
ATOM 713  H HG3  . GLN A 1 50 ? 5.567   -0.180  12.099  1.00 0.54  ? 50 GLN A HG3  1 
ATOM 714  H HE21 . GLN A 1 50 ? 3.392   0.434   12.375  1.00 0.76  ? 50 GLN A HE21 1 
ATOM 715  H HE22 . GLN A 1 50 ? 2.091   -0.655  12.380  1.00 0.95  ? 50 GLN A HE22 1 
ATOM 716  N N    . TYR A 1 51 ? 8.036   -0.596  8.001   1.00 0.23  ? 51 TYR A N    1 
ATOM 717  C CA   . TYR A 1 51 ? 8.437   -0.589  6.602   1.00 0.22  ? 51 TYR A CA   1 
ATOM 718  C C    . TYR A 1 51 ? 8.510   -1.999  6.036   1.00 0.21  ? 51 TYR A C    1 
ATOM 719  O O    . TYR A 1 51 ? 8.962   -2.930  6.701   1.00 0.24  ? 51 TYR A O    1 
ATOM 720  C CB   . TYR A 1 51 ? 9.801   0.085   6.455   1.00 0.25  ? 51 TYR A CB   1 
ATOM 721  C CG   . TYR A 1 51 ? 9.784   1.420   7.160   1.00 0.39  ? 51 TYR A CG   1 
ATOM 722  C CD1  . TYR A 1 51 ? 9.252   2.544   6.518   1.00 0.54  ? 51 TYR A CD1  1 
ATOM 723  C CD2  . TYR A 1 51 ? 10.302  1.533   8.456   1.00 0.51  ? 51 TYR A CD2  1 
ATOM 724  C CE1  . TYR A 1 51 ? 9.237   3.782   7.172   1.00 0.71  ? 51 TYR A CE1  1 
ATOM 725  C CE2  . TYR A 1 51 ? 10.288  2.771   9.109   1.00 0.67  ? 51 TYR A CE2  1 
ATOM 726  C CZ   . TYR A 1 51 ? 9.755   3.896   8.468   1.00 0.75  ? 51 TYR A CZ   1 
ATOM 727  O OH   . TYR A 1 51 ? 9.741   5.116   9.112   1.00 0.93  ? 51 TYR A OH   1 
ATOM 728  H H    . TYR A 1 51 ? 8.566   -1.095  8.657   1.00 0.24  ? 51 TYR A H    1 
ATOM 729  H HA   . TYR A 1 51 ? 7.711   -0.024  6.036   1.00 0.21  ? 51 TYR A HA   1 
ATOM 730  H HB2  . TYR A 1 51 ? 10.562  -0.543  6.894   1.00 0.28  ? 51 TYR A HB2  1 
ATOM 731  H HB3  . TYR A 1 51 ? 10.017  0.236   5.409   1.00 0.28  ? 51 TYR A HB3  1 
ATOM 732  H HD1  . TYR A 1 51 ? 8.852   2.456   5.519   1.00 0.59  ? 51 TYR A HD1  1 
ATOM 733  H HD2  . TYR A 1 51 ? 10.712  0.665   8.952   1.00 0.55  ? 51 TYR A HD2  1 
ATOM 734  H HE1  . TYR A 1 51 ? 8.827   4.649   6.676   1.00 0.85  ? 51 TYR A HE1  1 
ATOM 735  H HE2  . TYR A 1 51 ? 10.687  2.858   10.109  1.00 0.80  ? 51 TYR A HE2  1 
ATOM 736  H HH   . TYR A 1 51 ? 10.603  5.521   8.997   1.00 1.44  ? 51 TYR A HH   1 
ATOM 737  N N    . LEU A 1 52 ? 8.078   -2.134  4.790   1.00 0.18  ? 52 LEU A N    1 
ATOM 738  C CA   . LEU A 1 52 ? 8.106   -3.414  4.104   1.00 0.18  ? 52 LEU A CA   1 
ATOM 739  C C    . LEU A 1 52 ? 8.805   -3.242  2.764   1.00 0.16  ? 52 LEU A C    1 
ATOM 740  O O    . LEU A 1 52 ? 8.463   -2.351  1.987   1.00 0.16  ? 52 LEU A O    1 
ATOM 741  C CB   . LEU A 1 52 ? 6.682   -3.932  3.892   1.00 0.21  ? 52 LEU A CB   1 
ATOM 742  C CG   . LEU A 1 52 ? 5.980   -4.043  5.244   1.00 0.27  ? 52 LEU A CG   1 
ATOM 743  C CD1  . LEU A 1 52 ? 4.506   -4.388  5.030   1.00 0.31  ? 52 LEU A CD1  1 
ATOM 744  C CD2  . LEU A 1 52 ? 6.646   -5.145  6.073   1.00 0.34  ? 52 LEU A CD2  1 
ATOM 745  H H    . LEU A 1 52 ? 7.744   -1.346  4.314   1.00 0.19  ? 52 LEU A H    1 
ATOM 746  H HA   . LEU A 1 52 ? 8.657   -4.127  4.703   1.00 0.20  ? 52 LEU A HA   1 
ATOM 747  H HB2  . LEU A 1 52 ? 6.141   -3.247  3.258   1.00 0.21  ? 52 LEU A HB2  1 
ATOM 748  H HB3  . LEU A 1 52 ? 6.718   -4.906  3.426   1.00 0.23  ? 52 LEU A HB3  1 
ATOM 749  H HG   . LEU A 1 52 ? 6.059   -3.102  5.767   1.00 0.30  ? 52 LEU A HG   1 
ATOM 750  H HD11 . LEU A 1 52 ? 4.146   -4.970  5.866   1.00 1.08  ? 52 LEU A HD11 1 
ATOM 751  H HD12 . LEU A 1 52 ? 4.398   -4.960  4.121   1.00 1.05  ? 52 LEU A HD12 1 
ATOM 752  H HD13 . LEU A 1 52 ? 3.931   -3.477  4.953   1.00 1.04  ? 52 LEU A HD13 1 
ATOM 753  H HD21 . LEU A 1 52 ? 6.454   -4.972  7.122   1.00 1.01  ? 52 LEU A HD21 1 
ATOM 754  H HD22 . LEU A 1 52 ? 7.711   -5.134  5.896   1.00 1.08  ? 52 LEU A HD22 1 
ATOM 755  H HD23 . LEU A 1 52 ? 6.242   -6.104  5.787   1.00 1.04  ? 52 LEU A HD23 1 
ATOM 756  N N    . ASP A 1 53 ? 9.798   -4.078  2.508   1.00 0.17  ? 53 ASP A N    1 
ATOM 757  C CA   . ASP A 1 53 ? 10.549  -3.979  1.266   1.00 0.15  ? 53 ASP A CA   1 
ATOM 758  C C    . ASP A 1 53 ? 10.113  -5.035  0.258   1.00 0.14  ? 53 ASP A C    1 
ATOM 759  O O    . ASP A 1 53 ? 10.015  -6.219  0.578   1.00 0.16  ? 53 ASP A O    1 
ATOM 760  C CB   . ASP A 1 53 ? 12.044  -4.121  1.545   1.00 0.17  ? 53 ASP A CB   1 
ATOM 761  C CG   . ASP A 1 53 ? 12.476  -3.105  2.598   1.00 0.21  ? 53 ASP A CG   1 
ATOM 762  O OD1  . ASP A 1 53 ? 12.141  -1.943  2.441   1.00 1.07  ? 53 ASP A OD1  1 
ATOM 763  O OD2  . ASP A 1 53 ? 13.135  -3.504  3.543   1.00 1.09  ? 53 ASP A OD2  1 
ATOM 764  H H    . ASP A 1 53 ? 10.033  -4.760  3.172   1.00 0.19  ? 53 ASP A H    1 
ATOM 765  H HA   . ASP A 1 53 ? 10.376  -3.004  0.837   1.00 0.15  ? 53 ASP A HA   1 
ATOM 766  H HB2  . ASP A 1 53 ? 12.252  -5.119  1.900   1.00 0.20  ? 53 ASP A HB2  1 
ATOM 767  H HB3  . ASP A 1 53 ? 12.593  -3.943  0.633   1.00 0.18  ? 53 ASP A HB3  1 
ATOM 768  N N    . LEU A 1 54 ? 9.861   -4.582  -0.964  1.00 0.13  ? 54 LEU A N    1 
ATOM 769  C CA   . LEU A 1 54 ? 9.442   -5.467  -2.041  1.00 0.14  ? 54 LEU A CA   1 
ATOM 770  C C    . LEU A 1 54 ? 10.339  -5.254  -3.257  1.00 0.13  ? 54 LEU A C    1 
ATOM 771  O O    . LEU A 1 54 ? 10.958  -4.200  -3.402  1.00 0.13  ? 54 LEU A O    1 
ATOM 772  C CB   . LEU A 1 54 ? 7.991   -5.168  -2.421  1.00 0.14  ? 54 LEU A CB   1 
ATOM 773  C CG   . LEU A 1 54 ? 7.181   -4.874  -1.160  1.00 0.16  ? 54 LEU A CG   1 
ATOM 774  C CD1  . LEU A 1 54 ? 5.884   -4.160  -1.543  1.00 0.19  ? 54 LEU A CD1  1 
ATOM 775  C CD2  . LEU A 1 54 ? 6.850   -6.186  -0.446  1.00 0.19  ? 54 LEU A CD2  1 
ATOM 776  H H    . LEU A 1 54 ? 9.964   -3.628  -1.146  1.00 0.13  ? 54 LEU A H    1 
ATOM 777  H HA   . LEU A 1 54 ? 9.520   -6.492  -1.713  1.00 0.15  ? 54 LEU A HA   1 
ATOM 778  H HB2  . LEU A 1 54 ? 7.960   -4.310  -3.078  1.00 0.14  ? 54 LEU A HB2  1 
ATOM 779  H HB3  . LEU A 1 54 ? 7.567   -6.024  -2.926  1.00 0.16  ? 54 LEU A HB3  1 
ATOM 780  H HG   . LEU A 1 54 ? 7.759   -4.240  -0.501  1.00 0.16  ? 54 LEU A HG   1 
ATOM 781  H HD11 . LEU A 1 54 ? 6.039   -3.594  -2.448  1.00 1.00  ? 54 LEU A HD11 1 
ATOM 782  H HD12 . LEU A 1 54 ? 5.592   -3.494  -0.746  1.00 1.00  ? 54 LEU A HD12 1 
ATOM 783  H HD13 . LEU A 1 54 ? 5.108   -4.892  -1.705  1.00 1.03  ? 54 LEU A HD13 1 
ATOM 784  H HD21 . LEU A 1 54 ? 6.043   -6.683  -0.964  1.00 0.99  ? 54 LEU A HD21 1 
ATOM 785  H HD22 . LEU A 1 54 ? 6.549   -5.976  0.570   1.00 1.02  ? 54 LEU A HD22 1 
ATOM 786  H HD23 . LEU A 1 54 ? 7.721   -6.823  -0.440  1.00 1.04  ? 54 LEU A HD23 1 
ATOM 787  N N    . PRO A 1 55 ? 10.416  -6.223  -4.124  1.00 0.14  ? 55 PRO A N    1 
ATOM 788  C CA   . PRO A 1 55 ? 11.259  -6.132  -5.350  1.00 0.14  ? 55 PRO A CA   1 
ATOM 789  C C    . PRO A 1 55 ? 10.700  -5.135  -6.362  1.00 0.13  ? 55 PRO A C    1 
ATOM 790  O O    . PRO A 1 55 ? 9.513   -4.811  -6.343  1.00 0.14  ? 55 PRO A O    1 
ATOM 791  C CB   . PRO A 1 55 ? 11.249  -7.552  -5.916  1.00 0.17  ? 55 PRO A CB   1 
ATOM 792  C CG   . PRO A 1 55 ? 10.036  -8.214  -5.347  1.00 0.18  ? 55 PRO A CG   1 
ATOM 793  C CD   . PRO A 1 55 ? 9.715   -7.510  -4.027  1.00 0.17  ? 55 PRO A CD   1 
ATOM 794  H HA   . PRO A 1 55 ? 12.268  -5.861  -5.085  1.00 0.14  ? 55 PRO A HA   1 
ATOM 795  H HB2  . PRO A 1 55 ? 11.187  -7.521  -6.995  1.00 0.19  ? 55 PRO A HB2  1 
ATOM 796  H HB3  . PRO A 1 55 ? 12.137  -8.081  -5.608  1.00 0.21  ? 55 PRO A HB3  1 
ATOM 797  H HG2  . PRO A 1 55 ? 9.208   -8.114  -6.034  1.00 0.20  ? 55 PRO A HG2  1 
ATOM 798  H HG3  . PRO A 1 55 ? 10.239  -9.257  -5.160  1.00 0.21  ? 55 PRO A HG3  1 
ATOM 799  H HD2  . PRO A 1 55 ? 8.649   -7.358  -3.931  1.00 0.19  ? 55 PRO A HD2  1 
ATOM 800  H HD3  . PRO A 1 55 ? 10.095  -8.079  -3.193  1.00 0.18  ? 55 PRO A HD3  1 
ATOM 801  N N    . SER A 1 56 ? 11.571  -4.655  -7.240  1.00 0.13  ? 56 SER A N    1 
ATOM 802  C CA   . SER A 1 56 ? 11.167  -3.691  -8.259  1.00 0.14  ? 56 SER A CA   1 
ATOM 803  C C    . SER A 1 56 ? 10.071  -4.272  -9.146  1.00 0.14  ? 56 SER A C    1 
ATOM 804  O O    . SER A 1 56 ? 9.440   -3.554  -9.920  1.00 0.15  ? 56 SER A O    1 
ATOM 805  C CB   . SER A 1 56 ? 12.367  -3.303  -9.123  1.00 0.15  ? 56 SER A CB   1 
ATOM 806  O OG   . SER A 1 56 ? 13.050  -4.479  -9.535  1.00 0.21  ? 56 SER A OG   1 
ATOM 807  H H    . SER A 1 56 ? 12.504  -4.956  -7.196  1.00 0.15  ? 56 SER A H    1 
ATOM 808  H HA   . SER A 1 56 ? 10.790  -2.804  -7.772  1.00 0.13  ? 56 SER A HA   1 
ATOM 809  H HB2  . SER A 1 56 ? 12.027  -2.766  -9.995  1.00 0.19  ? 56 SER A HB2  1 
ATOM 810  H HB3  . SER A 1 56 ? 13.032  -2.668  -8.551  1.00 0.16  ? 56 SER A HB3  1 
ATOM 811  H HG   . SER A 1 56 ? 12.931  -5.145  -8.855  1.00 0.88  ? 56 SER A HG   1 
ATOM 812  N N    . THR A 1 57 ? 9.852   -5.579  -9.028  1.00 0.16  ? 57 THR A N    1 
ATOM 813  C CA   . THR A 1 57 ? 8.829   -6.245  -9.828  1.00 0.18  ? 57 THR A CA   1 
ATOM 814  C C    . THR A 1 57 ? 7.506   -6.300  -9.072  1.00 0.18  ? 57 THR A C    1 
ATOM 815  O O    . THR A 1 57 ? 6.475   -6.673  -9.634  1.00 0.21  ? 57 THR A O    1 
ATOM 816  C CB   . THR A 1 57 ? 9.281   -7.665  -10.172 1.00 0.23  ? 57 THR A CB   1 
ATOM 817  O OG1  . THR A 1 57 ? 9.362   -8.436  -8.980  1.00 0.26  ? 57 THR A OG1  1 
ATOM 818  C CG2  . THR A 1 57 ? 10.653  -7.618  -10.847 1.00 0.29  ? 57 THR A CG2  1 
ATOM 819  H H    . THR A 1 57 ? 10.388  -6.103  -8.397  1.00 0.17  ? 57 THR A H    1 
ATOM 820  H HA   . THR A 1 57 ? 8.687   -5.693  -10.744 1.00 0.20  ? 57 THR A HA   1 
ATOM 821  H HB   . THR A 1 57 ? 8.569   -8.117  -10.845 1.00 0.26  ? 57 THR A HB   1 
ATOM 822  H HG1  . THR A 1 57 ? 8.662   -8.147  -8.392  1.00 0.91  ? 57 THR A HG1  1 
ATOM 823  H HG21 . THR A 1 57 ? 10.728  -8.419  -11.567 1.00 1.04  ? 57 THR A HG21 1 
ATOM 824  H HG22 . THR A 1 57 ? 11.425  -7.731  -10.101 1.00 1.05  ? 57 THR A HG22 1 
ATOM 825  H HG23 . THR A 1 57 ? 10.774  -6.670  -11.350 1.00 1.06  ? 57 THR A HG23 1 
ATOM 826  N N    . ALA A 1 58 ? 7.539   -5.922  -7.798  1.00 0.17  ? 58 ALA A N    1 
ATOM 827  C CA   . ALA A 1 58 ? 6.331   -5.928  -6.980  1.00 0.18  ? 58 ALA A CA   1 
ATOM 828  C C    . ALA A 1 58 ? 5.531   -4.649  -7.205  1.00 0.22  ? 58 ALA A C    1 
ATOM 829  O O    . ALA A 1 58 ? 6.091   -3.554  -7.236  1.00 0.50  ? 58 ALA A O    1 
ATOM 830  C CB   . ALA A 1 58 ? 6.700   -6.052  -5.502  1.00 0.23  ? 58 ALA A CB   1 
ATOM 831  H H    . ALA A 1 58 ? 8.386   -5.630  -7.404  1.00 0.17  ? 58 ALA A H    1 
ATOM 832  H HA   . ALA A 1 58 ? 5.723   -6.775  -7.260  1.00 0.19  ? 58 ALA A HA   1 
ATOM 833  H HB1  . ALA A 1 58 ? 7.477   -6.793  -5.386  1.00 1.05  ? 58 ALA A HB1  1 
ATOM 834  H HB2  . ALA A 1 58 ? 5.830   -6.352  -4.937  1.00 1.04  ? 58 ALA A HB2  1 
ATOM 835  H HB3  . ALA A 1 58 ? 7.055   -5.099  -5.138  1.00 1.04  ? 58 ALA A HB3  1 
ATOM 836  N N    . THR A 1 59 ? 4.219   -4.792  -7.360  1.00 0.19  ? 59 THR A N    1 
ATOM 837  C CA   . THR A 1 59 ? 3.358   -3.635  -7.579  1.00 0.17  ? 59 THR A CA   1 
ATOM 838  C C    . THR A 1 59 ? 2.131   -3.702  -6.676  1.00 0.15  ? 59 THR A C    1 
ATOM 839  O O    . THR A 1 59 ? 1.142   -3.005  -6.903  1.00 0.16  ? 59 THR A O    1 
ATOM 840  C CB   . THR A 1 59 ? 2.917   -3.577  -9.044  1.00 0.21  ? 59 THR A CB   1 
ATOM 841  O OG1  . THR A 1 59 ? 2.378   -4.835  -9.426  1.00 0.29  ? 59 THR A OG1  1 
ATOM 842  C CG2  . THR A 1 59 ? 4.119   -3.241  -9.929  1.00 0.30  ? 59 THR A CG2  1 
ATOM 843  H H    . THR A 1 59 ? 3.824   -5.689  -7.326  1.00 0.38  ? 59 THR A H    1 
ATOM 844  H HA   . THR A 1 59 ? 3.913   -2.739  -7.348  1.00 0.20  ? 59 THR A HA   1 
ATOM 845  H HB   . THR A 1 59 ? 2.164   -2.811  -9.162  1.00 0.26  ? 59 THR A HB   1 
ATOM 846  H HG1  . THR A 1 59 ? 3.034   -5.508  -9.235  1.00 0.90  ? 59 THR A HG1  1 
ATOM 847  H HG21 . THR A 1 59 ? 3.787   -3.086  -10.943 1.00 1.07  ? 59 THR A HG21 1 
ATOM 848  H HG22 . THR A 1 59 ? 4.826   -4.057  -9.902  1.00 1.07  ? 59 THR A HG22 1 
ATOM 849  H HG23 . THR A 1 59 ? 4.595   -2.341  -9.565  1.00 1.05  ? 59 THR A HG23 1 
ATOM 850  N N    . SER A 1 60 ? 2.204   -4.541  -5.648  1.00 0.14  ? 60 SER A N    1 
ATOM 851  C CA   . SER A 1 60 ? 1.101   -4.694  -4.708  1.00 0.15  ? 60 SER A CA   1 
ATOM 852  C C    . SER A 1 60 ? 1.573   -5.470  -3.485  1.00 0.15  ? 60 SER A C    1 
ATOM 853  O O    . SER A 1 60 ? 2.438   -6.339  -3.592  1.00 0.19  ? 60 SER A O    1 
ATOM 854  C CB   . SER A 1 60 ? -0.061  -5.438  -5.367  1.00 0.18  ? 60 SER A CB   1 
ATOM 855  O OG   . SER A 1 60 ? 0.245   -6.825  -5.427  1.00 0.23  ? 60 SER A OG   1 
ATOM 856  H H    . SER A 1 60 ? 3.019   -5.070  -5.508  1.00 0.15  ? 60 SER A H    1 
ATOM 857  H HA   . SER A 1 60 ? 0.763   -3.717  -4.397  1.00 0.16  ? 60 SER A HA   1 
ATOM 858  H HB2  . SER A 1 60 ? -0.958  -5.299  -4.784  1.00 0.21  ? 60 SER A HB2  1 
ATOM 859  H HB3  . SER A 1 60 ? -0.218  -5.049  -6.364  1.00 0.25  ? 60 SER A HB3  1 
ATOM 860  H HG   . SER A 1 60 ? 0.502   -7.034  -6.328  1.00 0.92  ? 60 SER A HG   1 
ATOM 861  N N    . VAL A 1 61 ? 1.014   -5.152  -2.325  1.00 0.14  ? 61 VAL A N    1 
ATOM 862  C CA   . VAL A 1 61 ? 1.411   -5.838  -1.101  1.00 0.16  ? 61 VAL A CA   1 
ATOM 863  C C    . VAL A 1 61 ? 0.279   -5.859  -0.081  1.00 0.15  ? 61 VAL A C    1 
ATOM 864  O O    . VAL A 1 61 ? -0.555  -4.955  -0.037  1.00 0.15  ? 61 VAL A O    1 
ATOM 865  C CB   . VAL A 1 61 ? 2.628   -5.143  -0.489  1.00 0.21  ? 61 VAL A CB   1 
ATOM 866  C CG1  . VAL A 1 61 ? 2.189   -3.837  0.171   1.00 0.23  ? 61 VAL A CG1  1 
ATOM 867  C CG2  . VAL A 1 61 ? 3.260   -6.056  0.563   1.00 0.28  ? 61 VAL A CG2  1 
ATOM 868  H H    . VAL A 1 61 ? 0.334   -4.446  -2.290  1.00 0.14  ? 61 VAL A H    1 
ATOM 869  H HA   . VAL A 1 61 ? 1.681   -6.854  -1.343  1.00 0.19  ? 61 VAL A HA   1 
ATOM 870  H HB   . VAL A 1 61 ? 3.347   -4.930  -1.265  1.00 0.21  ? 61 VAL A HB   1 
ATOM 871  H HG11 . VAL A 1 61 ? 2.975   -3.102  0.075   1.00 0.95  ? 61 VAL A HG11 1 
ATOM 872  H HG12 . VAL A 1 61 ? 1.987   -4.011  1.218   1.00 0.94  ? 61 VAL A HG12 1 
ATOM 873  H HG13 . VAL A 1 61 ? 1.294   -3.470  -0.311  1.00 0.94  ? 61 VAL A HG13 1 
ATOM 874  H HG21 . VAL A 1 61 ? 2.483   -6.578  1.101   1.00 1.02  ? 61 VAL A HG21 1 
ATOM 875  H HG22 . VAL A 1 61 ? 3.840   -5.462  1.254   1.00 1.06  ? 61 VAL A HG22 1 
ATOM 876  H HG23 . VAL A 1 61 ? 3.906   -6.774  0.077   1.00 1.09  ? 61 VAL A HG23 1 
ATOM 877  N N    . ASN A 1 62 ? 0.272   -6.900  0.746   1.00 0.17  ? 62 ASN A N    1 
ATOM 878  C CA   . ASN A 1 62 ? -0.745  -7.043  1.778   1.00 0.17  ? 62 ASN A CA   1 
ATOM 879  C C    . ASN A 1 62 ? -0.138  -6.744  3.149   1.00 0.17  ? 62 ASN A C    1 
ATOM 880  O O    . ASN A 1 62 ? 0.858   -7.352  3.540   1.00 0.21  ? 62 ASN A O    1 
ATOM 881  C CB   . ASN A 1 62 ? -1.309  -8.466  1.763   1.00 0.22  ? 62 ASN A CB   1 
ATOM 882  C CG   . ASN A 1 62 ? -2.244  -8.670  2.950   1.00 0.36  ? 62 ASN A CG   1 
ATOM 883  O OD1  . ASN A 1 62 ? -2.242  -9.734  3.566   1.00 1.07  ? 62 ASN A OD1  1 
ATOM 884  N ND2  . ASN A 1 62 ? -3.047  -7.706  3.308   1.00 0.71  ? 62 ASN A ND2  1 
ATOM 885  H H    . ASN A 1 62 ? 0.970   -7.581  0.659   1.00 0.21  ? 62 ASN A H    1 
ATOM 886  H HA   . ASN A 1 62 ? -1.548  -6.345  1.582   1.00 0.16  ? 62 ASN A HA   1 
ATOM 887  H HB2  . ASN A 1 62 ? -1.855  -8.624  0.845   1.00 0.27  ? 62 ASN A HB2  1 
ATOM 888  H HB3  . ASN A 1 62 ? -0.497  -9.173  1.823   1.00 0.27  ? 62 ASN A HB3  1 
ATOM 889  H HD21 . ASN A 1 62 ? -3.047  -6.859  2.817   1.00 1.31  ? 62 ASN A HD21 1 
ATOM 890  H HD22 . ASN A 1 62 ? -3.651  -7.830  4.070   1.00 0.71  ? 62 ASN A HD22 1 
ATOM 891  N N    . ILE A 1 63 ? -0.742  -5.807  3.870   1.00 0.16  ? 63 ILE A N    1 
ATOM 892  C CA   . ILE A 1 63 ? -0.250  -5.436  5.191   1.00 0.19  ? 63 ILE A CA   1 
ATOM 893  C C    . ILE A 1 63 ? -1.060  -6.117  6.287   1.00 0.20  ? 63 ILE A C    1 
ATOM 894  O O    . ILE A 1 63 ? -2.190  -5.722  6.574   1.00 0.20  ? 63 ILE A O    1 
ATOM 895  C CB   . ILE A 1 63 ? -0.328  -3.923  5.377   1.00 0.21  ? 63 ILE A CB   1 
ATOM 896  C CG1  . ILE A 1 63 ? 0.087   -3.227  4.077   1.00 0.22  ? 63 ILE A CG1  1 
ATOM 897  C CG2  . ILE A 1 63 ? 0.611   -3.511  6.510   1.00 0.27  ? 63 ILE A CG2  1 
ATOM 898  C CD1  . ILE A 1 63 ? 0.500   -1.785  4.379   1.00 0.29  ? 63 ILE A CD1  1 
ATOM 899  H H    . ILE A 1 63 ? -1.532  -5.360  3.511   1.00 0.15  ? 63 ILE A H    1 
ATOM 900  H HA   . ILE A 1 63 ? 0.782   -5.742  5.278   1.00 0.23  ? 63 ILE A HA   1 
ATOM 901  H HB   . ILE A 1 63 ? -1.340  -3.645  5.630   1.00 0.22  ? 63 ILE A HB   1 
ATOM 902  H HG12 . ILE A 1 63 ? 0.917   -3.756  3.632   1.00 0.21  ? 63 ILE A HG12 1 
ATOM 903  H HG13 . ILE A 1 63 ? -0.746  -3.223  3.391   1.00 0.23  ? 63 ILE A HG13 1 
ATOM 904  H HG21 . ILE A 1 63 ? 0.037   -3.069  7.310   1.00 1.02  ? 63 ILE A HG21 1 
ATOM 905  H HG22 . ILE A 1 63 ? 1.330   -2.794  6.143   1.00 1.09  ? 63 ILE A HG22 1 
ATOM 906  H HG23 . ILE A 1 63 ? 1.130   -4.383  6.883   1.00 1.03  ? 63 ILE A HG23 1 
ATOM 907  H HD11 . ILE A 1 63 ? -0.214  -1.340  5.055   1.00 1.06  ? 63 ILE A HD11 1 
ATOM 908  H HD12 . ILE A 1 63 ? 0.527   -1.219  3.460   1.00 1.05  ? 63 ILE A HD12 1 
ATOM 909  H HD13 . ILE A 1 63 ? 1.480   -1.779  4.834   1.00 1.04  ? 63 ILE A HD13 1 
ATOM 910  N N    . PRO A 1 64 ? -0.499  -7.119  6.901   1.00 0.27  ? 64 PRO A N    1 
ATOM 911  C CA   . PRO A 1 64 ? -1.161  -7.875  7.987   1.00 0.31  ? 64 PRO A CA   1 
ATOM 912  C C    . PRO A 1 64 ? -0.854  -7.294  9.367   1.00 0.32  ? 64 PRO A C    1 
ATOM 913  O O    . PRO A 1 64 ? -0.127  -6.310  9.497   1.00 0.36  ? 64 PRO A O    1 
ATOM 914  C CB   . PRO A 1 64 ? -0.552  -9.265  7.833   1.00 0.40  ? 64 PRO A CB   1 
ATOM 915  C CG   . PRO A 1 64 ? 0.834   -9.030  7.320   1.00 0.43  ? 64 PRO A CG   1 
ATOM 916  C CD   . PRO A 1 64 ? 0.836   -7.661  6.623   1.00 0.34  ? 64 PRO A CD   1 
ATOM 917  H HA   . PRO A 1 64 ? -2.224  -7.924  7.824   1.00 0.30  ? 64 PRO A HA   1 
ATOM 918  H HB2  . PRO A 1 64 ? -0.523  -9.769  8.789   1.00 0.44  ? 64 PRO A HB2  1 
ATOM 919  H HB3  . PRO A 1 64 ? -1.116  -9.842  7.117   1.00 0.43  ? 64 PRO A HB3  1 
ATOM 920  H HG2  . PRO A 1 64 ? 1.536   -9.030  8.143   1.00 0.48  ? 64 PRO A HG2  1 
ATOM 921  H HG3  . PRO A 1 64 ? 1.100   -9.796  6.608   1.00 0.48  ? 64 PRO A HG3  1 
ATOM 922  H HD2  . PRO A 1 64 ? 1.599   -7.025  7.049   1.00 0.37  ? 64 PRO A HD2  1 
ATOM 923  H HD3  . PRO A 1 64 ? 0.979   -7.775  5.562   1.00 0.34  ? 64 PRO A HD3  1 
ATOM 924  N N    . ASP A 1 65 ? -1.408  -7.931  10.388  1.00 0.33  ? 65 ASP A N    1 
ATOM 925  C CA   . ASP A 1 65 ? -1.196  -7.506  11.769  1.00 0.37  ? 65 ASP A CA   1 
ATOM 926  C C    . ASP A 1 65 ? -1.722  -6.091  12.006  1.00 0.34  ? 65 ASP A C    1 
ATOM 927  O O    . ASP A 1 65 ? -1.171  -5.345  12.815  1.00 0.38  ? 65 ASP A O    1 
ATOM 928  C CB   . ASP A 1 65 ? 0.295   -7.558  12.105  1.00 0.45  ? 65 ASP A CB   1 
ATOM 929  C CG   . ASP A 1 65 ? 0.787   -9.001  12.069  1.00 0.51  ? 65 ASP A CG   1 
ATOM 930  O OD1  . ASP A 1 65 ? -0.038  -9.882  11.898  1.00 1.26  ? 65 ASP A OD1  1 
ATOM 931  O OD2  . ASP A 1 65 ? 1.981   -9.201  12.214  1.00 1.13  ? 65 ASP A OD2  1 
ATOM 932  H H    . ASP A 1 65 ? -1.964  -8.711  10.208  1.00 0.35  ? 65 ASP A H    1 
ATOM 933  H HA   . ASP A 1 65 ? -1.722  -8.184  12.425  1.00 0.39  ? 65 ASP A HA   1 
ATOM 934  H HB2  . ASP A 1 65 ? 0.846   -6.973  11.383  1.00 0.45  ? 65 ASP A HB2  1 
ATOM 935  H HB3  . ASP A 1 65 ? 0.455   -7.149  13.093  1.00 0.49  ? 65 ASP A HB3  1 
ATOM 936  N N    . LEU A 1 66 ? -2.789  -5.730  11.304  1.00 0.28  ? 66 LEU A N    1 
ATOM 937  C CA   . LEU A 1 66 ? -3.377  -4.404  11.460  1.00 0.29  ? 66 LEU A CA   1 
ATOM 938  C C    . LEU A 1 66 ? -4.378  -4.396  12.612  1.00 0.29  ? 66 LEU A C    1 
ATOM 939  O O    . LEU A 1 66 ? -5.025  -5.406  12.890  1.00 0.31  ? 66 LEU A O    1 
ATOM 940  C CB   . LEU A 1 66 ? -4.070  -3.987  10.162  1.00 0.27  ? 66 LEU A CB   1 
ATOM 941  C CG   . LEU A 1 66 ? -3.036  -3.937  9.037   1.00 0.27  ? 66 LEU A CG   1 
ATOM 942  C CD1  . LEU A 1 66 ? -3.635  -3.238  7.817   1.00 0.27  ? 66 LEU A CD1  1 
ATOM 943  C CD2  . LEU A 1 66 ? -1.806  -3.161  9.515   1.00 0.32  ? 66 LEU A CD2  1 
ATOM 944  H H    . LEU A 1 66 ? -3.193  -6.364  10.676  1.00 0.27  ? 66 LEU A H    1 
ATOM 945  H HA   . LEU A 1 66 ? -2.591  -3.697  11.677  1.00 0.33  ? 66 LEU A HA   1 
ATOM 946  H HB2  . LEU A 1 66 ? -4.840  -4.704  9.916   1.00 0.27  ? 66 LEU A HB2  1 
ATOM 947  H HB3  . LEU A 1 66 ? -4.512  -3.009  10.287  1.00 0.30  ? 66 LEU A HB3  1 
ATOM 948  H HG   . LEU A 1 66 ? -2.747  -4.943  8.769   1.00 0.28  ? 66 LEU A HG   1 
ATOM 949  H HD11 . LEU A 1 66 ? -4.467  -3.817  7.442   1.00 1.04  ? 66 LEU A HD11 1 
ATOM 950  H HD12 . LEU A 1 66 ? -2.883  -3.150  7.047   1.00 1.08  ? 66 LEU A HD12 1 
ATOM 951  H HD13 . LEU A 1 66 ? -3.980  -2.254  8.097   1.00 1.04  ? 66 LEU A HD13 1 
ATOM 952  H HD21 . LEU A 1 66 ? -1.127  -3.020  8.690   1.00 1.02  ? 66 LEU A HD21 1 
ATOM 953  H HD22 . LEU A 1 66 ? -1.311  -3.718  10.296  1.00 1.12  ? 66 LEU A HD22 1 
ATOM 954  H HD23 . LEU A 1 66 ? -2.113  -2.200  9.897   1.00 1.07  ? 66 LEU A HD23 1 
ATOM 955  N N    . LEU A 1 67 ? -4.497  -3.254  13.284  1.00 0.32  ? 67 LEU A N    1 
ATOM 956  C CA   . LEU A 1 67 ? -5.415  -3.128  14.406  1.00 0.34  ? 67 LEU A CA   1 
ATOM 957  C C    . LEU A 1 67 ? -6.799  -2.707  13.925  1.00 0.30  ? 67 LEU A C    1 
ATOM 958  O O    . LEU A 1 67 ? -6.983  -1.606  13.407  1.00 0.34  ? 67 LEU A O    1 
ATOM 959  C CB   . LEU A 1 67 ? -4.883  -2.087  15.392  1.00 0.37  ? 67 LEU A CB   1 
ATOM 960  C CG   . LEU A 1 67 ? -3.742  -2.692  16.213  1.00 0.49  ? 67 LEU A CG   1 
ATOM 961  C CD1  . LEU A 1 67 ? -2.898  -1.568  16.815  1.00 0.53  ? 67 LEU A CD1  1 
ATOM 962  C CD2  . LEU A 1 67 ? -4.322  -3.551  17.338  1.00 0.58  ? 67 LEU A CD2  1 
ATOM 963  H H    . LEU A 1 67 ? -3.958  -2.481  13.024  1.00 0.36  ? 67 LEU A H    1 
ATOM 964  H HA   . LEU A 1 67 ? -5.491  -4.079  14.910  1.00 0.37  ? 67 LEU A HA   1 
ATOM 965  H HB2  . LEU A 1 67 ? -4.520  -1.229  14.847  1.00 0.35  ? 67 LEU A HB2  1 
ATOM 966  H HB3  . LEU A 1 67 ? -5.677  -1.781  16.054  1.00 0.40  ? 67 LEU A HB3  1 
ATOM 967  H HG   . LEU A 1 67 ? -3.123  -3.302  15.571  1.00 0.52  ? 67 LEU A HG   1 
ATOM 968  H HD11 . LEU A 1 67 ? -2.705  -0.818  16.063  1.00 1.14  ? 67 LEU A HD11 1 
ATOM 969  H HD12 . LEU A 1 67 ? -1.961  -1.973  17.170  1.00 1.05  ? 67 LEU A HD12 1 
ATOM 970  H HD13 . LEU A 1 67 ? -3.431  -1.120  17.641  1.00 1.10  ? 67 LEU A HD13 1 
ATOM 971  H HD21 . LEU A 1 67 ? -4.722  -2.910  18.110  1.00 1.30  ? 67 LEU A HD21 1 
ATOM 972  H HD22 . LEU A 1 67 ? -3.544  -4.173  17.753  1.00 1.15  ? 67 LEU A HD22 1 
ATOM 973  H HD23 . LEU A 1 67 ? -5.111  -4.175  16.944  1.00 1.09  ? 67 LEU A HD23 1 
ATOM 974  N N    . PRO A 1 68 ? -7.766  -3.566  14.093  1.00 0.33  ? 68 PRO A N    1 
ATOM 975  C CA   . PRO A 1 68 ? -9.171  -3.292  13.676  1.00 0.32  ? 68 PRO A CA   1 
ATOM 976  C C    . PRO A 1 68 ? -9.743  -2.053  14.364  1.00 0.32  ? 68 PRO A C    1 
ATOM 977  O O    . PRO A 1 68 ? -9.495  -1.820  15.548  1.00 0.53  ? 68 PRO A O    1 
ATOM 978  C CB   . PRO A 1 68 ? -9.946  -4.547  14.099  1.00 0.42  ? 68 PRO A CB   1 
ATOM 979  C CG   . PRO A 1 68 ? -8.922  -5.605  14.362  1.00 0.66  ? 68 PRO A CG   1 
ATOM 980  C CD   . PRO A 1 68 ? -7.615  -4.892  14.699  1.00 0.46  ? 68 PRO A CD   1 
ATOM 981  H HA   . PRO A 1 68 ? -9.227  -3.181  12.605  1.00 0.34  ? 68 PRO A HA   1 
ATOM 982  H HB2  . PRO A 1 68 ? -10.514 -4.347  14.997  1.00 0.45  ? 68 PRO A HB2  1 
ATOM 983  H HB3  . PRO A 1 68 ? -10.604 -4.863  13.305  1.00 0.59  ? 68 PRO A HB3  1 
ATOM 984  H HG2  . PRO A 1 68 ? -9.236  -6.220  15.194  1.00 0.91  ? 68 PRO A HG2  1 
ATOM 985  H HG3  . PRO A 1 68 ? -8.786  -6.214  13.482  1.00 0.92  ? 68 PRO A HG3  1 
ATOM 986  H HD2  . PRO A 1 68 ? -7.493  -4.808  15.770  1.00 0.52  ? 68 PRO A HD2  1 
ATOM 987  H HD3  . PRO A 1 68 ? -6.777  -5.408  14.260  1.00 0.47  ? 68 PRO A HD3  1 
ATOM 988  N N    . GLY A 1 69 ? -10.507 -1.264  13.617  1.00 0.29  ? 69 GLY A N    1 
ATOM 989  C CA   . GLY A 1 69 ? -11.109 -0.054  14.167  1.00 0.28  ? 69 GLY A CA   1 
ATOM 990  C C    . GLY A 1 69 ? -10.080 1.068   14.281  1.00 0.24  ? 69 GLY A C    1 
ATOM 991  O O    . GLY A 1 69 ? -10.258 2.009   15.053  1.00 0.24  ? 69 GLY A O    1 
ATOM 992  H H    . GLY A 1 69 ? -10.669 -1.499  12.679  1.00 0.44  ? 69 GLY A H    1 
ATOM 993  H HA2  . GLY A 1 69 ? -11.914 0.267   13.523  1.00 0.33  ? 69 GLY A HA2  1 
ATOM 994  H HA3  . GLY A 1 69 ? -11.504 -0.270  15.149  1.00 0.33  ? 69 GLY A HA3  1 
ATOM 995  N N    . ARG A 1 70 ? -9.005  0.958   13.509  1.00 0.22  ? 70 ARG A N    1 
ATOM 996  C CA   . ARG A 1 70 ? -7.955  1.970   13.533  1.00 0.20  ? 70 ARG A CA   1 
ATOM 997  C C    . ARG A 1 70 ? -7.668  2.477   12.128  1.00 0.17  ? 70 ARG A C    1 
ATOM 998  O O    . ARG A 1 70 ? -7.813  1.744   11.151  1.00 0.19  ? 70 ARG A O    1 
ATOM 999  C CB   . ARG A 1 70 ? -6.678  1.383   14.134  1.00 0.23  ? 70 ARG A CB   1 
ATOM 1000 C CG   . ARG A 1 70 ? -6.931  0.994   15.588  1.00 0.26  ? 70 ARG A CG   1 
ATOM 1001 C CD   . ARG A 1 70 ? -6.937  2.256   16.446  1.00 0.49  ? 70 ARG A CD   1 
ATOM 1002 N NE   . ARG A 1 70 ? -5.656  2.409   17.123  1.00 1.13  ? 70 ARG A NE   1 
ATOM 1003 C CZ   . ARG A 1 70 ? -5.290  1.584   18.097  1.00 1.76  ? 70 ARG A CZ   1 
ATOM 1004 N NH1  . ARG A 1 70 ? -6.086  0.621   18.471  1.00 2.33  ? 70 ARG A NH1  1 
ATOM 1005 N NH2  . ARG A 1 70 ? -4.133  1.736   18.680  1.00 2.25  ? 70 ARG A NH2  1 
ATOM 1006 H H    . ARG A 1 70 ? -8.915  0.184   12.913  1.00 0.25  ? 70 ARG A H    1 
ATOM 1007 H HA   . ARG A 1 70 ? -8.278  2.798   14.141  1.00 0.20  ? 70 ARG A HA   1 
ATOM 1008 H HB2  . ARG A 1 70 ? -6.382  0.510   13.573  1.00 0.28  ? 70 ARG A HB2  1 
ATOM 1009 H HB3  . ARG A 1 70 ? -5.891  2.121   14.098  1.00 0.31  ? 70 ARG A HB3  1 
ATOM 1010 H HG2  . ARG A 1 70 ? -7.888  0.496   15.667  1.00 0.33  ? 70 ARG A HG2  1 
ATOM 1011 H HG3  . ARG A 1 70 ? -6.149  0.333   15.928  1.00 0.35  ? 70 ARG A HG3  1 
ATOM 1012 H HD2  . ARG A 1 70 ? -7.113  3.114   15.818  1.00 0.47  ? 70 ARG A HD2  1 
ATOM 1013 H HD3  . ARG A 1 70 ? -7.725  2.182   17.177  1.00 0.78  ? 70 ARG A HD3  1 
ATOM 1014 H HE   . ARG A 1 70 ? -5.052  3.132   16.852  1.00 1.56  ? 70 ARG A HE   1 
ATOM 1015 H HH11 . ARG A 1 70 ? -6.973  0.504   18.025  1.00 2.21  ? 70 ARG A HH11 1 
ATOM 1016 H HH12 . ARG A 1 70 ? -5.809  -0.001  19.203  1.00 3.05  ? 70 ARG A HH12 1 
ATOM 1017 H HH21 . ARG A 1 70 ? -3.523  2.473   18.393  1.00 2.20  ? 70 ARG A HH21 1 
ATOM 1018 H HH22 . ARG A 1 70 ? -3.857  1.116   19.414  1.00 2.89  ? 70 ARG A HH22 1 
ATOM 1019 N N    . LYS A 1 71 ? -7.245  3.733   12.035  1.00 0.15  ? 71 LYS A N    1 
ATOM 1020 C CA   . LYS A 1 71 ? -6.925  4.319   10.746  1.00 0.15  ? 71 LYS A CA   1 
ATOM 1021 C C    . LYS A 1 71 ? -5.419  4.306   10.534  1.00 0.13  ? 71 LYS A C    1 
ATOM 1022 O O    . LYS A 1 71 ? -4.655  4.706   11.411  1.00 0.14  ? 71 LYS A O    1 
ATOM 1023 C CB   . LYS A 1 71 ? -7.445  5.753   10.667  1.00 0.17  ? 71 LYS A CB   1 
ATOM 1024 C CG   . LYS A 1 71 ? -7.359  6.239   9.219   1.00 0.22  ? 71 LYS A CG   1 
ATOM 1025 C CD   . LYS A 1 71 ? -7.900  7.666   9.123   1.00 0.25  ? 71 LYS A CD   1 
ATOM 1026 C CE   . LYS A 1 71 ? -8.154  8.013   7.655   1.00 0.32  ? 71 LYS A CE   1 
ATOM 1027 N NZ   . LYS A 1 71 ? -8.903  9.298   7.570   1.00 0.86  ? 71 LYS A NZ   1 
ATOM 1028 H H    . LYS A 1 71 ? -7.130  4.272   12.847  1.00 0.16  ? 71 LYS A H    1 
ATOM 1029 H HA   . LYS A 1 71 ? -7.394  3.734   9.970   1.00 0.16  ? 71 LYS A HA   1 
ATOM 1030 H HB2  . LYS A 1 71 ? -8.473  5.783   10.998  1.00 0.19  ? 71 LYS A HB2  1 
ATOM 1031 H HB3  . LYS A 1 71 ? -6.844  6.391   11.296  1.00 0.18  ? 71 LYS A HB3  1 
ATOM 1032 H HG2  . LYS A 1 71 ? -6.329  6.221   8.896   1.00 0.25  ? 71 LYS A HG2  1 
ATOM 1033 H HG3  . LYS A 1 71 ? -7.946  5.590   8.587   1.00 0.25  ? 71 LYS A HG3  1 
ATOM 1034 H HD2  . LYS A 1 71 ? -8.826  7.738   9.676   1.00 0.27  ? 71 LYS A HD2  1 
ATOM 1035 H HD3  . LYS A 1 71 ? -7.178  8.354   9.534   1.00 0.27  ? 71 LYS A HD3  1 
ATOM 1036 H HE2  . LYS A 1 71 ? -7.210  8.113   7.140   1.00 0.60  ? 71 LYS A HE2  1 
ATOM 1037 H HE3  . LYS A 1 71 ? -8.734  7.227   7.195   1.00 0.59  ? 71 LYS A HE3  1 
ATOM 1038 H HZ1  . LYS A 1 71 ? -8.707  9.871   8.416   1.00 1.39  ? 71 LYS A HZ1  1 
ATOM 1039 H HZ2  . LYS A 1 71 ? -9.923  9.101   7.512   1.00 1.48  ? 71 LYS A HZ2  1 
ATOM 1040 H HZ3  . LYS A 1 71 ? -8.602  9.820   6.724   1.00 1.30  ? 71 LYS A HZ3  1 
ATOM 1041 N N    . TYR A 1 72 ? -5.001  3.842   9.370   1.00 0.12  ? 72 TYR A N    1 
ATOM 1042 C CA   . TYR A 1 72 ? -3.581  3.778   9.056   1.00 0.13  ? 72 TYR A CA   1 
ATOM 1043 C C    . TYR A 1 72 ? -3.257  4.607   7.821   1.00 0.13  ? 72 TYR A C    1 
ATOM 1044 O O    . TYR A 1 72 ? -4.063  4.706   6.895   1.00 0.16  ? 72 TYR A O    1 
ATOM 1045 C CB   . TYR A 1 72 ? -3.167  2.334   8.778   1.00 0.15  ? 72 TYR A CB   1 
ATOM 1046 C CG   . TYR A 1 72 ? -3.234  1.515   10.042  1.00 0.21  ? 72 TYR A CG   1 
ATOM 1047 C CD1  . TYR A 1 72 ? -4.461  1.010   10.487  1.00 0.25  ? 72 TYR A CD1  1 
ATOM 1048 C CD2  . TYR A 1 72 ? -2.064  1.248   10.763  1.00 0.35  ? 72 TYR A CD2  1 
ATOM 1049 C CE1  . TYR A 1 72 ? -4.518  0.240   11.654  1.00 0.34  ? 72 TYR A CE1  1 
ATOM 1050 C CE2  . TYR A 1 72 ? -2.121  0.478   11.930  1.00 0.44  ? 72 TYR A CE2  1 
ATOM 1051 C CZ   . TYR A 1 72 ? -3.348  -0.027  12.375  1.00 0.41  ? 72 TYR A CZ   1 
ATOM 1052 O OH   . TYR A 1 72 ? -3.403  -0.789  13.525  1.00 0.52  ? 72 TYR A OH   1 
ATOM 1053 H H    . TYR A 1 72 ? -5.658  3.537   8.711   1.00 0.13  ? 72 TYR A H    1 
ATOM 1054 H HA   . TYR A 1 72 ? -3.013  4.148   9.898   1.00 0.15  ? 72 TYR A HA   1 
ATOM 1055 H HB2  . TYR A 1 72 ? -3.831  1.912   8.038   1.00 0.18  ? 72 TYR A HB2  1 
ATOM 1056 H HB3  . TYR A 1 72 ? -2.156  2.323   8.398   1.00 0.19  ? 72 TYR A HB3  1 
ATOM 1057 H HD1  . TYR A 1 72 ? -5.363  1.215   9.931   1.00 0.29  ? 72 TYR A HD1  1 
ATOM 1058 H HD2  . TYR A 1 72 ? -1.118  1.639   10.419  1.00 0.43  ? 72 TYR A HD2  1 
ATOM 1059 H HE1  . TYR A 1 72 ? -5.465  -0.150  11.998  1.00 0.42  ? 72 TYR A HE1  1 
ATOM 1060 H HE2  . TYR A 1 72 ? -1.217  0.272   12.485  1.00 0.56  ? 72 TYR A HE2  1 
ATOM 1061 H HH   . TYR A 1 72 ? -2.558  -1.231  13.629  1.00 0.89  ? 72 TYR A HH   1 
ATOM 1062 N N    . ILE A 1 73 ? -2.054  5.161   7.796   1.00 0.14  ? 73 ILE A N    1 
ATOM 1063 C CA   . ILE A 1 73 ? -1.604  5.937   6.652   1.00 0.15  ? 73 ILE A CA   1 
ATOM 1064 C C    . ILE A 1 73 ? -0.603  5.099   5.874   1.00 0.15  ? 73 ILE A C    1 
ATOM 1065 O O    . ILE A 1 73 ? 0.373   4.605   6.438   1.00 0.18  ? 73 ILE A O    1 
ATOM 1066 C CB   . ILE A 1 73 ? -0.967  7.248   7.107   1.00 0.20  ? 73 ILE A CB   1 
ATOM 1067 C CG1  . ILE A 1 73 ? -1.973  8.019   7.959   1.00 0.23  ? 73 ILE A CG1  1 
ATOM 1068 C CG2  . ILE A 1 73 ? -0.590  8.086   5.884   1.00 0.23  ? 73 ILE A CG2  1 
ATOM 1069 C CD1  . ILE A 1 73 ? -1.294  9.245   8.570   1.00 0.30  ? 73 ILE A CD1  1 
ATOM 1070 H H    . ILE A 1 73 ? -1.444  5.020   8.549   1.00 0.17  ? 73 ILE A H    1 
ATOM 1071 H HA   . ILE A 1 73 ? -2.450  6.156   6.013   1.00 0.15  ? 73 ILE A HA   1 
ATOM 1072 H HB   . ILE A 1 73 ? -0.081  7.037   7.690   1.00 0.22  ? 73 ILE A HB   1 
ATOM 1073 H HG12 . ILE A 1 73 ? -2.800  8.335   7.340   1.00 0.25  ? 73 ILE A HG12 1 
ATOM 1074 H HG13 . ILE A 1 73 ? -2.338  7.380   8.748   1.00 0.22  ? 73 ILE A HG13 1 
ATOM 1075 H HG21 . ILE A 1 73 ? 0.484   8.117   5.785   1.00 1.05  ? 73 ILE A HG21 1 
ATOM 1076 H HG22 . ILE A 1 73 ? -0.971  9.090   6.006   1.00 1.08  ? 73 ILE A HG22 1 
ATOM 1077 H HG23 . ILE A 1 73 ? -1.021  7.643   4.998   1.00 1.01  ? 73 ILE A HG23 1 
ATOM 1078 H HD11 . ILE A 1 73 ? -0.286  9.323   8.191   1.00 1.05  ? 73 ILE A HD11 1 
ATOM 1079 H HD12 . ILE A 1 73 ? -1.269  9.144   9.644   1.00 1.00  ? 73 ILE A HD12 1 
ATOM 1080 H HD13 . ILE A 1 73 ? -1.849  10.131  8.304   1.00 1.12  ? 73 ILE A HD13 1 
ATOM 1081 N N    . VAL A 1 74 ? -0.859  4.918   4.590   1.00 0.14  ? 74 VAL A N    1 
ATOM 1082 C CA   . VAL A 1 74 ? 0.021   4.109   3.764   1.00 0.16  ? 74 VAL A CA   1 
ATOM 1083 C C    . VAL A 1 74 ? 0.707   4.950   2.696   1.00 0.16  ? 74 VAL A C    1 
ATOM 1084 O O    . VAL A 1 74 ? 0.065   5.733   1.994   1.00 0.18  ? 74 VAL A O    1 
ATOM 1085 C CB   . VAL A 1 74 ? -0.784  2.991   3.099   1.00 0.19  ? 74 VAL A CB   1 
ATOM 1086 C CG1  . VAL A 1 74 ? 0.170   2.029   2.390   1.00 0.23  ? 74 VAL A CG1  1 
ATOM 1087 C CG2  . VAL A 1 74 ? -1.580  2.229   4.166   1.00 0.23  ? 74 VAL A CG2  1 
ATOM 1088 H H    . VAL A 1 74 ? -1.656  5.326   4.193   1.00 0.15  ? 74 VAL A H    1 
ATOM 1089 H HA   . VAL A 1 74 ? 0.776   3.663   4.393   1.00 0.18  ? 74 VAL A HA   1 
ATOM 1090 H HB   . VAL A 1 74 ? -1.465  3.419   2.377   1.00 0.21  ? 74 VAL A HB   1 
ATOM 1091 H HG11 . VAL A 1 74 ? -0.323  1.080   2.237   1.00 1.01  ? 74 VAL A HG11 1 
ATOM 1092 H HG12 . VAL A 1 74 ? 1.051   1.883   2.997   1.00 1.02  ? 74 VAL A HG12 1 
ATOM 1093 H HG13 . VAL A 1 74 ? 0.456   2.444   1.435   1.00 1.00  ? 74 VAL A HG13 1 
ATOM 1094 H HG21 . VAL A 1 74 ? -0.996  1.394   4.524   1.00 1.10  ? 74 VAL A HG21 1 
ATOM 1095 H HG22 . VAL A 1 74 ? -2.502  1.864   3.737   1.00 0.96  ? 74 VAL A HG22 1 
ATOM 1096 H HG23 . VAL A 1 74 ? -1.804  2.889   4.990   1.00 1.06  ? 74 VAL A HG23 1 
ATOM 1097 N N    . ASN A 1 75 ? 2.015   4.769   2.577   1.00 0.16  ? 75 ASN A N    1 
ATOM 1098 C CA   . ASN A 1 75 ? 2.797   5.497   1.588   1.00 0.17  ? 75 ASN A CA   1 
ATOM 1099 C C    . ASN A 1 75 ? 3.773   4.547   0.908   1.00 0.15  ? 75 ASN A C    1 
ATOM 1100 O O    . ASN A 1 75 ? 4.591   3.906   1.568   1.00 0.16  ? 75 ASN A O    1 
ATOM 1101 C CB   . ASN A 1 75 ? 3.569   6.635   2.260   1.00 0.19  ? 75 ASN A CB   1 
ATOM 1102 C CG   . ASN A 1 75 ? 2.649   7.410   3.194   1.00 0.27  ? 75 ASN A CG   1 
ATOM 1103 O OD1  . ASN A 1 75 ? 1.911   8.291   2.751   1.00 0.34  ? 75 ASN A OD1  1 
ATOM 1104 N ND2  . ASN A 1 75 ? 2.651   7.134   4.468   1.00 0.36  ? 75 ASN A ND2  1 
ATOM 1105 H H    . ASN A 1 75 ? 2.464   4.124   3.160   1.00 0.16  ? 75 ASN A H    1 
ATOM 1106 H HA   . ASN A 1 75 ? 2.132   5.912   0.845   1.00 0.18  ? 75 ASN A HA   1 
ATOM 1107 H HB2  . ASN A 1 75 ? 4.390   6.223   2.828   1.00 0.21  ? 75 ASN A HB2  1 
ATOM 1108 H HB3  . ASN A 1 75 ? 3.955   7.301   1.503   1.00 0.22  ? 75 ASN A HB3  1 
ATOM 1109 H HD21 . ASN A 1 75 ? 3.240   6.434   4.817   1.00 0.40  ? 75 ASN A HD21 1 
ATOM 1110 H HD22 . ASN A 1 75 ? 2.064   7.628   5.076   1.00 0.43  ? 75 ASN A HD22 1 
ATOM 1111 N N    . VAL A 1 76 ? 3.678   4.454   -0.411  1.00 0.15  ? 76 VAL A N    1 
ATOM 1112 C CA   . VAL A 1 76 ? 4.556   3.567   -1.162  1.00 0.14  ? 76 VAL A CA   1 
ATOM 1113 C C    . VAL A 1 76 ? 5.685   4.352   -1.809  1.00 0.13  ? 76 VAL A C    1 
ATOM 1114 O O    . VAL A 1 76 ? 5.447   5.306   -2.552  1.00 0.14  ? 76 VAL A O    1 
ATOM 1115 C CB   . VAL A 1 76 ? 3.761   2.832   -2.239  1.00 0.16  ? 76 VAL A CB   1 
ATOM 1116 C CG1  . VAL A 1 76 ? 4.620   1.716   -2.835  1.00 0.19  ? 76 VAL A CG1  1 
ATOM 1117 C CG2  . VAL A 1 76 ? 2.500   2.227   -1.615  1.00 0.19  ? 76 VAL A CG2  1 
ATOM 1118 H H    . VAL A 1 76 ? 3.003   4.982   -0.886  1.00 0.16  ? 76 VAL A H    1 
ATOM 1119 H HA   . VAL A 1 76 ? 4.979   2.840   -0.484  1.00 0.14  ? 76 VAL A HA   1 
ATOM 1120 H HB   . VAL A 1 76 ? 3.483   3.527   -3.017  1.00 0.17  ? 76 VAL A HB   1 
ATOM 1121 H HG11 . VAL A 1 76 ? 5.485   2.146   -3.316  1.00 1.03  ? 76 VAL A HG11 1 
ATOM 1122 H HG12 . VAL A 1 76 ? 4.040   1.164   -3.560  1.00 1.06  ? 76 VAL A HG12 1 
ATOM 1123 H HG13 . VAL A 1 76 ? 4.941   1.049   -2.048  1.00 1.02  ? 76 VAL A HG13 1 
ATOM 1124 H HG21 . VAL A 1 76 ? 2.028   2.960   -0.978  1.00 1.05  ? 76 VAL A HG21 1 
ATOM 1125 H HG22 . VAL A 1 76 ? 2.769   1.360   -1.030  1.00 0.98  ? 76 VAL A HG22 1 
ATOM 1126 H HG23 . VAL A 1 76 ? 1.817   1.937   -2.398  1.00 1.07  ? 76 VAL A HG23 1 
ATOM 1127 N N    . TYR A 1 77 ? 6.915   3.938   -1.533  1.00 0.12  ? 77 TYR A N    1 
ATOM 1128 C CA   . TYR A 1 77 ? 8.081   4.600   -2.100  1.00 0.13  ? 77 TYR A CA   1 
ATOM 1129 C C    . TYR A 1 77 ? 8.847   3.630   -2.987  1.00 0.11  ? 77 TYR A C    1 
ATOM 1130 O O    . TYR A 1 77 ? 9.041   2.471   -2.625  1.00 0.13  ? 77 TYR A O    1 
ATOM 1131 C CB   . TYR A 1 77 ? 9.010   5.086   -0.984  1.00 0.15  ? 77 TYR A CB   1 
ATOM 1132 C CG   . TYR A 1 77 ? 8.229   5.901   0.018   1.00 0.16  ? 77 TYR A CG   1 
ATOM 1133 C CD1  . TYR A 1 77 ? 8.066   7.277   -0.172  1.00 0.20  ? 77 TYR A CD1  1 
ATOM 1134 C CD2  . TYR A 1 77 ? 7.671   5.279   1.141   1.00 0.23  ? 77 TYR A CD2  1 
ATOM 1135 C CE1  . TYR A 1 77 ? 7.345   8.032   0.760   1.00 0.24  ? 77 TYR A CE1  1 
ATOM 1136 C CE2  . TYR A 1 77 ? 6.952   6.033   2.074   1.00 0.26  ? 77 TYR A CE2  1 
ATOM 1137 C CZ   . TYR A 1 77 ? 6.788   7.409   1.884   1.00 0.24  ? 77 TYR A CZ   1 
ATOM 1138 O OH   . TYR A 1 77 ? 6.078   8.153   2.804   1.00 0.30  ? 77 TYR A OH   1 
ATOM 1139 H H    . TYR A 1 77 ? 7.046   3.167   -0.943  1.00 0.14  ? 77 TYR A H    1 
ATOM 1140 H HA   . TYR A 1 77 ? 7.760   5.446   -2.687  1.00 0.13  ? 77 TYR A HA   1 
ATOM 1141 H HB2  . TYR A 1 77 ? 9.450   4.233   -0.487  1.00 0.17  ? 77 TYR A HB2  1 
ATOM 1142 H HB3  . TYR A 1 77 ? 9.794   5.694   -1.409  1.00 0.17  ? 77 TYR A HB3  1 
ATOM 1143 H HD1  . TYR A 1 77 ? 8.496   7.758   -1.040  1.00 0.26  ? 77 TYR A HD1  1 
ATOM 1144 H HD2  . TYR A 1 77 ? 7.799   4.216   1.288   1.00 0.30  ? 77 TYR A HD2  1 
ATOM 1145 H HE1  . TYR A 1 77 ? 7.219   9.095   0.614   1.00 0.32  ? 77 TYR A HE1  1 
ATOM 1146 H HE2  . TYR A 1 77 ? 6.522   5.552   2.941   1.00 0.34  ? 77 TYR A HE2  1 
ATOM 1147 H HH   . TYR A 1 77 ? 6.323   9.075   2.695   1.00 0.92  ? 77 TYR A HH   1 
ATOM 1148 N N    . GLN A 1 78 ? 9.301   4.107   -4.139  1.00 0.11  ? 78 GLN A N    1 
ATOM 1149 C CA   . GLN A 1 78 ? 10.064  3.250   -5.034  1.00 0.10  ? 78 GLN A CA   1 
ATOM 1150 C C    . GLN A 1 78 ? 11.543  3.565   -4.870  1.00 0.10  ? 78 GLN A C    1 
ATOM 1151 O O    . GLN A 1 78 ? 11.936  4.729   -4.806  1.00 0.10  ? 78 GLN A O    1 
ATOM 1152 C CB   . GLN A 1 78 ? 9.644   3.468   -6.489  1.00 0.12  ? 78 GLN A CB   1 
ATOM 1153 C CG   . GLN A 1 78 ? 10.445  4.623   -7.091  1.00 0.13  ? 78 GLN A CG   1 
ATOM 1154 C CD   . GLN A 1 78 ? 9.745   5.147   -8.339  1.00 0.22  ? 78 GLN A CD   1 
ATOM 1155 O OE1  . GLN A 1 78 ? 10.063  6.233   -8.822  1.00 0.33  ? 78 GLN A OE1  1 
ATOM 1156 N NE2  . GLN A 1 78 ? 8.803   4.433   -8.896  1.00 0.37  ? 78 GLN A NE2  1 
ATOM 1157 H H    . GLN A 1 78 ? 9.134   5.041   -4.379  1.00 0.13  ? 78 GLN A H    1 
ATOM 1158 H HA   . GLN A 1 78 ? 9.892   2.218   -4.766  1.00 0.11  ? 78 GLN A HA   1 
ATOM 1159 H HB2  . GLN A 1 78 ? 9.832   2.567   -7.054  1.00 0.13  ? 78 GLN A HB2  1 
ATOM 1160 H HB3  . GLN A 1 78 ? 8.592   3.705   -6.527  1.00 0.14  ? 78 GLN A HB3  1 
ATOM 1161 H HG2  . GLN A 1 78 ? 10.529  5.419   -6.365  1.00 0.13  ? 78 GLN A HG2  1 
ATOM 1162 H HG3  . GLN A 1 78 ? 11.433  4.272   -7.358  1.00 0.14  ? 78 GLN A HG3  1 
ATOM 1163 H HE21 . GLN A 1 78 ? 8.553   3.567   -8.510  1.00 0.49  ? 78 GLN A HE21 1 
ATOM 1164 H HE22 . GLN A 1 78 ? 8.349   4.761   -9.698  1.00 0.43  ? 78 GLN A HE22 1 
ATOM 1165 N N    . ILE A 1 79 ? 12.358  2.526   -4.778  1.00 0.10  ? 79 ILE A N    1 
ATOM 1166 C CA   . ILE A 1 79 ? 13.787  2.712   -4.593  1.00 0.12  ? 79 ILE A CA   1 
ATOM 1167 C C    . ILE A 1 79 ? 14.528  2.578   -5.913  1.00 0.14  ? 79 ILE A C    1 
ATOM 1168 O O    . ILE A 1 79 ? 14.434  1.557   -6.594  1.00 0.14  ? 79 ILE A O    1 
ATOM 1169 C CB   . ILE A 1 79 ? 14.303  1.686   -3.591  1.00 0.16  ? 79 ILE A CB   1 
ATOM 1170 C CG1  . ILE A 1 79 ? 13.438  1.762   -2.334  1.00 0.18  ? 79 ILE A CG1  1 
ATOM 1171 C CG2  . ILE A 1 79 ? 15.758  1.996   -3.236  1.00 0.20  ? 79 ILE A CG2  1 
ATOM 1172 C CD1  . ILE A 1 79 ? 13.842  0.657   -1.357  1.00 0.26  ? 79 ILE A CD1  1 
ATOM 1173 H H    . ILE A 1 79 ? 11.995  1.618   -4.820  1.00 0.11  ? 79 ILE A H    1 
ATOM 1174 H HA   . ILE A 1 79 ? 13.959  3.700   -4.195  1.00 0.13  ? 79 ILE A HA   1 
ATOM 1175 H HB   . ILE A 1 79 ? 14.236  0.696   -4.018  1.00 0.17  ? 79 ILE A HB   1 
ATOM 1176 H HG12 . ILE A 1 79 ? 13.570  2.724   -1.864  1.00 0.17  ? 79 ILE A HG12 1 
ATOM 1177 H HG13 . ILE A 1 79 ? 12.402  1.636   -2.606  1.00 0.17  ? 79 ILE A HG13 1 
ATOM 1178 H HG21 . ILE A 1 79 ? 15.805  2.925   -2.687  1.00 1.02  ? 79 ILE A HG21 1 
ATOM 1179 H HG22 . ILE A 1 79 ? 16.338  2.083   -4.142  1.00 0.98  ? 79 ILE A HG22 1 
ATOM 1180 H HG23 . ILE A 1 79 ? 16.158  1.198   -2.628  1.00 1.08  ? 79 ILE A HG23 1 
ATOM 1181 H HD11 . ILE A 1 79 ? 13.948  -0.274  -1.892  1.00 1.05  ? 79 ILE A HD11 1 
ATOM 1182 H HD12 . ILE A 1 79 ? 13.081  0.554   -0.598  1.00 1.05  ? 79 ILE A HD12 1 
ATOM 1183 H HD13 . ILE A 1 79 ? 14.782  0.916   -0.893  1.00 0.99  ? 79 ILE A HD13 1 
ATOM 1184 N N    . SER A 1 80 ? 15.261  3.624   -6.264  1.00 0.17  ? 80 SER A N    1 
ATOM 1185 C CA   . SER A 1 80 ? 16.017  3.635   -7.502  1.00 0.20  ? 80 SER A CA   1 
ATOM 1186 C C    . SER A 1 80 ? 17.361  2.942   -7.313  1.00 0.23  ? 80 SER A C    1 
ATOM 1187 O O    . SER A 1 80 ? 17.758  2.630   -6.191  1.00 0.23  ? 80 SER A O    1 
ATOM 1188 C CB   . SER A 1 80 ? 16.237  5.076   -7.950  1.00 0.24  ? 80 SER A CB   1 
ATOM 1189 O OG   . SER A 1 80 ? 17.103  5.727   -7.031  1.00 0.28  ? 80 SER A OG   1 
ATOM 1190 H H    . SER A 1 80 ? 15.288  4.408   -5.679  1.00 0.18  ? 80 SER A H    1 
ATOM 1191 H HA   . SER A 1 80 ? 15.455  3.114   -8.263  1.00 0.21  ? 80 SER A HA   1 
ATOM 1192 H HB2  . SER A 1 80 ? 16.683  5.085   -8.924  1.00 0.28  ? 80 SER A HB2  1 
ATOM 1193 H HB3  . SER A 1 80 ? 15.284  5.590   -7.988  1.00 0.25  ? 80 SER A HB3  1 
ATOM 1194 H HG   . SER A 1 80 ? 17.960  5.300   -7.077  1.00 0.89  ? 80 SER A HG   1 
ATOM 1195 N N    . GLU A 1 81 ? 18.051  2.700   -8.419  1.00 0.26  ? 81 GLU A N    1 
ATOM 1196 C CA   . GLU A 1 81 ? 19.347  2.034   -8.370  1.00 0.29  ? 81 GLU A CA   1 
ATOM 1197 C C    . GLU A 1 81 ? 20.341  2.832   -7.528  1.00 0.31  ? 81 GLU A C    1 
ATOM 1198 O O    . GLU A 1 81 ? 21.394  2.321   -7.149  1.00 0.33  ? 81 GLU A O    1 
ATOM 1199 C CB   . GLU A 1 81 ? 19.893  1.864   -9.788  1.00 0.34  ? 81 GLU A CB   1 
ATOM 1200 C CG   . GLU A 1 81 ? 18.953  0.959   -10.588 1.00 0.37  ? 81 GLU A CG   1 
ATOM 1201 C CD   . GLU A 1 81 ? 19.293  1.033   -12.072 1.00 0.80  ? 81 GLU A CD   1 
ATOM 1202 O OE1  . GLU A 1 81 ? 19.921  2.000   -12.467 1.00 1.60  ? 81 GLU A OE1  1 
ATOM 1203 O OE2  . GLU A 1 81 ? 18.918  0.121   -12.790 1.00 1.40  ? 81 GLU A OE2  1 
ATOM 1204 H H    . GLU A 1 81 ? 17.681  2.967   -9.285  1.00 0.28  ? 81 GLU A H    1 
ATOM 1205 H HA   . GLU A 1 81 ? 19.221  1.059   -7.928  1.00 0.30  ? 81 GLU A HA   1 
ATOM 1206 H HB2  . GLU A 1 81 ? 19.958  2.830   -10.266 1.00 0.36  ? 81 GLU A HB2  1 
ATOM 1207 H HB3  . GLU A 1 81 ? 20.874  1.414   -9.745  1.00 0.36  ? 81 GLU A HB3  1 
ATOM 1208 H HG2  . GLU A 1 81 ? 19.060  -0.060  -10.245 1.00 0.65  ? 81 GLU A HG2  1 
ATOM 1209 H HG3  . GLU A 1 81 ? 17.933  1.281   -10.438 1.00 0.72  ? 81 GLU A HG3  1 
ATOM 1210 N N    . ASP A 1 82 ? 20.003  4.086   -7.241  1.00 0.30  ? 82 ASP A N    1 
ATOM 1211 C CA   . ASP A 1 82 ? 20.885  4.935   -6.446  1.00 0.33  ? 82 ASP A CA   1 
ATOM 1212 C C    . ASP A 1 82 ? 20.471  4.921   -4.977  1.00 0.32  ? 82 ASP A C    1 
ATOM 1213 O O    . ASP A 1 82 ? 21.141  5.511   -4.129  1.00 0.36  ? 82 ASP A O    1 
ATOM 1214 C CB   . ASP A 1 82 ? 20.848  6.370   -6.975  1.00 0.36  ? 82 ASP A CB   1 
ATOM 1215 C CG   . ASP A 1 82 ? 19.457  6.963   -6.787  1.00 0.45  ? 82 ASP A CG   1 
ATOM 1216 O OD1  . ASP A 1 82 ? 18.617  6.283   -6.222  1.00 1.16  ? 82 ASP A OD1  1 
ATOM 1217 O OD2  . ASP A 1 82 ? 19.252  8.088   -7.209  1.00 1.18  ? 82 ASP A OD2  1 
ATOM 1218 H H    . ASP A 1 82 ? 19.154  4.447   -7.571  1.00 0.29  ? 82 ASP A H    1 
ATOM 1219 H HA   . ASP A 1 82 ? 21.894  4.561   -6.526  1.00 0.37  ? 82 ASP A HA   1 
ATOM 1220 H HB2  . ASP A 1 82 ? 21.570  6.968   -6.437  1.00 0.41  ? 82 ASP A HB2  1 
ATOM 1221 H HB3  . ASP A 1 82 ? 21.097  6.370   -8.027  1.00 0.38  ? 82 ASP A HB3  1 
ATOM 1222 N N    . GLY A 1 83 ? 19.368  4.242   -4.680  1.00 0.29  ? 83 GLY A N    1 
ATOM 1223 C CA   . GLY A 1 83 ? 18.881  4.158   -3.308  1.00 0.30  ? 83 GLY A CA   1 
ATOM 1224 C C    . GLY A 1 83 ? 17.962  5.327   -2.973  1.00 0.27  ? 83 GLY A C    1 
ATOM 1225 O O    . GLY A 1 83 ? 17.652  5.571   -1.806  1.00 0.29  ? 83 GLY A O    1 
ATOM 1226 H H    . GLY A 1 83 ? 18.873  3.789   -5.396  1.00 0.27  ? 83 GLY A H    1 
ATOM 1227 H HA2  . GLY A 1 83 ? 18.343  3.230   -3.178  1.00 0.30  ? 83 GLY A HA2  1 
ATOM 1228 H HA3  . GLY A 1 83 ? 19.725  4.169   -2.635  1.00 0.34  ? 83 GLY A HA3  1 
ATOM 1229 N N    . GLU A 1 84 ? 17.524  6.046   -4.000  1.00 0.25  ? 84 GLU A N    1 
ATOM 1230 C CA   . GLU A 1 84 ? 16.634  7.183   -3.798  1.00 0.24  ? 84 GLU A CA   1 
ATOM 1231 C C    . GLU A 1 84 ? 15.184  6.718   -3.714  1.00 0.20  ? 84 GLU A C    1 
ATOM 1232 O O    . GLU A 1 84 ? 14.761  5.842   -4.469  1.00 0.21  ? 84 GLU A O    1 
ATOM 1233 C CB   . GLU A 1 84 ? 16.788  8.182   -4.946  1.00 0.26  ? 84 GLU A CB   1 
ATOM 1234 C CG   . GLU A 1 84 ? 18.099  8.953   -4.778  1.00 0.33  ? 84 GLU A CG   1 
ATOM 1235 C CD   . GLU A 1 84 ? 18.065  9.768   -3.491  1.00 0.38  ? 84 GLU A CD   1 
ATOM 1236 O OE1  . GLU A 1 84 ? 16.977  10.087  -3.042  1.00 1.22  ? 84 GLU A OE1  1 
ATOM 1237 O OE2  . GLU A 1 84 ? 19.129  10.062  -2.970  1.00 1.07  ? 84 GLU A OE2  1 
ATOM 1238 H H    . GLU A 1 84 ? 17.794  5.801   -4.910  1.00 0.25  ? 84 GLU A H    1 
ATOM 1239 H HA   . GLU A 1 84 ? 16.898  7.673   -2.873  1.00 0.27  ? 84 GLU A HA   1 
ATOM 1240 H HB2  . GLU A 1 84 ? 16.797  7.652   -5.886  1.00 0.26  ? 84 GLU A HB2  1 
ATOM 1241 H HB3  . GLU A 1 84 ? 15.960  8.877   -4.932  1.00 0.27  ? 84 GLU A HB3  1 
ATOM 1242 H HG2  . GLU A 1 84 ? 18.922  8.254   -4.738  1.00 0.36  ? 84 GLU A HG2  1 
ATOM 1243 H HG3  . GLU A 1 84 ? 18.234  9.618   -5.618  1.00 0.36  ? 84 GLU A HG3  1 
ATOM 1244 N N    . GLN A 1 85 ? 14.425  7.306   -2.796  1.00 0.19  ? 85 GLN A N    1 
ATOM 1245 C CA   . GLN A 1 85 ? 13.024  6.938   -2.633  1.00 0.16  ? 85 GLN A CA   1 
ATOM 1246 C C    . GLN A 1 85 ? 12.116  8.035   -3.178  1.00 0.16  ? 85 GLN A C    1 
ATOM 1247 O O    . GLN A 1 85 ? 12.392  9.224   -3.009  1.00 0.21  ? 85 GLN A O    1 
ATOM 1248 C CB   . GLN A 1 85 ? 12.711  6.701   -1.155  1.00 0.19  ? 85 GLN A CB   1 
ATOM 1249 C CG   . GLN A 1 85 ? 13.266  5.340   -0.731  1.00 0.21  ? 85 GLN A CG   1 
ATOM 1250 C CD   . GLN A 1 85 ? 12.978  5.100   0.746   1.00 0.45  ? 85 GLN A CD   1 
ATOM 1251 O OE1  . GLN A 1 85 ? 13.450  5.849   1.602   1.00 0.98  ? 85 GLN A OE1  1 
ATOM 1252 N NE2  . GLN A 1 85 ? 12.229  4.091   1.101   1.00 0.97  ? 85 GLN A NE2  1 
ATOM 1253 H H    . GLN A 1 85 ? 14.812  8.000   -2.222  1.00 0.21  ? 85 GLN A H    1 
ATOM 1254 H HA   . GLN A 1 85 ? 12.836  6.026   -3.180  1.00 0.15  ? 85 GLN A HA   1 
ATOM 1255 H HB2  . GLN A 1 85 ? 13.168  7.478   -0.561  1.00 0.23  ? 85 GLN A HB2  1 
ATOM 1256 H HB3  . GLN A 1 85 ? 11.642  6.714   -1.008  1.00 0.18  ? 85 GLN A HB3  1 
ATOM 1257 H HG2  . GLN A 1 85 ? 12.799  4.564   -1.321  1.00 0.35  ? 85 GLN A HG2  1 
ATOM 1258 H HG3  . GLN A 1 85 ? 14.332  5.322   -0.896  1.00 0.31  ? 85 GLN A HG3  1 
ATOM 1259 H HE21 . GLN A 1 85 ? 11.856  3.494   0.419   1.00 1.44  ? 85 GLN A HE21 1 
ATOM 1260 H HE22 . GLN A 1 85 ? 12.041  3.931   2.049   1.00 1.12  ? 85 GLN A HE22 1 
ATOM 1261 N N    . SER A 1 86 ? 11.031  7.630   -3.827  1.00 0.15  ? 86 SER A N    1 
ATOM 1262 C CA   . SER A 1 86 ? 10.085  8.586   -4.391  1.00 0.19  ? 86 SER A CA   1 
ATOM 1263 C C    . SER A 1 86 ? 8.655   8.150   -4.106  1.00 0.15  ? 86 SER A C    1 
ATOM 1264 O O    . SER A 1 86 ? 8.272   7.017   -4.401  1.00 0.14  ? 86 SER A O    1 
ATOM 1265 C CB   . SER A 1 86 ? 10.289  8.701   -5.899  1.00 0.25  ? 86 SER A CB   1 
ATOM 1266 O OG   . SER A 1 86 ? 9.662   9.888   -6.368  1.00 0.83  ? 86 SER A OG   1 
ATOM 1267 H H    . SER A 1 86 ? 10.861  6.670   -3.929  1.00 0.14  ? 86 SER A H    1 
ATOM 1268 H HA   . SER A 1 86 ? 10.254  9.553   -3.940  1.00 0.22  ? 86 SER A HA   1 
ATOM 1269 H HB2  . SER A 1 86 ? 11.339  8.745   -6.118  1.00 0.52  ? 86 SER A HB2  1 
ATOM 1270 H HB3  . SER A 1 86 ? 9.856   7.837   -6.387  1.00 0.43  ? 86 SER A HB3  1 
ATOM 1271 H HG   . SER A 1 86 ? 8.722   9.711   -6.464  1.00 1.39  ? 86 SER A HG   1 
ATOM 1272 N N    . LEU A 1 87 ? 7.869   9.049   -3.530  1.00 0.16  ? 87 LEU A N    1 
ATOM 1273 C CA   . LEU A 1 87 ? 6.485   8.733   -3.212  1.00 0.14  ? 87 LEU A CA   1 
ATOM 1274 C C    . LEU A 1 87 ? 5.668   8.568   -4.487  1.00 0.15  ? 87 LEU A C    1 
ATOM 1275 O O    . LEU A 1 87 ? 5.521   9.507   -5.270  1.00 0.18  ? 87 LEU A O    1 
ATOM 1276 C CB   . LEU A 1 87 ? 5.874   9.842   -2.353  1.00 0.17  ? 87 LEU A CB   1 
ATOM 1277 C CG   . LEU A 1 87 ? 4.449   9.453   -1.958  1.00 0.18  ? 87 LEU A CG   1 
ATOM 1278 C CD1  . LEU A 1 87 ? 4.492   8.356   -0.893  1.00 0.25  ? 87 LEU A CD1  1 
ATOM 1279 C CD2  . LEU A 1 87 ? 3.726   10.679  -1.396  1.00 0.26  ? 87 LEU A CD2  1 
ATOM 1280 H H    . LEU A 1 87 ? 8.225   9.936   -3.314  1.00 0.18  ? 87 LEU A H    1 
ATOM 1281 H HA   . LEU A 1 87 ? 6.459   7.809   -2.657  1.00 0.13  ? 87 LEU A HA   1 
ATOM 1282 H HB2  . LEU A 1 87 ? 6.472   9.980   -1.463  1.00 0.20  ? 87 LEU A HB2  1 
ATOM 1283 H HB3  . LEU A 1 87 ? 5.849   10.761  -2.918  1.00 0.19  ? 87 LEU A HB3  1 
ATOM 1284 H HG   . LEU A 1 87 ? 3.921   9.091   -2.828  1.00 0.22  ? 87 LEU A HG   1 
ATOM 1285 H HD11 . LEU A 1 87 ? 5.469   8.336   -0.436  1.00 1.03  ? 87 LEU A HD11 1 
ATOM 1286 H HD12 . LEU A 1 87 ? 4.290   7.400   -1.354  1.00 1.05  ? 87 LEU A HD12 1 
ATOM 1287 H HD13 . LEU A 1 87 ? 3.746   8.556   -0.139  1.00 1.06  ? 87 LEU A HD13 1 
ATOM 1288 H HD21 . LEU A 1 87 ? 4.437   11.315  -0.889  1.00 1.03  ? 87 LEU A HD21 1 
ATOM 1289 H HD22 . LEU A 1 87 ? 2.965   10.362  -0.699  1.00 1.05  ? 87 LEU A HD22 1 
ATOM 1290 H HD23 . LEU A 1 87 ? 3.268   11.229  -2.205  1.00 1.08  ? 87 LEU A HD23 1 
ATOM 1291 N N    . ILE A 1 88 ? 5.141   7.365   -4.693  1.00 0.14  ? 88 ILE A N    1 
ATOM 1292 C CA   . ILE A 1 88 ? 4.347   7.089   -5.882  1.00 0.17  ? 88 ILE A CA   1 
ATOM 1293 C C    . ILE A 1 88 ? 2.874   6.925   -5.521  1.00 0.17  ? 88 ILE A C    1 
ATOM 1294 O O    . ILE A 1 88 ? 1.998   7.082   -6.373  1.00 0.20  ? 88 ILE A O    1 
ATOM 1295 C CB   . ILE A 1 88 ? 4.846   5.812   -6.560  1.00 0.20  ? 88 ILE A CB   1 
ATOM 1296 C CG1  . ILE A 1 88 ? 4.646   4.623   -5.617  1.00 0.21  ? 88 ILE A CG1  1 
ATOM 1297 C CG2  . ILE A 1 88 ? 6.334   5.954   -6.887  1.00 0.21  ? 88 ILE A CG2  1 
ATOM 1298 C CD1  . ILE A 1 88 ? 5.014   3.328   -6.342  1.00 0.30  ? 88 ILE A CD1  1 
ATOM 1299 H H    . ILE A 1 88 ? 5.297   6.653   -4.039  1.00 0.13  ? 88 ILE A H    1 
ATOM 1300 H HA   . ILE A 1 88 ? 4.447   7.911   -6.572  1.00 0.20  ? 88 ILE A HA   1 
ATOM 1301 H HB   . ILE A 1 88 ? 4.292   5.647   -7.471  1.00 0.25  ? 88 ILE A HB   1 
ATOM 1302 H HG12 . ILE A 1 88 ? 5.277   4.742   -4.749  1.00 0.20  ? 88 ILE A HG12 1 
ATOM 1303 H HG13 . ILE A 1 88 ? 3.613   4.578   -5.307  1.00 0.25  ? 88 ILE A HG13 1 
ATOM 1304 H HG21 . ILE A 1 88 ? 6.861   5.071   -6.559  1.00 0.99  ? 88 ILE A HG21 1 
ATOM 1305 H HG22 . ILE A 1 88 ? 6.733   6.820   -6.381  1.00 1.06  ? 88 ILE A HG22 1 
ATOM 1306 H HG23 . ILE A 1 88 ? 6.458   6.070   -7.954  1.00 1.01  ? 88 ILE A HG23 1 
ATOM 1307 H HD11 . ILE A 1 88 ? 4.889   3.463   -7.406  1.00 1.06  ? 88 ILE A HD11 1 
ATOM 1308 H HD12 . ILE A 1 88 ? 4.371   2.529   -6.003  1.00 1.05  ? 88 ILE A HD12 1 
ATOM 1309 H HD13 . ILE A 1 88 ? 6.043   3.076   -6.130  1.00 1.08  ? 88 ILE A HD13 1 
ATOM 1310 N N    . LEU A 1 89 ? 2.601   6.606   -4.258  1.00 0.15  ? 89 LEU A N    1 
ATOM 1311 C CA   . LEU A 1 89 ? 1.221   6.424   -3.821  1.00 0.17  ? 89 LEU A CA   1 
ATOM 1312 C C    . LEU A 1 89 ? 1.079   6.628   -2.316  1.00 0.15  ? 89 LEU A C    1 
ATOM 1313 O O    . LEU A 1 89 ? 1.764   5.983   -1.522  1.00 0.16  ? 89 LEU A O    1 
ATOM 1314 C CB   . LEU A 1 89 ? 0.734   5.022   -4.186  1.00 0.20  ? 89 LEU A CB   1 
ATOM 1315 C CG   . LEU A 1 89 ? -0.746  4.895   -3.821  1.00 0.25  ? 89 LEU A CG   1 
ATOM 1316 C CD1  . LEU A 1 89 ? -1.592  5.644   -4.853  1.00 0.31  ? 89 LEU A CD1  1 
ATOM 1317 C CD2  . LEU A 1 89 ? -1.147  3.419   -3.809  1.00 0.29  ? 89 LEU A CD2  1 
ATOM 1318 H H    . LEU A 1 89 ? 3.334   6.483   -3.621  1.00 0.14  ? 89 LEU A H    1 
ATOM 1319 H HA   . LEU A 1 89 ? 0.599   7.145   -4.328  1.00 0.18  ? 89 LEU A HA   1 
ATOM 1320 H HB2  . LEU A 1 89 ? 0.861   4.860   -5.247  1.00 0.21  ? 89 LEU A HB2  1 
ATOM 1321 H HB3  . LEU A 1 89 ? 1.303   4.287   -3.637  1.00 0.20  ? 89 LEU A HB3  1 
ATOM 1322 H HG   . LEU A 1 89 ? -0.911  5.324   -2.843  1.00 0.26  ? 89 LEU A HG   1 
ATOM 1323 H HD11 . LEU A 1 89 ? -1.943  4.951   -5.602  1.00 1.06  ? 89 LEU A HD11 1 
ATOM 1324 H HD12 . LEU A 1 89 ? -0.992  6.410   -5.323  1.00 1.02  ? 89 LEU A HD12 1 
ATOM 1325 H HD13 . LEU A 1 89 ? -2.438  6.100   -4.361  1.00 1.10  ? 89 LEU A HD13 1 
ATOM 1326 H HD21 . LEU A 1 89 ? -1.536  3.161   -2.835  1.00 0.99  ? 89 LEU A HD21 1 
ATOM 1327 H HD22 . LEU A 1 89 ? -0.284  2.809   -4.026  1.00 1.03  ? 89 LEU A HD22 1 
ATOM 1328 H HD23 . LEU A 1 89 ? -1.908  3.247   -4.556  1.00 1.07  ? 89 LEU A HD23 1 
ATOM 1329 N N    . SER A 1 90 ? 0.170   7.521   -1.938  1.00 0.16  ? 90 SER A N    1 
ATOM 1330 C CA   . SER A 1 90 ? -0.085  7.805   -0.531  1.00 0.17  ? 90 SER A CA   1 
ATOM 1331 C C    . SER A 1 90 ? -1.589  7.800   -0.274  1.00 0.18  ? 90 SER A C    1 
ATOM 1332 O O    . SER A 1 90 ? -2.330  8.575   -0.879  1.00 0.21  ? 90 SER A O    1 
ATOM 1333 C CB   . SER A 1 90 ? 0.498   9.168   -0.157  1.00 0.20  ? 90 SER A CB   1 
ATOM 1334 O OG   . SER A 1 90 ? 0.078   9.514   1.155   1.00 0.28  ? 90 SER A OG   1 
ATOM 1335 H H    . SER A 1 90 ? -0.352  7.991   -2.621  1.00 0.18  ? 90 SER A H    1 
ATOM 1336 H HA   . SER A 1 90 ? 0.381   7.043   0.074   1.00 0.18  ? 90 SER A HA   1 
ATOM 1337 H HB2  . SER A 1 90 ? 1.574   9.121   -0.184  1.00 0.23  ? 90 SER A HB2  1 
ATOM 1338 H HB3  . SER A 1 90 ? 0.154   9.911   -0.865  1.00 0.23  ? 90 SER A HB3  1 
ATOM 1339 H HG   . SER A 1 90 ? 0.862   9.644   1.694   1.00 0.94  ? 90 SER A HG   1 
ATOM 1340 N N    . THR A 1 91 ? -2.041  6.919   0.614   1.00 0.16  ? 91 THR A N    1 
ATOM 1341 C CA   . THR A 1 91 ? -3.466  6.828   0.914   1.00 0.17  ? 91 THR A CA   1 
ATOM 1342 C C    . THR A 1 91 ? -3.692  6.265   2.313   1.00 0.15  ? 91 THR A C    1 
ATOM 1343 O O    . THR A 1 91 ? -2.881  5.494   2.821   1.00 0.17  ? 91 THR A O    1 
ATOM 1344 C CB   . THR A 1 91 ? -4.155  5.928   -0.114  1.00 0.20  ? 91 THR A CB   1 
ATOM 1345 O OG1  . THR A 1 91 ? -5.550  6.198   -0.116  1.00 0.24  ? 91 THR A OG1  1 
ATOM 1346 C CG2  . THR A 1 91 ? -3.916  4.462   0.249   1.00 0.20  ? 91 THR A CG2  1 
ATOM 1347 H H    . THR A 1 91 ? -1.412  6.316   1.064   1.00 0.17  ? 91 THR A H    1 
ATOM 1348 H HA   . THR A 1 91 ? -3.899  7.814   0.859   1.00 0.19  ? 91 THR A HA   1 
ATOM 1349 H HB   . THR A 1 91 ? -3.748  6.122   -1.094  1.00 0.22  ? 91 THR A HB   1 
ATOM 1350 H HG1  . THR A 1 91 ? -6.004  5.415   -0.440  1.00 0.97  ? 91 THR A HG1  1 
ATOM 1351 H HG21 . THR A 1 91 ? -4.087  3.843   -0.620  1.00 1.07  ? 91 THR A HG21 1 
ATOM 1352 H HG22 . THR A 1 91 ? -4.595  4.170   1.036   1.00 1.03  ? 91 THR A HG22 1 
ATOM 1353 H HG23 . THR A 1 91 ? -2.897  4.336   0.586   1.00 1.01  ? 91 THR A HG23 1 
ATOM 1354 N N    . SER A 1 92 ? -4.807  6.651   2.925   1.00 0.16  ? 92 SER A N    1 
ATOM 1355 C CA   . SER A 1 92 ? -5.140  6.176   4.263   1.00 0.15  ? 92 SER A CA   1 
ATOM 1356 C C    . SER A 1 92 ? -6.335  5.233   4.209   1.00 0.17  ? 92 SER A C    1 
ATOM 1357 O O    . SER A 1 92 ? -7.114  5.256   3.257   1.00 0.21  ? 92 SER A O    1 
ATOM 1358 C CB   . SER A 1 92 ? -5.466  7.365   5.169   1.00 0.16  ? 92 SER A CB   1 
ATOM 1359 O OG   . SER A 1 92 ? -6.758  7.861   4.845   1.00 0.23  ? 92 SER A OG   1 
ATOM 1360 H H    . SER A 1 92 ? -5.419  7.264   2.465   1.00 0.19  ? 92 SER A H    1 
ATOM 1361 H HA   . SER A 1 92 ? -4.291  5.646   4.673   1.00 0.16  ? 92 SER A HA   1 
ATOM 1362 H HB2  . SER A 1 92 ? -5.455  7.049   6.198   1.00 0.17  ? 92 SER A HB2  1 
ATOM 1363 H HB3  . SER A 1 92 ? -4.725  8.140   5.025   1.00 0.20  ? 92 SER A HB3  1 
ATOM 1364 H HG   . SER A 1 92 ? -6.770  8.074   3.908   1.00 0.89  ? 92 SER A HG   1 
ATOM 1365 N N    . GLN A 1 93 ? -6.472  4.403   5.236   1.00 0.18  ? 93 GLN A N    1 
ATOM 1366 C CA   . GLN A 1 93 ? -7.578  3.454   5.294   1.00 0.23  ? 93 GLN A CA   1 
ATOM 1367 C C    . GLN A 1 93 ? -8.031  3.246   6.730   1.00 0.19  ? 93 GLN A C    1 
ATOM 1368 O O    . GLN A 1 93 ? -7.276  3.482   7.674   1.00 0.19  ? 93 GLN A O    1 
ATOM 1369 C CB   . GLN A 1 93 ? -7.151  2.109   4.706   1.00 0.31  ? 93 GLN A CB   1 
ATOM 1370 C CG   . GLN A 1 93 ? -6.958  2.241   3.195   1.00 0.39  ? 93 GLN A CG   1 
ATOM 1371 C CD   . GLN A 1 93 ? -6.849  0.856   2.561   1.00 0.49  ? 93 GLN A CD   1 
ATOM 1372 O OE1  . GLN A 1 93 ? -6.651  0.742   1.351   1.00 0.67  ? 93 GLN A OE1  1 
ATOM 1373 N NE2  . GLN A 1 93 ? -6.965  -0.209  3.309   1.00 0.50  ? 93 GLN A NE2  1 
ATOM 1374 H H    . GLN A 1 93 ? -5.821  4.429   5.967   1.00 0.18  ? 93 GLN A H    1 
ATOM 1375 H HA   . GLN A 1 93 ? -8.405  3.840   4.719   1.00 0.27  ? 93 GLN A HA   1 
ATOM 1376 H HB2  . GLN A 1 93 ? -6.223  1.796   5.162   1.00 0.32  ? 93 GLN A HB2  1 
ATOM 1377 H HB3  . GLN A 1 93 ? -7.915  1.375   4.906   1.00 0.36  ? 93 GLN A HB3  1 
ATOM 1378 H HG2  . GLN A 1 93 ? -7.802  2.765   2.770   1.00 0.44  ? 93 GLN A HG2  1 
ATOM 1379 H HG3  . GLN A 1 93 ? -6.054  2.797   2.996   1.00 0.39  ? 93 GLN A HG3  1 
ATOM 1380 H HE21 . GLN A 1 93 ? -7.119  -0.119  4.270   1.00 0.54  ? 93 GLN A HE21 1 
ATOM 1381 H HE22 . GLN A 1 93 ? -6.899  -1.100  2.905   1.00 0.56  ? 93 GLN A HE22 1 
ATOM 1382 N N    . THR A 1 94 ? -9.267  2.793   6.885   1.00 0.22  ? 94 THR A N    1 
ATOM 1383 C CA   . THR A 1 94 ? -9.818  2.543   8.207   1.00 0.21  ? 94 THR A CA   1 
ATOM 1384 C C    . THR A 1 94 ? -10.264 1.089   8.321   1.00 0.23  ? 94 THR A C    1 
ATOM 1385 O O    . THR A 1 94 ? -11.300 0.703   7.778   1.00 0.29  ? 94 THR A O    1 
ATOM 1386 C CB   . THR A 1 94 ? -11.007 3.473   8.453   1.00 0.28  ? 94 THR A CB   1 
ATOM 1387 O OG1  . THR A 1 94 ? -10.887 4.620   7.623   1.00 0.64  ? 94 THR A OG1  1 
ATOM 1388 C CG2  . THR A 1 94 ? -11.027 3.904   9.921   1.00 0.47  ? 94 THR A CG2  1 
ATOM 1389 H H    . THR A 1 94 ? -9.818  2.618   6.094   1.00 0.26  ? 94 THR A H    1 
ATOM 1390 H HA   . THR A 1 94 ? -9.060  2.738   8.949   1.00 0.21  ? 94 THR A HA   1 
ATOM 1391 H HB   . THR A 1 94 ? -11.923 2.955   8.221   1.00 0.59  ? 94 THR A HB   1 
ATOM 1392 H HG1  . THR A 1 94 ? -11.321 4.428   6.789   1.00 1.02  ? 94 THR A HG1  1 
ATOM 1393 H HG21 . THR A 1 94 ? -10.325 3.303   10.481  1.00 1.08  ? 94 THR A HG21 1 
ATOM 1394 H HG22 . THR A 1 94 ? -12.020 3.767   10.323  1.00 1.17  ? 94 THR A HG22 1 
ATOM 1395 H HG23 . THR A 1 94 ? -10.748 4.944   9.993   1.00 1.14  ? 94 THR A HG23 1 
ATOM 1396 N N    . THR A 1 95 ? -9.472  0.287   9.024   1.00 0.25  ? 95 THR A N    1 
ATOM 1397 C CA   . THR A 1 95 ? -9.793  -1.125  9.195   1.00 0.31  ? 95 THR A CA   1 
ATOM 1398 C C    . THR A 1 95 ? -11.251 -1.298  9.610   1.00 0.39  ? 95 THR A C    1 
ATOM 1399 O O    . THR A 1 95 ? -11.716 -0.499  10.406  1.00 1.26  ? 95 THR A O    1 
ATOM 1400 C CB   . THR A 1 95 ? -8.878  -1.744  10.253  1.00 0.35  ? 95 THR A CB   1 
ATOM 1401 O OG1  . THR A 1 95 ? -9.053  -1.059  11.486  1.00 0.46  ? 95 THR A OG1  1 
ATOM 1402 C CG2  . THR A 1 95 ? -7.422  -1.628  9.802   1.00 0.33  ? 95 THR A CG2  1 
ATOM 1403 O OXT  . THR A 1 95 ? -11.878 -2.224  9.128   1.00 1.02  ? 95 THR A OXT  1 
ATOM 1404 H H    . THR A 1 95 ? -8.657  0.648   9.429   1.00 0.27  ? 95 THR A H    1 
ATOM 1405 H HA   . THR A 1 95 ? -9.633  -1.636  8.255   1.00 0.33  ? 95 THR A HA   1 
ATOM 1406 H HB   . THR A 1 95 ? -9.129  -2.786  10.381  1.00 0.42  ? 95 THR A HB   1 
ATOM 1407 H HG1  . THR A 1 95 ? -9.025  -0.115  11.308  1.00 0.94  ? 95 THR A HG1  1 
ATOM 1408 H HG21 . THR A 1 95 ? -6.783  -1.547  10.669  1.00 1.08  ? 95 THR A HG21 1 
ATOM 1409 H HG22 . THR A 1 95 ? -7.304  -0.749  9.186   1.00 1.08  ? 95 THR A HG22 1 
ATOM 1410 H HG23 . THR A 1 95 ? -7.149  -2.504  9.235   1.00 1.05  ? 95 THR A HG23 1 
# 
